data_9HBT
#
_entry.id   9HBT
#
_cell.length_a   1.00
_cell.length_b   1.00
_cell.length_c   1.00
_cell.angle_alpha   90.00
_cell.angle_beta   90.00
_cell.angle_gamma   90.00
#
_symmetry.space_group_name_H-M   'P 1'
#
loop_
_entity.id
_entity.type
_entity.pdbx_description
1 polymer 'Tilapia Lake Virus nucleoprotein (segment 4)'
2 polymer '40-mer vRNA loop'
#
loop_
_entity_poly.entity_id
_entity_poly.type
_entity_poly.pdbx_seq_one_letter_code
_entity_poly.pdbx_strand_id
1 'polypeptide(L)'
;MVRTTKTSMAAASTVAPEVAMDEGSPSTSQAQVELPRNLEVFNEACGHVFGSSFNREDNSVISDAAAFLFKMHTHSLDGQ
EAKVLRASEKKRERENAKKSRKAPEAGMRVGRSLILTSRWTEYCATCVPALGSKMKVIKASGDAAMIQMMKDHNSLLRVC
VRIEVWKARYVSLVALDERIQTLEDAQWFPYLSGDSYRACPGLVGGYFAKKAAAGERGKNYKKLNQTAIIPPPRFLIIGH
RLQIGDQVTLRELLASIAWGLCDGVLAECWSPSQGDGSIGVVVGLPLQATGSCFLVVASHGLSAIADSRIEGTGNTNLLE
ECIAIQKQDGVIKCKRSGKSLYHCLKETAGAVGR
;
A,B,C,D,E
2 'polyribonucleotide'
;(P5P)(Y5P)(P5P)(P5P)(P5P)(P5P)(P5P)(Y5P)(Y5P)(Y5P)(P5P)(Y5P)GCAAAUCUUUCUCACGUCCU
GACUUGUGAGUAAAAUUUGG
;
O,P,Q,R,S
#
# COMPACT_ATOMS: atom_id res chain seq x y z
N GLU A 34 24.69 26.87 -39.14
CA GLU A 34 24.21 25.76 -39.93
C GLU A 34 23.58 24.69 -39.03
N LEU A 35 24.19 24.45 -37.88
CA LEU A 35 23.72 23.46 -36.93
C LEU A 35 23.64 24.09 -35.53
N PRO A 36 22.69 23.66 -34.71
CA PRO A 36 22.65 24.15 -33.33
C PRO A 36 23.90 23.73 -32.55
N ARG A 37 23.99 24.26 -31.34
CA ARG A 37 25.17 23.98 -30.51
C ARG A 37 25.28 22.50 -30.17
N ASN A 38 24.16 21.88 -29.80
CA ASN A 38 24.19 20.48 -29.36
C ASN A 38 24.69 19.57 -30.47
N LEU A 39 24.09 19.68 -31.66
CA LEU A 39 24.45 18.80 -32.76
C LEU A 39 25.89 19.03 -33.20
N GLU A 40 26.31 20.30 -33.26
CA GLU A 40 27.70 20.59 -33.63
C GLU A 40 28.67 20.00 -32.61
N VAL A 41 28.36 20.13 -31.32
CA VAL A 41 29.23 19.57 -30.29
C VAL A 41 29.31 18.06 -30.44
N PHE A 42 28.17 17.41 -30.66
CA PHE A 42 28.18 15.95 -30.81
C PHE A 42 29.00 15.54 -32.03
N ASN A 43 28.83 16.25 -33.15
CA ASN A 43 29.58 15.91 -34.36
C ASN A 43 31.07 16.07 -34.12
N GLU A 44 31.48 17.18 -33.50
CA GLU A 44 32.90 17.41 -33.24
C GLU A 44 33.46 16.33 -32.33
N ALA A 45 32.73 16.00 -31.25
CA ALA A 45 33.22 15.00 -30.31
C ALA A 45 33.38 13.65 -30.97
N CYS A 46 32.36 13.21 -31.72
CA CYS A 46 32.43 11.90 -32.35
C CYS A 46 33.55 11.85 -33.38
N GLY A 47 33.67 12.91 -34.19
CA GLY A 47 34.75 12.94 -35.17
C GLY A 47 36.12 12.89 -34.52
N HIS A 48 36.30 13.65 -33.44
CA HIS A 48 37.60 13.67 -32.76
C HIS A 48 37.93 12.31 -32.15
N VAL A 49 36.95 11.70 -31.47
CA VAL A 49 37.23 10.45 -30.78
C VAL A 49 37.45 9.31 -31.76
N PHE A 50 36.62 9.22 -32.79
CA PHE A 50 36.65 8.10 -33.72
C PHE A 50 37.24 8.45 -35.08
N GLY A 51 37.65 9.70 -35.29
CA GLY A 51 38.27 10.06 -36.55
C GLY A 51 37.36 9.80 -37.73
N SER A 52 37.93 9.23 -38.79
CA SER A 52 37.19 8.92 -40.00
C SER A 52 36.41 7.62 -39.92
N SER A 53 36.67 6.80 -38.88
CA SER A 53 35.94 5.55 -38.73
C SER A 53 34.48 5.77 -38.36
N PHE A 54 34.09 6.98 -38.01
CA PHE A 54 32.72 7.29 -37.61
C PHE A 54 31.89 7.56 -38.85
N ASN A 55 31.17 6.54 -39.32
CA ASN A 55 30.26 6.74 -40.43
C ASN A 55 29.12 7.65 -40.00
N ARG A 56 28.70 8.54 -40.89
CA ARG A 56 27.70 9.55 -40.59
C ARG A 56 26.32 9.21 -41.15
N GLU A 57 26.09 7.96 -41.57
CA GLU A 57 24.80 7.59 -42.12
C GLU A 57 24.31 6.22 -41.68
N ASP A 58 24.96 5.59 -40.70
CA ASP A 58 24.56 4.28 -40.21
C ASP A 58 24.02 4.42 -38.80
N ASN A 59 22.78 3.97 -38.58
CA ASN A 59 22.14 4.12 -37.28
C ASN A 59 22.90 3.35 -36.20
N SER A 60 23.31 2.12 -36.49
CA SER A 60 24.01 1.32 -35.50
C SER A 60 25.34 1.98 -35.10
N VAL A 61 26.08 2.49 -36.09
CA VAL A 61 27.37 3.13 -35.79
C VAL A 61 27.16 4.34 -34.91
N ILE A 62 26.16 5.17 -35.24
CA ILE A 62 25.91 6.38 -34.46
C ILE A 62 25.48 6.02 -33.05
N SER A 63 24.62 5.02 -32.91
CA SER A 63 24.17 4.62 -31.58
C SER A 63 25.34 4.09 -30.74
N ASP A 64 26.21 3.28 -31.33
CA ASP A 64 27.36 2.77 -30.59
C ASP A 64 28.31 3.89 -30.20
N ALA A 65 28.57 4.82 -31.11
CA ALA A 65 29.44 5.95 -30.79
C ALA A 65 28.83 6.80 -29.68
N ALA A 66 27.53 7.05 -29.74
CA ALA A 66 26.87 7.83 -28.70
C ALA A 66 26.95 7.12 -27.36
N ALA A 67 26.76 5.80 -27.35
CA ALA A 67 26.88 5.06 -26.09
C ALA A 67 28.29 5.16 -25.53
N PHE A 68 29.31 5.04 -26.38
CA PHE A 68 30.68 5.15 -25.90
C PHE A 68 30.95 6.54 -25.35
N LEU A 69 30.51 7.58 -26.05
CA LEU A 69 30.72 8.94 -25.55
C LEU A 69 29.98 9.17 -24.25
N PHE A 70 28.77 8.62 -24.12
CA PHE A 70 28.03 8.75 -22.87
C PHE A 70 28.76 8.07 -21.72
N LYS A 71 29.33 6.90 -21.97
CA LYS A 71 30.12 6.24 -20.95
C LYS A 71 31.35 7.08 -20.58
N MET A 72 31.99 7.68 -21.57
CA MET A 72 33.16 8.51 -21.31
C MET A 72 32.80 9.72 -20.46
N HIS A 73 31.69 10.39 -20.79
CA HIS A 73 31.32 11.63 -20.12
C HIS A 73 30.63 11.40 -18.78
N THR A 74 30.29 10.15 -18.44
CA THR A 74 29.83 9.80 -17.11
C THR A 74 30.90 9.09 -16.30
N HIS A 75 32.14 9.07 -16.80
CA HIS A 75 33.26 8.42 -16.11
C HIS A 75 32.96 6.96 -15.84
N SER A 76 32.34 6.28 -16.81
CA SER A 76 32.06 4.86 -16.69
C SER A 76 33.14 4.00 -17.35
N LEU A 77 34.08 4.60 -18.08
CA LEU A 77 35.12 3.83 -18.73
C LEU A 77 36.24 3.51 -17.74
N ASP A 78 37.11 2.58 -18.15
CA ASP A 78 38.22 2.17 -17.30
C ASP A 78 39.20 3.32 -17.13
N GLY A 79 39.79 3.40 -15.95
CA GLY A 79 40.79 4.41 -15.69
C GLY A 79 40.28 5.80 -15.40
N GLN A 80 39.01 5.97 -15.05
CA GLN A 80 38.49 7.27 -14.64
C GLN A 80 38.24 7.32 -13.15
N GLU A 81 37.93 8.54 -12.70
CA GLU A 81 37.65 8.83 -11.30
C GLU A 81 36.60 7.87 -10.76
N ALA A 82 36.84 7.40 -9.54
CA ALA A 82 35.90 6.51 -8.89
C ALA A 82 34.76 7.30 -8.27
N LYS A 83 33.56 6.73 -8.30
CA LYS A 83 32.37 7.35 -7.71
C LYS A 83 32.24 6.80 -6.29
N VAL A 84 32.72 7.57 -5.31
CA VAL A 84 32.85 7.07 -3.95
C VAL A 84 32.23 8.07 -2.96
N LEU A 85 31.61 9.13 -3.47
CA LEU A 85 31.11 10.19 -2.60
C LEU A 85 30.24 9.63 -1.48
N ARG A 86 29.32 8.74 -1.83
CA ARG A 86 28.48 8.07 -0.84
C ARG A 86 28.29 6.60 -1.20
N ALA A 87 29.24 6.02 -1.93
CA ALA A 87 29.10 4.66 -2.41
C ALA A 87 29.19 3.64 -1.28
N SER A 88 28.43 2.57 -1.42
CA SER A 88 28.52 1.45 -0.48
C SER A 88 29.82 0.69 -0.72
N GLU A 89 30.25 -0.05 0.32
CA GLU A 89 31.53 -0.74 0.25
C GLU A 89 31.65 -1.60 -1.00
N LYS A 90 30.56 -2.27 -1.39
CA LYS A 90 30.57 -3.01 -2.65
C LYS A 90 30.74 -2.06 -3.83
N LYS A 91 30.01 -0.96 -3.84
CA LYS A 91 30.15 0.03 -4.90
C LYS A 91 31.54 0.65 -4.88
N ARG A 92 32.09 0.88 -3.67
CA ARG A 92 33.45 1.40 -3.58
C ARG A 92 34.45 0.41 -4.18
N GLU A 93 34.27 -0.87 -3.90
CA GLU A 93 35.15 -1.88 -4.48
C GLU A 93 35.04 -1.90 -5.99
N ARG A 94 33.82 -1.82 -6.53
CA ARG A 94 33.65 -1.83 -7.97
C ARG A 94 34.30 -0.61 -8.61
N GLU A 95 34.11 0.57 -8.01
CA GLU A 95 34.72 1.78 -8.56
C GLU A 95 36.24 1.72 -8.47
N ASN A 96 36.77 1.18 -7.37
CA ASN A 96 38.21 1.04 -7.25
C ASN A 96 38.76 0.09 -8.31
N ALA A 97 38.05 -1.01 -8.57
CA ALA A 97 38.46 -1.92 -9.63
C ALA A 97 38.44 -1.21 -10.98
N LYS A 98 37.41 -0.40 -11.24
CA LYS A 98 37.34 0.32 -12.51
C LYS A 98 38.51 1.29 -12.63
N LYS A 99 38.80 2.04 -11.57
CA LYS A 99 39.91 3.00 -11.61
C LYS A 99 41.24 2.30 -11.83
N SER A 100 41.46 1.18 -11.12
CA SER A 100 42.72 0.46 -11.27
C SER A 100 42.86 -0.09 -12.69
N ARG A 101 41.76 -0.55 -13.28
CA ARG A 101 41.82 -1.12 -14.62
C ARG A 101 42.40 -0.12 -15.61
N LYS A 102 43.26 -0.60 -16.49
CA LYS A 102 43.85 0.27 -17.51
C LYS A 102 42.75 0.84 -18.41
N ALA A 103 42.93 2.10 -18.81
CA ALA A 103 41.98 2.75 -19.68
C ALA A 103 42.05 2.14 -21.09
N PRO A 104 40.99 2.29 -21.88
CA PRO A 104 41.03 1.75 -23.25
C PRO A 104 42.20 2.32 -24.03
N GLU A 105 42.80 1.47 -24.85
CA GLU A 105 43.98 1.83 -25.63
C GLU A 105 43.60 2.20 -27.06
N ALA A 106 44.45 3.01 -27.68
CA ALA A 106 44.20 3.44 -29.05
C ALA A 106 44.16 2.24 -29.99
N GLY A 107 43.28 2.32 -30.99
CA GLY A 107 43.08 1.24 -31.92
C GLY A 107 42.13 0.16 -31.47
N MET A 108 41.61 0.26 -30.25
CA MET A 108 40.66 -0.73 -29.76
C MET A 108 39.37 -0.67 -30.55
N ARG A 109 38.80 -1.83 -30.85
CA ARG A 109 37.56 -1.91 -31.59
C ARG A 109 36.38 -1.62 -30.66
N VAL A 110 35.49 -0.74 -31.10
CA VAL A 110 34.27 -0.41 -30.37
C VAL A 110 33.09 -0.80 -31.23
N GLY A 111 32.14 -1.51 -30.64
CA GLY A 111 31.00 -1.98 -31.40
C GLY A 111 31.45 -2.86 -32.55
N ARG A 112 30.98 -2.55 -33.75
CA ARG A 112 31.31 -3.32 -34.94
C ARG A 112 32.39 -2.65 -35.79
N SER A 113 32.16 -1.40 -36.20
CA SER A 113 33.03 -0.70 -37.13
C SER A 113 33.42 0.67 -36.58
N LEU A 114 33.77 0.73 -35.30
CA LEU A 114 34.27 1.95 -34.68
C LEU A 114 35.62 1.64 -34.05
N ILE A 115 36.65 2.38 -34.45
CA ILE A 115 38.02 2.16 -34.00
C ILE A 115 38.52 3.44 -33.35
N LEU A 116 39.06 3.31 -32.15
CA LEU A 116 39.58 4.47 -31.42
C LEU A 116 40.84 4.99 -32.10
N THR A 117 40.99 6.32 -32.10
CA THR A 117 42.19 6.95 -32.61
C THR A 117 43.22 7.07 -31.48
N SER A 118 44.36 7.68 -31.80
CA SER A 118 45.40 7.90 -30.80
C SER A 118 45.20 9.17 -29.98
N ARG A 119 44.27 10.03 -30.39
CA ARG A 119 44.04 11.31 -29.74
C ARG A 119 42.90 11.28 -28.73
N TRP A 120 42.17 10.16 -28.62
CA TRP A 120 40.98 10.14 -27.78
C TRP A 120 41.30 10.47 -26.33
N THR A 121 42.51 10.13 -25.86
CA THR A 121 42.88 10.47 -24.49
C THR A 121 42.89 11.98 -24.28
N GLU A 122 43.41 12.72 -25.25
CA GLU A 122 43.43 14.18 -25.13
C GLU A 122 42.02 14.73 -25.06
N TYR A 123 41.11 14.25 -25.90
CA TYR A 123 39.74 14.72 -25.85
C TYR A 123 39.08 14.39 -24.53
N CYS A 124 39.29 13.17 -24.02
CA CYS A 124 38.71 12.80 -22.74
C CYS A 124 39.24 13.67 -21.62
N ALA A 125 40.52 14.05 -21.70
CA ALA A 125 41.10 14.90 -20.66
C ALA A 125 40.63 16.34 -20.78
N THR A 126 40.36 16.80 -21.99
CA THR A 126 40.03 18.21 -22.22
C THR A 126 38.55 18.51 -22.04
N CYS A 127 37.68 17.78 -22.74
CA CYS A 127 36.27 18.12 -22.82
C CYS A 127 35.41 17.49 -21.74
N VAL A 128 35.95 16.58 -20.94
CA VAL A 128 35.18 15.89 -19.91
C VAL A 128 35.31 16.69 -18.61
N PRO A 129 34.20 17.13 -18.01
CA PRO A 129 34.30 17.77 -16.69
C PRO A 129 34.84 16.82 -15.64
N ALA A 130 35.57 17.37 -14.69
CA ALA A 130 36.07 16.57 -13.59
C ALA A 130 34.91 16.06 -12.74
N LEU A 131 35.09 14.86 -12.18
CA LEU A 131 34.02 14.22 -11.42
C LEU A 131 33.53 15.14 -10.30
N GLY A 132 32.21 15.24 -10.18
CA GLY A 132 31.60 16.08 -9.17
C GLY A 132 31.40 17.51 -9.57
N SER A 133 31.86 17.92 -10.74
CA SER A 133 31.68 19.30 -11.18
C SER A 133 30.19 19.62 -11.32
N LYS A 134 29.83 20.84 -10.95
CA LYS A 134 28.46 21.31 -11.04
C LYS A 134 28.44 22.67 -11.71
N MET A 135 27.33 22.98 -12.38
CA MET A 135 27.23 24.24 -13.11
C MET A 135 27.35 25.43 -12.18
N LYS A 136 26.81 25.32 -10.96
CA LYS A 136 26.90 26.43 -10.01
C LYS A 136 28.35 26.74 -9.67
N VAL A 137 29.16 25.70 -9.44
CA VAL A 137 30.57 25.91 -9.09
C VAL A 137 31.29 26.60 -10.24
N ILE A 138 31.07 26.14 -11.47
CA ILE A 138 31.74 26.72 -12.62
C ILE A 138 31.31 28.17 -12.80
N LYS A 139 30.01 28.45 -12.65
CA LYS A 139 29.53 29.81 -12.75
C LYS A 139 30.17 30.71 -11.69
N ALA A 140 30.29 30.19 -10.46
CA ALA A 140 30.98 30.96 -9.42
C ALA A 140 32.43 31.22 -9.81
N SER A 141 33.08 30.24 -10.44
CA SER A 141 34.45 30.45 -10.89
C SER A 141 34.55 31.59 -11.89
N GLY A 142 33.58 31.68 -12.81
CA GLY A 142 33.55 32.75 -13.77
C GLY A 142 34.39 32.54 -15.01
N ASP A 143 34.96 31.35 -15.19
CA ASP A 143 35.77 31.06 -16.37
C ASP A 143 34.83 30.76 -17.55
N ALA A 144 34.87 31.61 -18.57
CA ALA A 144 33.96 31.45 -19.70
C ALA A 144 34.23 30.14 -20.43
N ALA A 145 35.50 29.78 -20.60
CA ALA A 145 35.82 28.53 -21.29
C ALA A 145 35.25 27.33 -20.55
N MET A 146 35.38 27.31 -19.22
CA MET A 146 34.85 26.20 -18.44
C MET A 146 33.32 26.16 -18.52
N ILE A 147 32.68 27.32 -18.48
CA ILE A 147 31.22 27.35 -18.60
C ILE A 147 30.78 26.79 -19.95
N GLN A 148 31.47 27.19 -21.02
CA GLN A 148 31.14 26.66 -22.34
C GLN A 148 31.37 25.16 -22.40
N MET A 149 32.46 24.68 -21.79
CA MET A 149 32.72 23.25 -21.78
C MET A 149 31.61 22.49 -21.04
N MET A 150 31.16 23.03 -19.91
CA MET A 150 30.09 22.37 -19.17
C MET A 150 28.79 22.37 -19.96
N LYS A 151 28.49 23.46 -20.65
CA LYS A 151 27.30 23.49 -21.51
C LYS A 151 27.41 22.45 -22.61
N ASP A 152 28.59 22.34 -23.23
CA ASP A 152 28.78 21.33 -24.26
C ASP A 152 28.61 19.93 -23.70
N HIS A 153 29.12 19.68 -22.49
CA HIS A 153 28.98 18.38 -21.86
C HIS A 153 27.51 18.05 -21.60
N ASN A 154 26.74 19.03 -21.10
CA ASN A 154 25.32 18.79 -20.87
C ASN A 154 24.58 18.50 -22.16
N SER A 155 24.85 19.28 -23.20
CA SER A 155 24.18 19.05 -24.48
C SER A 155 24.55 17.69 -25.04
N LEU A 156 25.81 17.29 -24.91
CA LEU A 156 26.23 15.98 -25.39
C LEU A 156 25.55 14.87 -24.63
N LEU A 157 25.41 15.02 -23.30
CA LEU A 157 24.69 14.01 -22.54
C LEU A 157 23.25 13.89 -23.01
N ARG A 158 22.59 15.03 -23.24
CA ARG A 158 21.20 14.97 -23.69
C ARG A 158 21.10 14.29 -25.05
N VAL A 159 21.97 14.65 -25.99
CA VAL A 159 21.91 14.06 -27.32
C VAL A 159 22.18 12.55 -27.25
N CYS A 160 23.20 12.15 -26.49
CA CYS A 160 23.52 10.74 -26.40
C CYS A 160 22.40 9.96 -25.73
N VAL A 161 21.71 10.55 -24.75
CA VAL A 161 20.61 9.85 -24.11
C VAL A 161 19.42 9.73 -25.06
N ARG A 162 19.16 10.75 -25.87
CA ARG A 162 18.12 10.62 -26.87
C ARG A 162 18.44 9.50 -27.85
N ILE A 163 19.69 9.43 -28.30
CA ILE A 163 20.09 8.37 -29.21
C ILE A 163 19.99 7.01 -28.53
N GLU A 164 20.34 6.94 -27.25
CA GLU A 164 20.23 5.69 -26.51
C GLU A 164 18.79 5.22 -26.42
N VAL A 165 17.86 6.15 -26.15
CA VAL A 165 16.45 5.79 -26.08
C VAL A 165 15.96 5.29 -27.44
N TRP A 166 16.36 5.98 -28.51
CA TRP A 166 15.93 5.54 -29.83
C TRP A 166 16.49 4.16 -30.15
N LYS A 167 17.73 3.89 -29.76
CA LYS A 167 18.29 2.57 -30.01
C LYS A 167 17.58 1.50 -29.18
N ALA A 168 17.20 1.84 -27.95
CA ALA A 168 16.42 0.90 -27.14
C ALA A 168 15.11 0.56 -27.83
N ARG A 169 14.44 1.58 -28.38
CA ARG A 169 13.20 1.31 -29.12
C ARG A 169 13.47 0.44 -30.35
N TYR A 170 14.54 0.75 -31.09
CA TYR A 170 14.85 -0.01 -32.29
C TYR A 170 15.12 -1.47 -31.95
N VAL A 171 15.83 -1.72 -30.86
CA VAL A 171 16.10 -3.10 -30.45
C VAL A 171 14.81 -3.78 -30.00
N SER A 172 13.95 -3.06 -29.27
CA SER A 172 12.76 -3.68 -28.70
C SER A 172 11.70 -4.01 -29.74
N LEU A 173 11.86 -3.58 -30.99
CA LEU A 173 10.90 -3.95 -32.01
C LEU A 173 10.97 -5.43 -32.34
N VAL A 174 12.17 -6.01 -32.31
CA VAL A 174 12.37 -7.40 -32.74
C VAL A 174 13.12 -8.19 -31.68
N ALA A 175 13.08 -7.72 -30.44
CA ALA A 175 13.75 -8.42 -29.35
C ALA A 175 13.03 -8.06 -28.05
N LEU A 176 12.18 -8.97 -27.57
CA LEU A 176 11.43 -8.71 -26.35
C LEU A 176 12.38 -8.62 -25.16
N ASP A 177 12.01 -7.77 -24.20
CA ASP A 177 12.72 -7.66 -22.94
C ASP A 177 12.05 -8.57 -21.92
N GLU A 178 12.83 -9.47 -21.32
CA GLU A 178 12.26 -10.41 -20.36
C GLU A 178 11.65 -9.70 -19.17
N ARG A 179 12.24 -8.58 -18.75
CA ARG A 179 11.72 -7.86 -17.60
C ARG A 179 10.32 -7.31 -17.85
N ILE A 180 9.91 -7.21 -19.11
CA ILE A 180 8.60 -6.66 -19.47
C ILE A 180 7.66 -7.85 -19.68
N GLN A 181 6.86 -8.16 -18.66
CA GLN A 181 5.92 -9.27 -18.70
C GLN A 181 4.47 -8.85 -18.55
N THR A 182 4.20 -7.68 -17.98
CA THR A 182 2.83 -7.20 -17.78
C THR A 182 2.78 -5.73 -18.16
N LEU A 183 1.56 -5.21 -18.25
CA LEU A 183 1.38 -3.80 -18.57
C LEU A 183 2.15 -2.91 -17.59
N GLU A 184 2.15 -3.27 -16.31
CA GLU A 184 2.86 -2.48 -15.31
C GLU A 184 4.36 -2.49 -15.60
N ASP A 185 4.91 -3.64 -15.99
CA ASP A 185 6.31 -3.69 -16.35
C ASP A 185 6.61 -2.84 -17.58
N ALA A 186 5.72 -2.88 -18.58
CA ALA A 186 5.91 -2.11 -19.80
C ALA A 186 5.72 -0.62 -19.59
N GLN A 187 5.06 -0.23 -18.51
CA GLN A 187 4.70 1.17 -18.31
C GLN A 187 5.91 2.08 -18.14
N TRP A 188 7.10 1.53 -17.88
CA TRP A 188 8.28 2.35 -17.60
C TRP A 188 9.38 2.18 -18.64
N PHE A 189 9.10 1.55 -19.77
CA PHE A 189 10.09 1.44 -20.82
C PHE A 189 10.46 2.82 -21.33
N PRO A 190 11.74 3.09 -21.66
CA PRO A 190 12.90 2.20 -21.53
C PRO A 190 13.45 2.14 -20.12
N TYR A 191 14.26 1.12 -19.85
CA TYR A 191 14.92 0.94 -18.56
C TYR A 191 16.38 1.32 -18.75
N LEU A 192 16.72 2.57 -18.43
CA LEU A 192 18.06 3.10 -18.61
C LEU A 192 18.60 3.62 -17.29
N SER A 193 19.92 3.81 -17.24
CA SER A 193 20.61 4.13 -16.00
C SER A 193 20.17 5.50 -15.48
N GLY A 194 20.68 5.85 -14.30
CA GLY A 194 20.29 7.11 -13.67
C GLY A 194 20.76 8.32 -14.44
N ASP A 195 21.96 8.24 -15.03
CA ASP A 195 22.45 9.35 -15.84
C ASP A 195 21.53 9.61 -17.01
N SER A 196 21.04 8.54 -17.65
CA SER A 196 20.08 8.70 -18.74
C SER A 196 18.81 9.38 -18.26
N TYR A 197 18.30 8.99 -17.09
CA TYR A 197 17.09 9.62 -16.58
C TYR A 197 17.32 11.09 -16.30
N ARG A 198 18.45 11.44 -15.69
N ARG A 198 18.45 11.43 -15.69
CA ARG A 198 18.72 12.84 -15.38
CA ARG A 198 18.73 12.83 -15.38
C ARG A 198 18.85 13.66 -16.65
C ARG A 198 18.85 13.66 -16.65
N ALA A 199 19.54 13.14 -17.67
CA ALA A 199 19.73 13.90 -18.89
C ALA A 199 18.41 14.22 -19.57
N CYS A 200 17.52 13.24 -19.66
CA CYS A 200 16.23 13.40 -20.34
C CYS A 200 15.14 12.71 -19.53
N PRO A 201 14.66 13.36 -18.47
CA PRO A 201 13.59 12.73 -17.65
C PRO A 201 12.29 12.54 -18.40
N GLY A 202 12.02 13.34 -19.44
CA GLY A 202 10.77 13.21 -20.17
C GLY A 202 10.72 12.01 -21.10
N LEU A 203 11.87 11.51 -21.53
CA LEU A 203 11.94 10.38 -22.45
C LEU A 203 12.33 9.08 -21.75
N VAL A 204 13.28 9.15 -20.83
CA VAL A 204 13.84 7.95 -20.19
C VAL A 204 12.97 7.57 -19.00
N GLY A 205 12.57 6.32 -18.95
CA GLY A 205 11.83 5.75 -17.85
C GLY A 205 12.68 4.84 -17.00
N GLY A 206 12.04 3.82 -16.43
CA GLY A 206 12.74 2.83 -15.64
C GLY A 206 12.58 3.03 -14.15
N TYR A 207 13.58 2.52 -13.43
CA TYR A 207 13.53 2.58 -11.97
C TYR A 207 13.48 4.01 -11.46
N PHE A 208 14.28 4.89 -12.06
CA PHE A 208 14.34 6.27 -11.58
C PHE A 208 13.05 7.02 -11.89
N ALA A 209 12.47 6.78 -13.06
CA ALA A 209 11.17 7.39 -13.36
C ALA A 209 10.10 6.89 -12.42
N LYS A 210 10.11 5.58 -12.12
CA LYS A 210 9.17 5.04 -11.15
C LYS A 210 9.35 5.69 -9.80
N LYS A 211 10.60 5.87 -9.36
CA LYS A 211 10.86 6.51 -8.08
C LYS A 211 10.36 7.94 -8.07
N ALA A 212 10.61 8.68 -9.15
CA ALA A 212 10.15 10.07 -9.21
C ALA A 212 8.64 10.15 -9.17
N ALA A 213 7.95 9.29 -9.92
CA ALA A 213 6.49 9.31 -9.92
C ALA A 213 5.93 8.93 -8.56
N ALA A 214 6.50 7.90 -7.92
CA ALA A 214 5.98 7.46 -6.64
C ALA A 214 6.14 8.52 -5.56
N GLY A 215 7.28 9.21 -5.56
CA GLY A 215 7.57 10.21 -4.55
C GLY A 215 6.80 11.50 -4.80
N GLU A 216 7.17 12.53 -4.03
CA GLU A 216 6.51 13.82 -4.16
C GLU A 216 6.78 14.41 -5.54
N ARG A 217 5.76 15.05 -6.11
CA ARG A 217 5.84 15.66 -7.43
C ARG A 217 5.92 17.17 -7.27
N GLY A 218 6.99 17.76 -7.80
CA GLY A 218 7.19 19.19 -7.74
C GLY A 218 6.70 19.89 -9.01
N LYS A 219 6.93 21.20 -9.05
CA LYS A 219 6.57 21.97 -10.22
C LYS A 219 7.40 21.61 -11.44
N ASN A 220 8.54 20.95 -11.24
CA ASN A 220 9.42 20.56 -12.33
C ASN A 220 9.20 19.12 -12.80
N TYR A 221 8.23 18.41 -12.21
CA TYR A 221 8.01 17.02 -12.56
C TYR A 221 7.70 16.88 -14.04
N LYS A 222 8.34 15.89 -14.69
CA LYS A 222 8.11 15.58 -16.09
C LYS A 222 7.62 14.14 -16.17
N LYS A 223 6.42 13.95 -16.72
CA LYS A 223 5.89 12.61 -16.88
C LYS A 223 6.55 11.92 -18.06
N LEU A 224 6.57 10.59 -18.02
CA LEU A 224 7.30 9.79 -19.00
C LEU A 224 6.51 9.75 -20.29
N ASN A 225 7.01 10.44 -21.32
CA ASN A 225 6.40 10.44 -22.65
C ASN A 225 6.94 9.22 -23.40
N GLN A 226 6.35 8.06 -23.07
CA GLN A 226 6.89 6.79 -23.54
C GLN A 226 7.00 6.76 -25.06
N THR A 227 6.02 7.33 -25.76
CA THR A 227 5.96 7.28 -27.22
C THR A 227 6.29 8.62 -27.86
N ALA A 228 7.09 9.44 -27.19
CA ALA A 228 7.51 10.70 -27.78
C ALA A 228 8.26 10.45 -29.07
N ILE A 229 8.08 11.33 -30.04
CA ILE A 229 8.73 11.18 -31.35
C ILE A 229 10.18 11.60 -31.22
N ILE A 230 11.09 10.70 -31.59
CA ILE A 230 12.53 10.95 -31.58
C ILE A 230 13.04 10.70 -33.00
N PRO A 231 13.71 11.65 -33.63
CA PRO A 231 14.20 11.42 -35.00
C PRO A 231 15.26 10.32 -35.02
N PRO A 232 15.43 9.65 -36.16
CA PRO A 232 16.49 8.65 -36.24
C PRO A 232 17.84 9.29 -36.01
N PRO A 233 18.80 8.54 -35.47
CA PRO A 233 20.11 9.15 -35.16
C PRO A 233 20.75 9.84 -36.36
N ARG A 234 20.66 9.25 -37.55
CA ARG A 234 21.23 9.91 -38.72
C ARG A 234 20.55 11.24 -39.00
N PHE A 235 19.29 11.38 -38.60
CA PHE A 235 18.59 12.66 -38.68
C PHE A 235 18.84 13.52 -37.45
N LEU A 236 18.95 12.89 -36.28
CA LEU A 236 19.11 13.67 -35.05
C LEU A 236 20.43 14.43 -35.05
N ILE A 237 21.53 13.79 -35.46
CA ILE A 237 22.81 14.49 -35.49
C ILE A 237 22.80 15.58 -36.56
N ILE A 238 22.14 15.32 -37.69
CA ILE A 238 22.06 16.33 -38.74
C ILE A 238 21.03 17.41 -38.41
N GLY A 239 20.11 17.14 -37.49
CA GLY A 239 19.11 18.11 -37.11
C GLY A 239 17.87 18.13 -37.99
N HIS A 240 17.72 17.16 -38.88
CA HIS A 240 16.54 17.10 -39.74
C HIS A 240 15.37 16.52 -38.94
N ARG A 241 14.36 17.34 -38.70
CA ARG A 241 13.19 16.89 -37.95
C ARG A 241 12.43 15.84 -38.75
N LEU A 242 11.94 14.82 -38.05
CA LEU A 242 11.13 13.78 -38.69
C LEU A 242 9.81 14.38 -39.17
N GLN A 243 9.44 14.06 -40.41
CA GLN A 243 8.25 14.62 -41.01
C GLN A 243 7.84 13.74 -42.19
N ILE A 244 6.76 14.14 -42.86
CA ILE A 244 6.25 13.37 -43.98
C ILE A 244 7.17 13.53 -45.18
N GLY A 245 7.34 12.46 -45.95
CA GLY A 245 8.18 12.47 -47.13
C GLY A 245 9.57 11.93 -46.92
N ASP A 246 9.98 11.72 -45.67
CA ASP A 246 11.31 11.19 -45.40
C ASP A 246 11.42 9.74 -45.87
N GLN A 247 12.60 9.39 -46.36
CA GLN A 247 12.89 8.02 -46.80
C GLN A 247 13.51 7.29 -45.61
N VAL A 248 12.72 6.44 -44.95
CA VAL A 248 13.15 5.74 -43.74
C VAL A 248 12.60 4.32 -43.76
N THR A 249 13.39 3.40 -43.22
CA THR A 249 12.97 2.02 -43.11
C THR A 249 11.81 1.90 -42.13
N LEU A 250 10.99 0.86 -42.32
CA LEU A 250 9.84 0.66 -41.45
C LEU A 250 10.26 0.48 -40.00
N ARG A 251 11.29 -0.34 -39.76
CA ARG A 251 11.72 -0.60 -38.40
C ARG A 251 12.18 0.69 -37.72
N GLU A 252 12.96 1.51 -38.42
CA GLU A 252 13.47 2.73 -37.81
C GLU A 252 12.36 3.75 -37.60
N LEU A 253 11.42 3.86 -38.54
CA LEU A 253 10.29 4.75 -38.33
C LEU A 253 9.47 4.34 -37.11
N LEU A 254 9.19 3.04 -36.99
CA LEU A 254 8.44 2.56 -35.84
C LEU A 254 9.20 2.82 -34.54
N ALA A 255 10.51 2.60 -34.55
CA ALA A 255 11.32 2.92 -33.37
C ALA A 255 11.27 4.42 -33.08
N SER A 256 11.08 5.24 -34.10
CA SER A 256 11.02 6.69 -33.89
C SER A 256 9.70 7.09 -33.25
N ILE A 257 8.58 6.53 -33.71
CA ILE A 257 7.27 6.96 -33.21
C ILE A 257 6.67 6.01 -32.18
N ALA A 258 7.25 4.85 -31.95
CA ALA A 258 6.70 3.89 -31.01
C ALA A 258 7.77 2.83 -30.74
N TRP A 259 7.37 1.76 -30.06
CA TRP A 259 8.30 0.66 -29.74
C TRP A 259 7.55 -0.65 -29.90
N GLY A 260 8.12 -1.74 -29.37
CA GLY A 260 7.63 -3.06 -29.70
C GLY A 260 6.19 -3.31 -29.25
N LEU A 261 5.87 -2.94 -28.02
CA LEU A 261 4.58 -3.26 -27.43
C LEU A 261 3.52 -2.21 -27.70
N CYS A 262 3.65 -1.45 -28.77
CA CYS A 262 2.63 -0.48 -29.15
C CYS A 262 1.69 -1.10 -30.20
N ASP A 263 0.48 -0.55 -30.26
CA ASP A 263 -0.53 -1.12 -31.14
C ASP A 263 -0.03 -1.16 -32.58
N GLY A 264 -0.32 -2.26 -33.27
CA GLY A 264 0.23 -2.49 -34.59
C GLY A 264 -0.21 -1.49 -35.64
N VAL A 265 -1.34 -0.81 -35.40
CA VAL A 265 -1.88 0.11 -36.41
C VAL A 265 -0.87 1.18 -36.80
N LEU A 266 0.10 1.47 -35.93
CA LEU A 266 1.11 2.48 -36.25
C LEU A 266 1.89 2.14 -37.51
N ALA A 267 1.93 0.86 -37.89
CA ALA A 267 2.60 0.48 -39.14
C ALA A 267 2.00 1.18 -40.33
N GLU A 268 0.75 1.67 -40.22
CA GLU A 268 0.13 2.42 -41.32
C GLU A 268 0.88 3.70 -41.64
N CYS A 269 1.75 4.16 -40.75
CA CYS A 269 2.52 5.38 -41.02
C CYS A 269 3.66 5.15 -42.02
N TRP A 270 3.72 4.02 -42.70
CA TRP A 270 4.78 3.72 -43.65
C TRP A 270 4.19 3.15 -44.93
N SER A 271 4.94 3.28 -46.02
CA SER A 271 4.56 2.74 -47.31
C SER A 271 5.80 2.39 -48.12
N PRO A 272 5.95 1.13 -48.55
CA PRO A 272 7.14 0.78 -49.34
C PRO A 272 7.23 1.62 -50.60
N SER A 273 8.47 1.94 -50.98
CA SER A 273 8.72 2.75 -52.16
C SER A 273 8.64 1.89 -53.41
N GLN A 274 8.87 2.52 -54.57
CA GLN A 274 8.82 1.80 -55.83
C GLN A 274 9.82 0.65 -55.82
N GLY A 275 9.36 -0.52 -56.26
CA GLY A 275 10.22 -1.70 -56.26
C GLY A 275 10.48 -2.26 -54.89
N ASP A 276 9.65 -1.95 -53.90
CA ASP A 276 9.84 -2.45 -52.55
C ASP A 276 11.20 -2.01 -52.01
N GLY A 277 12.21 -2.88 -52.14
CA GLY A 277 13.52 -2.53 -51.64
C GLY A 277 13.59 -2.59 -50.13
N SER A 278 14.36 -1.67 -49.55
CA SER A 278 14.55 -1.63 -48.11
C SER A 278 14.09 -0.30 -47.53
N ILE A 279 14.11 0.75 -48.35
CA ILE A 279 13.78 2.10 -47.92
C ILE A 279 12.45 2.49 -48.54
N GLY A 280 11.51 2.92 -47.69
CA GLY A 280 10.22 3.39 -48.16
C GLY A 280 10.07 4.89 -47.96
N VAL A 281 8.89 5.32 -47.53
CA VAL A 281 8.60 6.73 -47.30
C VAL A 281 7.61 6.84 -46.15
N VAL A 282 7.60 7.99 -45.50
CA VAL A 282 6.69 8.27 -44.40
C VAL A 282 5.41 8.88 -44.97
N VAL A 283 4.27 8.27 -44.66
CA VAL A 283 2.98 8.75 -45.15
C VAL A 283 2.27 9.64 -44.13
N GLY A 284 2.58 9.50 -42.85
CA GLY A 284 1.92 10.32 -41.85
C GLY A 284 2.56 10.11 -40.49
N LEU A 285 2.08 10.89 -39.52
CA LEU A 285 2.57 10.80 -38.16
C LEU A 285 1.40 10.65 -37.19
N PRO A 286 1.54 9.84 -36.14
CA PRO A 286 0.46 9.72 -35.16
C PRO A 286 0.21 11.03 -34.44
N LEU A 287 -1.03 11.22 -34.01
CA LEU A 287 -1.42 12.32 -33.16
C LEU A 287 -1.70 11.81 -31.75
N GLN A 288 -1.77 12.75 -30.81
CA GLN A 288 -1.94 12.41 -29.40
C GLN A 288 -0.76 11.58 -28.88
N ALA A 289 0.42 11.80 -29.46
CA ALA A 289 1.60 11.06 -29.03
C ALA A 289 1.87 11.29 -27.54
N THR A 290 1.77 12.53 -27.09
CA THR A 290 1.99 12.89 -25.70
C THR A 290 0.78 13.68 -25.18
N GLY A 291 0.54 13.57 -23.88
CA GLY A 291 -0.56 14.29 -23.27
C GLY A 291 -1.92 13.69 -23.56
N SER A 292 -2.17 12.48 -23.06
CA SER A 292 -3.47 11.81 -23.19
C SER A 292 -4.01 11.57 -21.79
N CYS A 293 -4.97 12.40 -21.39
CA CYS A 293 -5.65 12.26 -20.10
C CYS A 293 -7.14 12.17 -20.36
N PHE A 294 -7.78 11.10 -19.90
CA PHE A 294 -9.18 10.81 -20.17
C PHE A 294 -10.01 10.86 -18.89
N LEU A 295 -9.74 11.83 -18.02
CA LEU A 295 -10.48 12.01 -16.79
C LEU A 295 -11.59 13.04 -16.98
N VAL A 296 -12.59 12.96 -16.10
CA VAL A 296 -13.62 13.99 -16.00
C VAL A 296 -13.99 14.13 -14.54
N VAL A 297 -13.88 15.34 -14.00
CA VAL A 297 -14.17 15.58 -12.60
C VAL A 297 -15.64 15.97 -12.44
N ALA A 298 -16.16 15.72 -11.24
CA ALA A 298 -17.54 16.09 -10.95
C ALA A 298 -17.67 17.60 -10.84
N SER A 299 -18.79 18.13 -11.34
CA SER A 299 -19.07 19.55 -11.27
C SER A 299 -20.50 19.80 -11.69
N HIS A 300 -21.16 20.73 -11.01
CA HIS A 300 -22.52 21.13 -11.37
C HIS A 300 -23.49 19.95 -11.33
N GLY A 301 -23.29 19.06 -10.35
CA GLY A 301 -24.15 17.92 -10.18
C GLY A 301 -23.82 16.72 -11.03
N LEU A 302 -22.76 16.78 -11.83
CA LEU A 302 -22.35 15.63 -12.62
C LEU A 302 -21.55 14.66 -11.75
N SER A 303 -21.19 13.51 -12.33
CA SER A 303 -20.46 12.47 -11.64
C SER A 303 -19.07 12.33 -12.24
N ALA A 304 -18.09 12.06 -11.37
CA ALA A 304 -16.72 11.88 -11.83
C ALA A 304 -16.61 10.64 -12.70
N ILE A 305 -15.75 10.72 -13.71
CA ILE A 305 -15.47 9.61 -14.62
C ILE A 305 -13.96 9.37 -14.61
N ALA A 306 -13.58 8.10 -14.48
CA ALA A 306 -12.16 7.74 -14.44
C ALA A 306 -11.59 7.44 -15.82
N ASP A 307 -12.43 7.33 -16.85
CA ASP A 307 -11.95 7.07 -18.21
C ASP A 307 -13.08 7.35 -19.18
N SER A 308 -12.84 8.26 -20.13
CA SER A 308 -13.85 8.54 -21.15
C SER A 308 -14.08 7.34 -22.05
N ARG A 309 -13.01 6.63 -22.41
CA ARG A 309 -13.13 5.51 -23.35
C ARG A 309 -13.96 4.38 -22.76
N ILE A 310 -13.67 4.00 -21.51
CA ILE A 310 -14.26 2.80 -20.94
C ILE A 310 -15.75 2.99 -20.67
N GLU A 311 -16.15 4.18 -20.21
CA GLU A 311 -17.51 4.40 -19.74
C GLU A 311 -18.54 3.90 -20.75
N GLY A 312 -19.56 3.22 -20.24
CA GLY A 312 -20.51 2.52 -21.08
C GLY A 312 -20.20 1.04 -21.10
N THR A 313 -19.74 0.53 -22.25
CA THR A 313 -19.21 -0.82 -22.36
C THR A 313 -17.95 -0.73 -23.22
N GLY A 314 -16.81 -0.51 -22.56
CA GLY A 314 -15.56 -0.34 -23.28
C GLY A 314 -14.92 -1.62 -23.75
N ASN A 315 -15.26 -2.75 -23.13
CA ASN A 315 -14.69 -4.03 -23.54
C ASN A 315 -15.05 -4.35 -24.99
N THR A 316 -16.31 -4.13 -25.37
CA THR A 316 -16.72 -4.32 -26.75
C THR A 316 -16.20 -3.24 -27.68
N ASN A 317 -15.85 -2.07 -27.15
CA ASN A 317 -15.35 -0.96 -27.94
C ASN A 317 -13.83 -0.96 -28.09
N LEU A 318 -13.13 -1.89 -27.44
CA LEU A 318 -11.67 -1.90 -27.47
C LEU A 318 -11.15 -1.97 -28.89
N LEU A 319 -11.45 -3.05 -29.60
CA LEU A 319 -10.98 -3.20 -30.97
C LEU A 319 -11.62 -2.20 -31.92
N GLU A 320 -12.67 -1.50 -31.48
CA GLU A 320 -13.31 -0.47 -32.29
C GLU A 320 -12.67 0.90 -32.13
N GLU A 321 -11.62 1.00 -31.31
CA GLU A 321 -10.93 2.28 -31.12
C GLU A 321 -10.19 2.68 -32.39
N CYS A 322 -9.70 3.91 -32.41
CA CYS A 322 -8.98 4.45 -33.54
C CYS A 322 -7.83 5.32 -33.06
N ILE A 323 -6.90 5.59 -33.97
CA ILE A 323 -5.81 6.53 -33.75
C ILE A 323 -5.86 7.57 -34.87
N ALA A 324 -5.56 8.82 -34.52
CA ALA A 324 -5.57 9.90 -35.48
C ALA A 324 -4.18 10.05 -36.08
N ILE A 325 -4.07 9.85 -37.39
CA ILE A 325 -2.81 9.98 -38.12
C ILE A 325 -2.92 11.19 -39.02
N GLN A 326 -1.99 12.12 -38.89
CA GLN A 326 -1.93 13.29 -39.74
C GLN A 326 -1.06 12.98 -40.95
N LYS A 327 -1.64 13.08 -42.14
CA LYS A 327 -0.94 12.86 -43.40
C LYS A 327 -0.79 14.19 -44.13
N GLN A 328 -0.20 14.13 -45.33
CA GLN A 328 -0.06 15.34 -46.13
C GLN A 328 -1.42 15.93 -46.48
N ASP A 329 -2.37 15.07 -46.85
CA ASP A 329 -3.71 15.56 -47.20
C ASP A 329 -4.45 16.09 -45.96
N GLY A 330 -4.40 15.33 -44.87
CA GLY A 330 -5.08 15.76 -43.66
C GLY A 330 -5.14 14.63 -42.65
N VAL A 331 -5.91 14.88 -41.60
CA VAL A 331 -6.05 13.92 -40.50
C VAL A 331 -7.02 12.82 -40.90
N ILE A 332 -6.68 11.58 -40.55
CA ILE A 332 -7.54 10.43 -40.79
C ILE A 332 -7.53 9.55 -39.57
N LYS A 333 -8.68 8.95 -39.25
CA LYS A 333 -8.79 8.02 -38.14
C LYS A 333 -8.64 6.60 -38.66
N CYS A 334 -7.71 5.85 -38.07
CA CYS A 334 -7.40 4.49 -38.48
C CYS A 334 -7.73 3.53 -37.35
N LYS A 335 -8.44 2.46 -37.67
CA LYS A 335 -8.85 1.49 -36.66
C LYS A 335 -7.63 0.77 -36.09
N ARG A 336 -7.67 0.51 -34.78
CA ARG A 336 -6.58 -0.19 -34.13
C ARG A 336 -6.52 -1.63 -34.60
N SER A 337 -5.29 -2.11 -34.83
CA SER A 337 -5.10 -3.50 -35.22
C SER A 337 -5.26 -4.46 -34.06
N GLY A 338 -5.04 -4.00 -32.83
CA GLY A 338 -5.16 -4.86 -31.67
C GLY A 338 -4.01 -5.82 -31.48
N LYS A 339 -2.90 -5.63 -32.18
CA LYS A 339 -1.77 -6.54 -32.13
C LYS A 339 -0.49 -5.73 -31.91
N SER A 340 0.43 -6.30 -31.13
CA SER A 340 1.66 -5.61 -30.81
C SER A 340 2.48 -5.35 -32.07
N LEU A 341 3.25 -4.25 -32.04
CA LEU A 341 4.11 -3.93 -33.19
C LEU A 341 5.15 -5.02 -33.40
N TYR A 342 5.74 -5.52 -32.32
CA TYR A 342 6.70 -6.61 -32.44
C TYR A 342 6.05 -7.82 -33.09
N HIS A 343 4.83 -8.17 -32.68
CA HIS A 343 4.15 -9.32 -33.26
C HIS A 343 3.83 -9.10 -34.73
N CYS A 344 3.41 -7.89 -35.10
CA CYS A 344 3.14 -7.62 -36.50
C CYS A 344 4.40 -7.76 -37.34
N LEU A 345 5.51 -7.21 -36.85
CA LEU A 345 6.77 -7.30 -37.59
C LEU A 345 7.24 -8.75 -37.69
N LYS A 346 7.06 -9.52 -36.61
CA LYS A 346 7.43 -10.93 -36.64
C LYS A 346 6.58 -11.70 -37.65
N GLU A 347 5.27 -11.42 -37.68
CA GLU A 347 4.39 -12.14 -38.60
C GLU A 347 4.70 -11.80 -40.05
N THR A 348 4.82 -10.51 -40.36
CA THR A 348 5.11 -10.11 -41.74
C THR A 348 6.49 -10.59 -42.18
N ALA A 349 7.38 -10.92 -41.24
CA ALA A 349 8.71 -11.40 -41.57
C ALA A 349 8.77 -12.92 -41.67
N GLY A 350 7.66 -13.62 -41.44
CA GLY A 350 7.65 -15.07 -41.53
C GLY A 350 7.82 -15.57 -42.95
N GLU C 34 32.41 -44.55 -21.86
CA GLU C 34 31.17 -45.17 -21.42
C GLU C 34 30.24 -44.12 -20.81
N LEU C 35 30.77 -43.34 -19.89
CA LEU C 35 30.01 -42.30 -19.20
C LEU C 35 30.77 -40.99 -19.26
N PRO C 36 30.05 -39.85 -19.32
CA PRO C 36 30.75 -38.55 -19.32
C PRO C 36 31.57 -38.36 -18.05
N ARG C 37 32.35 -37.29 -18.06
CA ARG C 37 33.23 -37.01 -16.92
C ARG C 37 32.42 -36.76 -15.64
N ASN C 38 31.32 -36.01 -15.76
CA ASN C 38 30.55 -35.64 -14.56
C ASN C 38 29.99 -36.86 -13.85
N LEU C 39 29.30 -37.72 -14.59
CA LEU C 39 28.68 -38.89 -13.97
C LEU C 39 29.72 -39.85 -13.42
N GLU C 40 30.83 -40.05 -14.16
CA GLU C 40 31.89 -40.91 -13.67
C GLU C 40 32.49 -40.36 -12.39
N VAL C 41 32.73 -39.06 -12.33
CA VAL C 41 33.30 -38.45 -11.13
C VAL C 41 32.34 -38.62 -9.96
N PHE C 42 31.05 -38.38 -10.18
CA PHE C 42 30.08 -38.54 -9.10
C PHE C 42 30.03 -39.98 -8.62
N ASN C 43 30.04 -40.95 -9.54
CA ASN C 43 30.01 -42.35 -9.15
C ASN C 43 31.25 -42.70 -8.32
N GLU C 44 32.42 -42.26 -8.76
CA GLU C 44 33.64 -42.55 -8.01
C GLU C 44 33.58 -41.94 -6.62
N ALA C 45 33.16 -40.68 -6.53
CA ALA C 45 33.10 -40.01 -5.23
C ALA C 45 32.14 -40.72 -4.29
N CYS C 46 30.93 -41.04 -4.78
CA CYS C 46 29.95 -41.69 -3.92
C CYS C 46 30.42 -43.08 -3.50
N GLY C 47 31.01 -43.84 -4.43
CA GLY C 47 31.53 -45.14 -4.05
C GLY C 47 32.63 -45.05 -3.01
N HIS C 48 33.54 -44.08 -3.16
CA HIS C 48 34.61 -43.92 -2.19
C HIS C 48 34.06 -43.55 -0.81
N VAL C 49 33.11 -42.60 -0.78
CA VAL C 49 32.62 -42.09 0.49
C VAL C 49 31.78 -43.14 1.20
N PHE C 50 30.85 -43.77 0.48
CA PHE C 50 29.87 -44.66 1.08
C PHE C 50 30.15 -46.14 0.78
N GLY C 51 31.16 -46.45 -0.03
CA GLY C 51 31.46 -47.84 -0.31
C GLY C 51 30.27 -48.55 -0.93
N SER C 52 29.97 -49.74 -0.41
CA SER C 52 28.87 -50.55 -0.93
C SER C 52 27.52 -50.14 -0.36
N SER C 53 27.49 -49.33 0.70
CA SER C 53 26.22 -48.92 1.30
C SER C 53 25.42 -48.00 0.39
N PHE C 54 26.05 -47.41 -0.63
CA PHE C 54 25.36 -46.50 -1.55
C PHE C 54 24.67 -47.33 -2.62
N ASN C 55 23.35 -47.47 -2.50
CA ASN C 55 22.57 -48.16 -3.51
C ASN C 55 22.54 -47.34 -4.79
N ARG C 56 22.65 -48.02 -5.93
CA ARG C 56 22.70 -47.37 -7.23
C ARG C 56 21.35 -47.33 -7.93
N GLU C 57 20.28 -47.79 -7.27
CA GLU C 57 18.96 -47.83 -7.89
C GLU C 57 17.86 -47.20 -7.02
N ASP C 58 18.24 -46.53 -5.94
CA ASP C 58 17.27 -45.90 -5.03
C ASP C 58 17.40 -44.39 -5.16
N ASN C 59 16.29 -43.73 -5.49
CA ASN C 59 16.31 -42.28 -5.66
C ASN C 59 16.63 -41.57 -4.35
N SER C 60 16.02 -42.02 -3.24
CA SER C 60 16.26 -41.36 -1.96
C SER C 60 17.72 -41.48 -1.53
N VAL C 61 18.30 -42.67 -1.69
CA VAL C 61 19.69 -42.86 -1.30
C VAL C 61 20.61 -42.00 -2.15
N ILE C 62 20.35 -41.96 -3.46
CA ILE C 62 21.17 -41.14 -4.35
C ILE C 62 21.06 -39.67 -3.97
N SER C 63 19.85 -39.21 -3.69
CA SER C 63 19.65 -37.81 -3.32
C SER C 63 20.38 -37.48 -2.02
N ASP C 64 20.29 -38.37 -1.02
CA ASP C 64 21.00 -38.13 0.23
C ASP C 64 22.50 -38.09 0.02
N ALA C 65 23.03 -39.02 -0.79
CA ALA C 65 24.46 -39.03 -1.05
C ALA C 65 24.89 -37.76 -1.77
N ALA C 66 24.12 -37.32 -2.76
CA ALA C 66 24.45 -36.10 -3.48
C ALA C 66 24.41 -34.89 -2.56
N ALA C 67 23.42 -34.83 -1.67
CA ALA C 67 23.35 -33.72 -0.73
C ALA C 67 24.57 -33.71 0.18
N PHE C 68 24.96 -34.88 0.70
CA PHE C 68 26.13 -34.94 1.57
C PHE C 68 27.39 -34.54 0.82
N LEU C 69 27.54 -34.99 -0.42
CA LEU C 69 28.72 -34.63 -1.21
C LEU C 69 28.74 -33.14 -1.50
N PHE C 70 27.58 -32.54 -1.78
CA PHE C 70 27.52 -31.09 -1.98
C PHE C 70 27.93 -30.35 -0.71
N LYS C 71 27.45 -30.83 0.44
CA LYS C 71 27.86 -30.22 1.71
C LYS C 71 29.36 -30.32 1.90
N MET C 72 29.93 -31.49 1.60
CA MET C 72 31.37 -31.69 1.79
C MET C 72 32.17 -30.77 0.88
N HIS C 73 31.79 -30.69 -0.40
CA HIS C 73 32.51 -29.86 -1.35
C HIS C 73 32.23 -28.37 -1.18
N THR C 74 31.21 -28.01 -0.41
CA THR C 74 30.94 -26.62 -0.04
C THR C 74 31.56 -26.24 1.28
N HIS C 75 32.30 -27.15 1.93
CA HIS C 75 32.90 -26.89 3.23
C HIS C 75 31.84 -26.51 4.26
N SER C 76 30.72 -27.24 4.23
CA SER C 76 29.62 -27.03 5.16
C SER C 76 29.58 -28.05 6.30
N LEU C 77 30.53 -28.99 6.34
CA LEU C 77 30.55 -30.01 7.37
C LEU C 77 31.39 -29.55 8.56
N ASP C 78 31.23 -30.26 9.67
CA ASP C 78 31.96 -29.92 10.89
C ASP C 78 33.45 -30.15 10.69
N GLY C 79 34.25 -29.24 11.26
CA GLY C 79 35.69 -29.34 11.19
C GLY C 79 36.31 -28.82 9.91
N GLN C 80 35.52 -28.35 8.96
CA GLN C 80 36.04 -27.85 7.70
C GLN C 80 36.36 -26.36 7.81
N GLU C 81 36.96 -25.83 6.74
CA GLU C 81 37.42 -24.45 6.76
C GLU C 81 36.29 -23.49 7.07
N ALA C 82 36.56 -22.54 7.97
CA ALA C 82 35.57 -21.54 8.33
C ALA C 82 35.51 -20.46 7.26
N LYS C 83 34.29 -20.01 6.97
CA LYS C 83 34.07 -18.97 5.96
C LYS C 83 34.09 -17.62 6.66
N VAL C 84 35.19 -16.89 6.53
CA VAL C 84 35.42 -15.66 7.26
C VAL C 84 35.87 -14.52 6.36
N LEU C 85 35.98 -14.73 5.05
CA LEU C 85 36.50 -13.69 4.16
C LEU C 85 35.76 -12.38 4.36
N ARG C 86 34.42 -12.42 4.37
CA ARG C 86 33.61 -11.24 4.63
C ARG C 86 32.43 -11.58 5.53
N ALA C 87 32.58 -12.61 6.36
CA ALA C 87 31.48 -13.05 7.21
C ALA C 87 31.18 -12.03 8.30
N SER C 88 29.88 -11.87 8.59
CA SER C 88 29.47 -11.03 9.71
C SER C 88 29.81 -11.72 11.03
N GLU C 89 29.90 -10.92 12.09
CA GLU C 89 30.32 -11.43 13.39
C GLU C 89 29.50 -12.65 13.79
N LYS C 90 28.18 -12.62 13.55
CA LYS C 90 27.35 -13.79 13.79
C LYS C 90 27.77 -14.94 12.88
N LYS C 91 28.00 -14.64 11.60
CA LYS C 91 28.46 -15.67 10.67
C LYS C 91 29.84 -16.17 11.08
N ARG C 92 30.72 -15.27 11.52
CA ARG C 92 32.04 -15.71 11.99
C ARG C 92 31.90 -16.66 13.17
N GLU C 93 31.01 -16.35 14.12
CA GLU C 93 30.80 -17.23 15.25
C GLU C 93 30.26 -18.58 14.80
N ARG C 94 29.31 -18.58 13.86
CA ARG C 94 28.77 -19.86 13.38
C ARG C 94 29.84 -20.69 12.70
N GLU C 95 30.67 -20.08 11.86
CA GLU C 95 31.72 -20.82 11.19
C GLU C 95 32.78 -21.31 12.16
N ASN C 96 33.08 -20.51 13.19
CA ASN C 96 34.02 -20.96 14.21
C ASN C 96 33.46 -22.15 14.98
N ALA C 97 32.16 -22.12 15.30
CA ALA C 97 31.54 -23.26 15.97
C ALA C 97 31.60 -24.50 15.08
N LYS C 98 31.34 -24.34 13.78
CA LYS C 98 31.44 -25.47 12.86
C LYS C 98 32.85 -26.02 12.83
N LYS C 99 33.85 -25.14 12.73
CA LYS C 99 35.24 -25.59 12.65
C LYS C 99 35.65 -26.31 13.93
N SER C 100 35.30 -25.77 15.09
CA SER C 100 35.68 -26.39 16.35
C SER C 100 35.04 -27.76 16.50
N ARG C 101 33.80 -27.91 16.04
CA ARG C 101 33.11 -29.18 16.18
C ARG C 101 33.87 -30.30 15.47
N LYS C 102 33.87 -31.47 16.08
CA LYS C 102 34.56 -32.62 15.49
C LYS C 102 33.94 -32.99 14.16
N ALA C 103 34.80 -33.40 13.22
CA ALA C 103 34.32 -33.80 11.90
C ALA C 103 33.58 -35.14 12.00
N PRO C 104 32.74 -35.45 11.02
CA PRO C 104 32.02 -36.72 11.05
C PRO C 104 32.98 -37.90 11.12
N GLU C 105 32.60 -38.91 11.89
CA GLU C 105 33.43 -40.09 12.09
C GLU C 105 32.99 -41.22 11.17
N ALA C 106 33.89 -42.18 10.97
CA ALA C 106 33.60 -43.33 10.13
C ALA C 106 32.45 -44.14 10.71
N GLY C 107 31.62 -44.69 9.83
CA GLY C 107 30.46 -45.44 10.24
C GLY C 107 29.25 -44.61 10.61
N MET C 108 29.36 -43.28 10.54
CA MET C 108 28.24 -42.42 10.89
C MET C 108 27.09 -42.65 9.93
N ARG C 109 25.88 -42.77 10.47
CA ARG C 109 24.70 -42.96 9.64
C ARG C 109 24.32 -41.66 8.95
N VAL C 110 24.09 -41.73 7.65
CA VAL C 110 23.66 -40.60 6.85
C VAL C 110 22.29 -40.93 6.26
N GLY C 111 21.34 -40.01 6.43
CA GLY C 111 20.00 -40.27 5.92
C GLY C 111 19.43 -41.53 6.53
N ARG C 112 18.94 -42.42 5.67
CA ARG C 112 18.33 -43.68 6.11
C ARG C 112 19.28 -44.86 5.99
N SER C 113 19.83 -45.08 4.80
CA SER C 113 20.62 -46.27 4.50
C SER C 113 21.94 -45.90 3.84
N LEU C 114 22.64 -44.91 4.41
CA LEU C 114 23.97 -44.52 3.97
C LEU C 114 24.91 -44.53 5.15
N ILE C 115 26.02 -45.26 5.02
CA ILE C 115 27.02 -45.39 6.08
C ILE C 115 28.35 -44.91 5.53
N LEU C 116 28.98 -43.99 6.26
CA LEU C 116 30.27 -43.46 5.83
C LEU C 116 31.35 -44.51 5.96
N THR C 117 32.27 -44.51 5.00
CA THR C 117 33.42 -45.41 5.02
C THR C 117 34.60 -44.77 5.73
N SER C 118 35.49 -45.61 6.25
CA SER C 118 36.67 -45.11 6.94
C SER C 118 37.58 -44.32 6.01
N ARG C 119 37.43 -44.48 4.71
CA ARG C 119 38.24 -43.77 3.72
C ARG C 119 37.64 -42.43 3.31
N TRP C 120 36.45 -42.07 3.83
CA TRP C 120 35.82 -40.82 3.43
C TRP C 120 36.69 -39.62 3.77
N THR C 121 37.43 -39.68 4.89
CA THR C 121 38.30 -38.56 5.25
C THR C 121 39.38 -38.37 4.20
N GLU C 122 39.96 -39.46 3.70
CA GLU C 122 40.98 -39.35 2.66
C GLU C 122 40.41 -38.71 1.40
N TYR C 123 39.21 -39.14 0.99
CA TYR C 123 38.60 -38.54 -0.19
C TYR C 123 38.32 -37.06 0.03
N CYS C 124 37.83 -36.70 1.22
CA CYS C 124 37.58 -35.30 1.50
C CYS C 124 38.86 -34.48 1.42
N ALA C 125 39.96 -35.02 1.96
CA ALA C 125 41.23 -34.30 1.92
C ALA C 125 41.78 -34.21 0.51
N THR C 126 41.53 -35.21 -0.34
CA THR C 126 42.16 -35.28 -1.65
C THR C 126 41.36 -34.55 -2.73
N CYS C 127 40.07 -34.85 -2.85
CA CYS C 127 39.26 -34.38 -3.98
C CYS C 127 38.51 -33.09 -3.69
N VAL C 128 38.68 -32.48 -2.52
CA VAL C 128 38.00 -31.25 -2.17
C VAL C 128 39.00 -30.10 -2.27
N PRO C 129 38.86 -29.20 -3.25
CA PRO C 129 39.74 -28.03 -3.31
C PRO C 129 39.61 -27.19 -2.04
N ALA C 130 40.73 -26.58 -1.65
CA ALA C 130 40.75 -25.79 -0.43
C ALA C 130 39.80 -24.60 -0.54
N LEU C 131 39.32 -24.15 0.61
CA LEU C 131 38.37 -23.05 0.63
C LEU C 131 38.93 -21.83 -0.09
N GLY C 132 38.10 -21.20 -0.91
CA GLY C 132 38.52 -20.07 -1.70
C GLY C 132 39.15 -20.41 -3.03
N SER C 133 39.27 -21.70 -3.36
CA SER C 133 39.89 -22.09 -4.62
C SER C 133 39.13 -21.48 -5.79
N LYS C 134 39.88 -20.97 -6.77
CA LYS C 134 39.31 -20.39 -7.97
C LYS C 134 40.02 -20.97 -9.19
N MET C 135 39.26 -21.14 -10.28
CA MET C 135 39.82 -21.75 -11.47
C MET C 135 40.94 -20.92 -12.07
N LYS C 136 40.83 -19.59 -11.99
CA LYS C 136 41.88 -18.73 -12.55
C LYS C 136 43.22 -18.98 -11.86
N VAL C 137 43.21 -19.08 -10.53
CA VAL C 137 44.47 -19.30 -9.80
C VAL C 137 45.05 -20.66 -10.16
N ILE C 138 44.21 -21.69 -10.23
CA ILE C 138 44.70 -23.03 -10.56
C ILE C 138 45.29 -23.04 -11.96
N LYS C 139 44.63 -22.39 -12.91
CA LYS C 139 45.17 -22.32 -14.27
C LYS C 139 46.49 -21.57 -14.29
N ALA C 140 46.60 -20.48 -13.52
CA ALA C 140 47.87 -19.77 -13.41
C ALA C 140 48.95 -20.69 -12.87
N SER C 141 48.61 -21.53 -11.90
CA SER C 141 49.57 -22.50 -11.39
C SER C 141 50.00 -23.47 -12.48
N GLY C 142 49.07 -23.88 -13.34
CA GLY C 142 49.37 -24.75 -14.45
C GLY C 142 49.38 -26.22 -14.13
N ASP C 143 49.10 -26.60 -12.88
CA ASP C 143 49.07 -28.01 -12.51
C ASP C 143 47.92 -28.71 -13.22
N ALA C 144 48.25 -29.64 -14.11
CA ALA C 144 47.21 -30.39 -14.82
C ALA C 144 46.34 -31.19 -13.86
N ALA C 145 46.97 -31.84 -12.88
CA ALA C 145 46.21 -32.60 -11.90
C ALA C 145 45.27 -31.70 -11.11
N MET C 146 45.75 -30.52 -10.70
CA MET C 146 44.90 -29.59 -9.95
C MET C 146 43.76 -29.07 -10.81
N ILE C 147 44.04 -28.78 -12.08
CA ILE C 147 42.98 -28.30 -12.97
C ILE C 147 41.93 -29.38 -13.16
N GLN C 148 42.36 -30.63 -13.35
CA GLN C 148 41.41 -31.73 -13.48
C GLN C 148 40.60 -31.91 -12.21
N MET C 149 41.24 -31.77 -11.05
CA MET C 149 40.52 -31.88 -9.78
C MET C 149 39.48 -30.78 -9.65
N MET C 150 39.82 -29.55 -10.03
CA MET C 150 38.86 -28.46 -9.96
C MET C 150 37.70 -28.68 -10.92
N LYS C 151 37.99 -29.17 -12.13
CA LYS C 151 36.92 -29.47 -13.06
C LYS C 151 36.00 -30.56 -12.52
N ASP C 152 36.59 -31.59 -11.92
CA ASP C 152 35.78 -32.66 -11.31
C ASP C 152 34.92 -32.12 -10.18
N HIS C 153 35.48 -31.22 -9.36
CA HIS C 153 34.71 -30.61 -8.29
C HIS C 153 33.54 -29.81 -8.83
N ASN C 154 33.76 -29.04 -9.90
CA ASN C 154 32.67 -28.26 -10.49
C ASN C 154 31.60 -29.17 -11.07
N SER C 155 32.00 -30.23 -11.76
CA SER C 155 31.03 -31.16 -12.30
C SER C 155 30.23 -31.84 -11.19
N LEU C 156 30.91 -32.21 -10.10
CA LEU C 156 30.21 -32.80 -8.96
C LEU C 156 29.22 -31.81 -8.36
N LEU C 157 29.60 -30.54 -8.25
CA LEU C 157 28.68 -29.53 -7.74
C LEU C 157 27.45 -29.44 -8.62
N ARG C 158 27.64 -29.41 -9.95
CA ARG C 158 26.50 -29.30 -10.84
C ARG C 158 25.59 -30.52 -10.75
N VAL C 159 26.17 -31.72 -10.72
CA VAL C 159 25.37 -32.93 -10.63
C VAL C 159 24.60 -32.97 -9.31
N CYS C 160 25.27 -32.63 -8.22
CA CYS C 160 24.61 -32.64 -6.92
C CYS C 160 23.48 -31.62 -6.87
N VAL C 161 23.68 -30.46 -7.48
CA VAL C 161 22.63 -29.44 -7.48
C VAL C 161 21.45 -29.89 -8.33
N ARG C 162 21.71 -30.56 -9.45
CA ARG C 162 20.60 -31.08 -10.25
C ARG C 162 19.81 -32.12 -9.45
N ILE C 163 20.51 -33.02 -8.76
CA ILE C 163 19.82 -34.02 -7.93
C ILE C 163 19.03 -33.33 -6.83
N GLU C 164 19.60 -32.29 -6.23
CA GLU C 164 18.92 -31.55 -5.18
C GLU C 164 17.64 -30.91 -5.70
N VAL C 165 17.69 -30.32 -6.89
CA VAL C 165 16.50 -29.71 -7.48
C VAL C 165 15.44 -30.77 -7.75
N TRP C 166 15.85 -31.91 -8.29
CA TRP C 166 14.87 -32.97 -8.53
C TRP C 166 14.23 -33.44 -7.23
N LYS C 167 15.04 -33.59 -6.17
CA LYS C 167 14.48 -34.02 -4.89
C LYS C 167 13.56 -32.97 -4.31
N ALA C 168 13.88 -31.69 -4.51
CA ALA C 168 12.97 -30.64 -4.07
C ALA C 168 11.63 -30.74 -4.78
N ARG C 169 11.67 -30.98 -6.10
CA ARG C 169 10.41 -31.18 -6.83
C ARG C 169 9.65 -32.38 -6.29
N TYR C 170 10.34 -33.49 -6.05
CA TYR C 170 9.68 -34.69 -5.56
C TYR C 170 9.03 -34.43 -4.21
N VAL C 171 9.73 -33.73 -3.32
CA VAL C 171 9.17 -33.44 -2.00
C VAL C 171 7.95 -32.54 -2.13
N SER C 172 8.04 -31.50 -2.96
CA SER C 172 6.94 -30.55 -3.06
C SER C 172 5.69 -31.13 -3.67
N LEU C 173 5.76 -32.31 -4.30
CA LEU C 173 4.57 -32.92 -4.86
C LEU C 173 3.54 -33.26 -3.79
N VAL C 174 3.99 -33.71 -2.62
CA VAL C 174 3.09 -34.16 -1.55
C VAL C 174 3.29 -33.39 -0.26
N ALA C 175 4.29 -32.50 -0.18
CA ALA C 175 4.57 -31.76 1.04
C ALA C 175 4.91 -30.32 0.63
N LEU C 176 3.90 -29.46 0.66
CA LEU C 176 4.08 -28.08 0.25
C LEU C 176 5.12 -27.39 1.13
N ASP C 177 5.53 -26.21 0.69
CA ASP C 177 6.49 -25.39 1.41
C ASP C 177 5.76 -24.26 2.10
N GLU C 178 6.00 -24.08 3.40
CA GLU C 178 5.30 -23.03 4.14
C GLU C 178 5.64 -21.64 3.64
N ARG C 179 6.71 -21.51 2.85
CA ARG C 179 7.11 -20.23 2.31
C ARG C 179 6.41 -19.87 1.00
N ILE C 180 5.65 -20.79 0.43
CA ILE C 180 4.90 -20.56 -0.80
C ILE C 180 3.45 -20.34 -0.42
N GLN C 181 2.94 -19.13 -0.67
CA GLN C 181 1.56 -18.79 -0.33
C GLN C 181 0.82 -18.21 -1.52
N THR C 182 1.54 -17.53 -2.41
CA THR C 182 0.95 -16.86 -3.57
C THR C 182 1.72 -17.25 -4.82
N LEU C 183 1.24 -16.76 -5.97
CA LEU C 183 1.91 -17.04 -7.23
C LEU C 183 3.29 -16.39 -7.26
N GLU C 184 3.42 -15.19 -6.69
CA GLU C 184 4.73 -14.54 -6.65
C GLU C 184 5.74 -15.38 -5.87
N ASP C 185 5.32 -15.92 -4.71
CA ASP C 185 6.20 -16.79 -3.95
C ASP C 185 6.51 -18.07 -4.71
N ALA C 186 5.49 -18.67 -5.34
CA ALA C 186 5.71 -19.89 -6.10
C ALA C 186 6.56 -19.66 -7.34
N GLN C 187 6.75 -18.41 -7.74
CA GLN C 187 7.56 -18.11 -8.91
C GLN C 187 9.04 -18.39 -8.70
N TRP C 188 9.46 -18.57 -7.44
CA TRP C 188 10.87 -18.74 -7.11
C TRP C 188 11.19 -20.14 -6.60
N PHE C 189 10.23 -21.06 -6.62
CA PHE C 189 10.52 -22.43 -6.23
C PHE C 189 11.50 -23.05 -7.24
N PRO C 190 12.42 -23.92 -6.79
CA PRO C 190 12.70 -24.30 -5.40
C PRO C 190 13.50 -23.25 -4.64
N TYR C 191 13.35 -23.22 -3.32
CA TYR C 191 14.07 -22.30 -2.45
C TYR C 191 15.32 -23.01 -1.94
N LEU C 192 16.46 -22.72 -2.57
CA LEU C 192 17.72 -23.36 -2.23
C LEU C 192 18.77 -22.30 -1.92
N SER C 193 19.87 -22.74 -1.32
CA SER C 193 20.88 -21.83 -0.82
C SER C 193 21.62 -21.16 -1.97
N GLY C 194 22.57 -20.30 -1.63
CA GLY C 194 23.31 -19.57 -2.65
C GLY C 194 24.17 -20.46 -3.52
N ASP C 195 24.79 -21.48 -2.92
CA ASP C 195 25.67 -22.36 -3.70
C ASP C 195 24.88 -23.08 -4.79
N SER C 196 23.68 -23.55 -4.46
CA SER C 196 22.87 -24.25 -5.46
C SER C 196 22.51 -23.31 -6.61
N TYR C 197 22.17 -22.06 -6.30
CA TYR C 197 21.89 -21.10 -7.36
C TYR C 197 23.13 -20.85 -8.21
N ARG C 198 24.29 -20.73 -7.58
N ARG C 198 24.29 -20.73 -7.58
CA ARG C 198 25.52 -20.47 -8.33
CA ARG C 198 25.52 -20.47 -8.32
C ARG C 198 25.84 -21.62 -9.29
C ARG C 198 25.82 -21.62 -9.28
N ALA C 199 25.70 -22.87 -8.81
CA ALA C 199 26.06 -24.00 -9.66
C ALA C 199 25.12 -24.13 -10.86
N CYS C 200 23.82 -24.00 -10.63
CA CYS C 200 22.81 -24.22 -11.67
C CYS C 200 21.83 -23.04 -11.65
N PRO C 201 22.24 -21.87 -12.14
CA PRO C 201 21.36 -20.70 -12.06
C PRO C 201 20.05 -20.87 -12.81
N GLY C 202 20.02 -21.68 -13.87
CA GLY C 202 18.81 -21.85 -14.64
C GLY C 202 17.78 -22.78 -14.04
N LEU C 203 18.15 -23.56 -13.03
CA LEU C 203 17.26 -24.53 -12.41
C LEU C 203 16.86 -24.16 -10.99
N VAL C 204 17.66 -23.37 -10.29
CA VAL C 204 17.49 -23.11 -8.87
C VAL C 204 16.95 -21.70 -8.70
N GLY C 205 15.81 -21.59 -8.03
CA GLY C 205 15.20 -20.32 -7.71
C GLY C 205 15.58 -19.85 -6.32
N GLY C 206 14.65 -19.17 -5.66
CA GLY C 206 14.83 -18.74 -4.30
C GLY C 206 15.26 -17.30 -4.18
N TYR C 207 15.84 -16.99 -3.02
CA TYR C 207 16.23 -15.62 -2.71
C TYR C 207 17.28 -15.10 -3.70
N PHE C 208 18.27 -15.93 -4.03
CA PHE C 208 19.32 -15.48 -4.92
C PHE C 208 18.81 -15.30 -6.35
N ALA C 209 17.93 -16.19 -6.81
CA ALA C 209 17.32 -16.00 -8.12
C ALA C 209 16.49 -14.73 -8.15
N LYS C 210 15.74 -14.46 -7.08
CA LYS C 210 14.98 -13.21 -6.98
C LYS C 210 15.90 -12.01 -7.08
N LYS C 211 17.01 -12.05 -6.34
CA LYS C 211 17.96 -10.93 -6.37
C LYS C 211 18.53 -10.74 -7.77
N ALA C 212 18.92 -11.84 -8.42
CA ALA C 212 19.49 -11.72 -9.75
C ALA C 212 18.49 -11.16 -10.75
N ALA C 213 17.24 -11.62 -10.68
CA ALA C 213 16.23 -11.09 -11.58
C ALA C 213 15.96 -9.61 -11.32
N ALA C 214 15.93 -9.21 -10.05
CA ALA C 214 15.60 -7.83 -9.73
C ALA C 214 16.67 -6.86 -10.24
N GLY C 215 17.94 -7.24 -10.11
CA GLY C 215 19.04 -6.34 -10.43
C GLY C 215 19.36 -6.30 -11.91
N GLU C 216 20.57 -5.81 -12.20
CA GLU C 216 21.02 -5.71 -13.58
C GLU C 216 21.12 -7.09 -14.22
N ARG C 217 20.69 -7.19 -15.48
CA ARG C 217 20.70 -8.44 -16.23
C ARG C 217 21.71 -8.29 -17.37
N GLY C 218 22.82 -9.01 -17.27
CA GLY C 218 23.85 -8.98 -18.29
C GLY C 218 23.68 -10.08 -19.33
N LYS C 219 24.71 -10.24 -20.15
CA LYS C 219 24.69 -11.30 -21.15
C LYS C 219 24.75 -12.69 -20.53
N ASN C 220 25.26 -12.82 -19.31
CA ASN C 220 25.39 -14.10 -18.64
C ASN C 220 24.19 -14.44 -17.77
N TYR C 221 23.21 -13.56 -17.65
CA TYR C 221 22.03 -13.86 -16.86
C TYR C 221 21.25 -15.01 -17.49
N LYS C 222 20.77 -15.91 -16.63
CA LYS C 222 20.05 -17.10 -17.06
C LYS C 222 18.69 -17.12 -16.37
N LYS C 223 17.61 -17.20 -17.16
CA LYS C 223 16.28 -17.20 -16.59
C LYS C 223 15.98 -18.52 -15.89
N LEU C 224 15.23 -18.45 -14.80
CA LEU C 224 14.90 -19.62 -14.00
C LEU C 224 13.92 -20.50 -14.77
N ASN C 225 14.37 -21.67 -15.21
CA ASN C 225 13.50 -22.65 -15.87
C ASN C 225 12.90 -23.52 -14.78
N GLN C 226 11.73 -23.12 -14.28
CA GLN C 226 11.14 -23.80 -13.13
C GLN C 226 10.84 -25.26 -13.44
N THR C 227 10.45 -25.57 -14.68
CA THR C 227 10.03 -26.92 -15.05
C THR C 227 11.00 -27.55 -16.06
N ALA C 228 12.28 -27.21 -15.97
CA ALA C 228 13.27 -27.83 -16.84
C ALA C 228 13.32 -29.33 -16.58
N ILE C 229 13.50 -30.09 -17.66
CA ILE C 229 13.45 -31.54 -17.55
C ILE C 229 14.70 -32.06 -16.87
N ILE C 230 14.51 -32.84 -15.81
CA ILE C 230 15.61 -33.43 -15.05
C ILE C 230 15.29 -34.90 -14.84
N PRO C 231 16.06 -35.83 -15.38
CA PRO C 231 15.78 -37.26 -15.16
C PRO C 231 15.93 -37.62 -13.70
N PRO C 232 15.27 -38.70 -13.25
CA PRO C 232 15.43 -39.11 -11.86
C PRO C 232 16.89 -39.42 -11.55
N PRO C 233 17.31 -39.21 -10.30
CA PRO C 233 18.73 -39.45 -9.98
C PRO C 233 19.22 -40.83 -10.34
N ARG C 234 18.40 -41.87 -10.15
CA ARG C 234 18.83 -43.20 -10.56
C ARG C 234 19.09 -43.27 -12.05
N PHE C 235 18.44 -42.40 -12.82
CA PHE C 235 18.73 -42.26 -14.25
C PHE C 235 19.83 -41.24 -14.50
N LEU C 236 19.86 -40.16 -13.72
CA LEU C 236 20.80 -39.08 -13.99
C LEU C 236 22.24 -39.54 -13.84
N ILE C 237 22.54 -40.33 -12.80
CA ILE C 237 23.91 -40.81 -12.61
C ILE C 237 24.31 -41.75 -13.73
N ILE C 238 23.37 -42.57 -14.20
CA ILE C 238 23.65 -43.46 -15.32
C ILE C 238 23.68 -42.70 -16.64
N GLY C 239 23.14 -41.48 -16.68
CA GLY C 239 23.10 -40.71 -17.90
C GLY C 239 21.93 -41.03 -18.82
N HIS C 240 21.07 -41.97 -18.43
CA HIS C 240 19.92 -42.34 -19.26
C HIS C 240 18.95 -41.16 -19.31
N ARG C 241 18.93 -40.46 -20.44
CA ARG C 241 18.00 -39.36 -20.60
C ARG C 241 16.57 -39.86 -20.57
N LEU C 242 15.72 -39.17 -19.83
CA LEU C 242 14.32 -39.58 -19.72
C LEU C 242 13.64 -39.50 -21.09
N GLN C 243 12.87 -40.53 -21.41
CA GLN C 243 12.20 -40.61 -22.71
C GLN C 243 10.97 -41.48 -22.58
N ILE C 244 10.17 -41.51 -23.64
CA ILE C 244 8.94 -42.30 -23.63
C ILE C 244 9.29 -43.77 -23.49
N GLY C 245 8.50 -44.48 -22.68
CA GLY C 245 8.70 -45.90 -22.45
C GLY C 245 9.44 -46.23 -21.17
N ASP C 246 10.07 -45.25 -20.53
CA ASP C 246 10.77 -45.50 -19.29
C ASP C 246 9.81 -46.03 -18.22
N GLN C 247 10.27 -47.03 -17.47
CA GLN C 247 9.50 -47.59 -16.36
C GLN C 247 9.76 -46.72 -15.14
N VAL C 248 8.87 -45.77 -14.88
CA VAL C 248 9.02 -44.83 -13.77
C VAL C 248 7.70 -44.73 -13.02
N THR C 249 7.80 -44.27 -11.78
CA THR C 249 6.62 -44.05 -10.96
C THR C 249 5.98 -42.70 -11.30
N LEU C 250 4.69 -42.58 -11.00
CA LEU C 250 3.98 -41.34 -11.28
C LEU C 250 4.64 -40.17 -10.57
N ARG C 251 4.91 -40.32 -9.28
CA ARG C 251 5.46 -39.20 -8.52
C ARG C 251 6.83 -38.80 -9.03
N GLU C 252 7.70 -39.78 -9.31
CA GLU C 252 9.04 -39.45 -9.77
C GLU C 252 9.02 -38.85 -11.17
N LEU C 253 8.14 -39.34 -12.04
CA LEU C 253 8.00 -38.73 -13.35
C LEU C 253 7.54 -37.27 -13.24
N LEU C 254 6.53 -37.04 -12.39
CA LEU C 254 6.03 -35.67 -12.22
C LEU C 254 7.12 -34.76 -11.68
N ALA C 255 7.88 -35.24 -10.69
CA ALA C 255 9.00 -34.45 -10.18
C ALA C 255 10.05 -34.23 -11.27
N SER C 256 10.15 -35.16 -12.22
CA SER C 256 11.09 -34.99 -13.32
C SER C 256 10.66 -33.87 -14.26
N ILE C 257 9.37 -33.81 -14.59
CA ILE C 257 8.90 -32.83 -15.56
C ILE C 257 8.20 -31.64 -14.92
N ALA C 258 7.72 -31.75 -13.69
CA ALA C 258 6.96 -30.67 -13.06
C ALA C 258 7.15 -30.76 -11.55
N TRP C 259 6.34 -30.01 -10.81
CA TRP C 259 6.37 -30.03 -9.36
C TRP C 259 4.94 -29.94 -8.85
N GLY C 260 4.79 -29.65 -7.56
CA GLY C 260 3.49 -29.77 -6.92
C GLY C 260 2.45 -28.83 -7.50
N LEU C 261 2.82 -27.57 -7.71
CA LEU C 261 1.86 -26.56 -8.12
C LEU C 261 1.67 -26.48 -9.64
N CYS C 262 2.32 -27.33 -10.41
CA CYS C 262 2.03 -27.41 -11.83
C CYS C 262 0.65 -28.04 -12.04
N ASP C 263 0.00 -27.62 -13.12
CA ASP C 263 -1.37 -28.07 -13.36
C ASP C 263 -1.43 -29.58 -13.46
N GLY C 264 -2.51 -30.16 -12.92
CA GLY C 264 -2.65 -31.60 -12.86
C GLY C 264 -2.69 -32.30 -14.19
N VAL C 265 -2.90 -31.56 -15.29
CA VAL C 265 -3.01 -32.18 -16.60
C VAL C 265 -1.75 -32.93 -16.96
N LEU C 266 -0.61 -32.53 -16.40
CA LEU C 266 0.64 -33.23 -16.69
C LEU C 266 0.60 -34.68 -16.26
N ALA C 267 -0.32 -35.03 -15.35
CA ALA C 267 -0.47 -36.43 -14.97
C ALA C 267 -0.82 -37.32 -16.15
N GLU C 268 -1.34 -36.73 -17.24
CA GLU C 268 -1.61 -37.51 -18.44
C GLU C 268 -0.35 -38.10 -19.05
N CYS C 269 0.83 -37.61 -18.65
CA CYS C 269 2.09 -38.14 -19.15
C CYS C 269 2.46 -39.48 -18.52
N TRP C 270 1.58 -40.07 -17.71
CA TRP C 270 1.86 -41.32 -17.04
C TRP C 270 0.73 -42.31 -17.32
N SER C 271 1.07 -43.59 -17.30
CA SER C 271 0.11 -44.66 -17.54
C SER C 271 0.50 -45.90 -16.75
N PRO C 272 -0.37 -46.41 -15.87
CA PRO C 272 -0.01 -47.62 -15.12
C PRO C 272 0.27 -48.79 -16.06
N SER C 273 1.23 -49.62 -15.66
CA SER C 273 1.58 -50.80 -16.43
C SER C 273 0.60 -51.93 -16.14
N GLN C 274 0.80 -53.07 -16.81
CA GLN C 274 -0.07 -54.21 -16.60
C GLN C 274 -0.05 -54.62 -15.13
N GLY C 275 -1.24 -54.89 -14.59
CA GLY C 275 -1.38 -55.22 -13.20
C GLY C 275 -1.26 -54.06 -12.25
N ASP C 276 -1.35 -52.83 -12.76
CA ASP C 276 -1.23 -51.63 -11.93
C ASP C 276 0.12 -51.61 -11.22
N GLY C 277 0.18 -52.10 -9.99
CA GLY C 277 1.43 -52.10 -9.27
C GLY C 277 1.86 -50.69 -8.88
N SER C 278 3.18 -50.50 -8.77
CA SER C 278 3.74 -49.21 -8.37
C SER C 278 4.55 -48.53 -9.45
N ILE C 279 5.01 -49.25 -10.47
CA ILE C 279 5.81 -48.70 -11.55
C ILE C 279 5.03 -48.83 -12.86
N GLY C 280 4.87 -47.71 -13.56
CA GLY C 280 4.15 -47.70 -14.82
C GLY C 280 5.06 -47.44 -16.00
N VAL C 281 4.66 -46.53 -16.88
CA VAL C 281 5.44 -46.19 -18.06
C VAL C 281 5.11 -44.76 -18.47
N VAL C 282 6.08 -44.09 -19.07
CA VAL C 282 5.89 -42.74 -19.59
C VAL C 282 5.27 -42.84 -20.97
N VAL C 283 4.19 -42.08 -21.19
CA VAL C 283 3.52 -42.07 -22.48
C VAL C 283 3.87 -40.85 -23.33
N GLY C 284 4.32 -39.77 -22.70
CA GLY C 284 4.67 -38.57 -23.46
C GLY C 284 5.39 -37.59 -22.56
N LEU C 285 5.88 -36.52 -23.19
CA LEU C 285 6.58 -35.47 -22.47
C LEU C 285 6.06 -34.10 -22.89
N PRO C 286 6.07 -33.11 -22.00
CA PRO C 286 5.60 -31.78 -22.38
C PRO C 286 6.62 -31.04 -23.24
N LEU C 287 6.15 -29.98 -23.87
CA LEU C 287 6.97 -29.11 -24.69
C LEU C 287 6.98 -27.72 -24.09
N GLN C 288 8.17 -27.15 -23.93
CA GLN C 288 8.31 -25.82 -23.34
C GLN C 288 8.13 -24.76 -24.41
N ALA C 289 7.07 -23.97 -24.29
CA ALA C 289 6.82 -22.88 -25.23
C ALA C 289 7.82 -21.75 -25.00
N THR C 290 8.21 -21.10 -26.09
CA THR C 290 9.18 -20.03 -26.03
C THR C 290 8.54 -18.78 -25.44
N GLY C 291 9.36 -17.74 -25.26
CA GLY C 291 8.88 -16.48 -24.73
C GLY C 291 8.27 -15.59 -25.79
N SER C 292 7.01 -15.21 -25.60
CA SER C 292 6.31 -14.36 -26.56
C SER C 292 5.25 -13.58 -25.81
N CYS C 293 5.49 -12.30 -25.58
CA CYS C 293 4.55 -11.44 -24.88
C CYS C 293 3.54 -10.86 -25.87
N PHE C 294 2.27 -10.90 -25.50
CA PHE C 294 1.18 -10.43 -26.35
C PHE C 294 0.60 -9.10 -25.88
N LEU C 295 1.35 -8.35 -25.06
CA LEU C 295 0.85 -7.09 -24.56
C LEU C 295 0.72 -6.05 -25.68
N VAL C 296 -0.17 -5.10 -25.47
CA VAL C 296 -0.26 -3.91 -26.30
C VAL C 296 -0.49 -2.71 -25.39
N VAL C 297 0.58 -1.97 -25.11
CA VAL C 297 0.47 -0.86 -24.15
C VAL C 297 -0.40 0.25 -24.73
N ALA C 298 -0.91 1.10 -23.84
CA ALA C 298 -1.70 2.24 -24.26
C ALA C 298 -0.81 3.24 -24.98
N SER C 299 -1.22 3.64 -26.18
CA SER C 299 -0.44 4.56 -26.98
C SER C 299 -1.36 5.33 -27.92
N HIS C 300 -1.18 6.64 -27.98
CA HIS C 300 -1.91 7.48 -28.92
C HIS C 300 -3.42 7.38 -28.73
N GLY C 301 -3.85 7.17 -27.47
CA GLY C 301 -5.25 7.14 -27.14
C GLY C 301 -5.88 5.76 -27.14
N LEU C 302 -5.15 4.73 -27.56
CA LEU C 302 -5.68 3.38 -27.52
C LEU C 302 -5.59 2.80 -26.11
N SER C 303 -6.55 1.94 -25.78
CA SER C 303 -6.60 1.34 -24.46
C SER C 303 -5.65 0.14 -24.39
N ALA C 304 -5.13 -0.11 -23.19
CA ALA C 304 -4.19 -1.20 -22.99
C ALA C 304 -4.89 -2.54 -23.13
N ILE C 305 -4.19 -3.51 -23.72
CA ILE C 305 -4.69 -4.87 -23.89
C ILE C 305 -3.77 -5.78 -23.09
N ALA C 306 -4.35 -6.54 -22.16
CA ALA C 306 -3.55 -7.49 -21.38
C ALA C 306 -3.14 -8.69 -22.22
N ASP C 307 -3.96 -9.07 -23.20
CA ASP C 307 -3.66 -10.21 -24.06
C ASP C 307 -4.40 -10.03 -25.37
N SER C 308 -3.65 -9.99 -26.48
CA SER C 308 -4.28 -9.76 -27.78
C SER C 308 -5.19 -10.91 -28.17
N ARG C 309 -4.81 -12.15 -27.85
CA ARG C 309 -5.59 -13.31 -28.28
C ARG C 309 -6.96 -13.35 -27.62
N ILE C 310 -7.03 -12.99 -26.33
CA ILE C 310 -8.25 -13.18 -25.55
C ILE C 310 -9.13 -11.94 -25.51
N GLU C 311 -8.56 -10.74 -25.65
CA GLU C 311 -9.35 -9.53 -25.44
C GLU C 311 -10.45 -9.39 -26.48
N GLY C 312 -10.17 -9.73 -27.73
CA GLY C 312 -11.13 -9.55 -28.80
C GLY C 312 -12.45 -10.24 -28.58
N THR C 313 -12.44 -11.58 -28.57
CA THR C 313 -13.69 -12.33 -28.45
C THR C 313 -14.22 -12.36 -27.03
N GLY C 314 -13.39 -12.03 -26.04
CA GLY C 314 -13.82 -12.04 -24.66
C GLY C 314 -13.86 -13.39 -24.00
N ASN C 315 -13.22 -14.41 -24.58
CA ASN C 315 -13.17 -15.75 -24.00
C ASN C 315 -12.18 -15.72 -22.83
N THR C 316 -12.64 -15.19 -21.71
CA THR C 316 -11.81 -15.02 -20.53
C THR C 316 -11.58 -16.33 -19.78
N ASN C 317 -12.33 -17.38 -20.07
CA ASN C 317 -12.17 -18.64 -19.36
C ASN C 317 -10.79 -19.21 -19.60
N LEU C 318 -10.16 -19.71 -18.54
CA LEU C 318 -8.82 -20.28 -18.63
C LEU C 318 -8.80 -21.79 -18.69
N LEU C 319 -9.91 -22.45 -18.32
CA LEU C 319 -9.95 -23.91 -18.32
C LEU C 319 -9.87 -24.50 -19.72
N GLU C 320 -10.03 -23.69 -20.77
CA GLU C 320 -9.96 -24.18 -22.14
C GLU C 320 -8.53 -24.37 -22.63
N GLU C 321 -7.54 -23.82 -21.93
CA GLU C 321 -6.17 -23.86 -22.41
C GLU C 321 -5.65 -25.30 -22.45
N CYS C 322 -4.76 -25.56 -23.40
CA CYS C 322 -4.25 -26.89 -23.65
C CYS C 322 -2.72 -26.90 -23.57
N ILE C 323 -2.17 -28.08 -23.30
CA ILE C 323 -0.73 -28.31 -23.30
C ILE C 323 -0.41 -29.28 -24.42
N ALA C 324 0.74 -29.08 -25.05
CA ALA C 324 1.19 -29.91 -26.18
C ALA C 324 2.06 -31.04 -25.63
N ILE C 325 1.47 -32.22 -25.48
CA ILE C 325 2.20 -33.39 -25.05
C ILE C 325 2.71 -34.11 -26.29
N GLN C 326 4.02 -34.25 -26.41
CA GLN C 326 4.62 -35.00 -27.51
C GLN C 326 4.75 -36.46 -27.07
N LYS C 327 4.12 -37.35 -27.84
CA LYS C 327 4.13 -38.78 -27.58
C LYS C 327 4.87 -39.49 -28.71
N GLN C 328 4.92 -40.82 -28.62
CA GLN C 328 5.55 -41.60 -29.67
C GLN C 328 4.82 -41.42 -31.00
N ASP C 329 3.49 -41.43 -30.96
CA ASP C 329 2.71 -41.22 -32.19
C ASP C 329 2.86 -39.80 -32.70
N GLY C 330 2.77 -38.82 -31.81
CA GLY C 330 2.89 -37.43 -32.22
C GLY C 330 2.49 -36.50 -31.08
N VAL C 331 2.32 -35.24 -31.45
CA VAL C 331 1.96 -34.19 -30.49
C VAL C 331 0.44 -34.11 -30.40
N ILE C 332 -0.07 -33.97 -29.18
CA ILE C 332 -1.51 -33.86 -28.94
C ILE C 332 -1.76 -32.72 -27.96
N LYS C 333 -2.84 -31.98 -28.18
CA LYS C 333 -3.25 -30.91 -27.30
C LYS C 333 -4.21 -31.46 -26.25
N CYS C 334 -3.80 -31.44 -24.98
CA CYS C 334 -4.60 -31.94 -23.87
C CYS C 334 -5.13 -30.77 -23.06
N LYS C 335 -6.43 -30.79 -22.78
CA LYS C 335 -7.06 -29.72 -22.03
C LYS C 335 -6.63 -29.76 -20.57
N ARG C 336 -6.34 -28.59 -20.02
CA ARG C 336 -5.86 -28.50 -18.64
C ARG C 336 -6.93 -28.93 -17.65
N SER C 337 -6.49 -29.54 -16.55
CA SER C 337 -7.40 -29.94 -15.49
C SER C 337 -7.84 -28.75 -14.64
N GLY C 338 -7.01 -27.72 -14.53
CA GLY C 338 -7.33 -26.56 -13.71
C GLY C 338 -7.11 -26.75 -12.23
N LYS C 339 -6.50 -27.86 -11.82
CA LYS C 339 -6.27 -28.16 -10.42
C LYS C 339 -4.79 -28.50 -10.21
N SER C 340 -4.27 -28.10 -9.05
CA SER C 340 -2.85 -28.28 -8.78
C SER C 340 -2.49 -29.77 -8.77
N LEU C 341 -1.24 -30.05 -9.17
CA LEU C 341 -0.77 -31.44 -9.16
C LEU C 341 -0.81 -32.02 -7.76
N TYR C 342 -0.45 -31.23 -6.75
CA TYR C 342 -0.50 -31.72 -5.38
C TYR C 342 -1.92 -32.10 -4.99
N HIS C 343 -2.89 -31.26 -5.35
CA HIS C 343 -4.29 -31.57 -5.03
C HIS C 343 -4.74 -32.84 -5.74
N CYS C 344 -4.37 -32.99 -7.02
CA CYS C 344 -4.77 -34.19 -7.75
C CYS C 344 -4.16 -35.45 -7.13
N LEU C 345 -2.88 -35.40 -6.77
CA LEU C 345 -2.26 -36.55 -6.14
C LEU C 345 -2.90 -36.86 -4.79
N LYS C 346 -3.22 -35.82 -4.02
CA LYS C 346 -3.87 -36.03 -2.72
C LYS C 346 -5.24 -36.67 -2.90
N GLU C 347 -6.02 -36.19 -3.88
CA GLU C 347 -7.37 -36.70 -4.08
C GLU C 347 -7.36 -38.12 -4.63
N THR C 348 -6.41 -38.43 -5.51
CA THR C 348 -6.33 -39.78 -6.06
C THR C 348 -5.80 -40.79 -5.05
N ALA C 349 -5.11 -40.31 -4.01
CA ALA C 349 -4.59 -41.17 -2.96
C ALA C 349 -5.54 -41.33 -1.79
N GLY C 350 -6.71 -40.70 -1.84
CA GLY C 350 -7.68 -40.79 -0.76
C GLY C 350 -8.26 -42.18 -0.62
N GLU E 34 4.01 -43.24 31.48
CA GLU E 34 2.59 -42.94 31.66
C GLU E 34 2.23 -41.65 30.91
N LEU E 35 2.99 -40.59 31.16
CA LEU E 35 2.78 -39.31 30.52
C LEU E 35 4.09 -38.80 29.94
N PRO E 36 4.04 -38.04 28.85
CA PRO E 36 5.27 -37.44 28.32
C PRO E 36 5.90 -36.48 29.31
N ARG E 37 7.08 -35.99 28.96
CA ARG E 37 7.79 -35.05 29.82
C ARG E 37 7.00 -33.76 29.99
N ASN E 38 6.42 -33.25 28.90
CA ASN E 38 5.77 -31.94 28.95
C ASN E 38 4.57 -31.95 29.90
N LEU E 39 3.67 -32.92 29.73
CA LEU E 39 2.47 -32.95 30.56
C LEU E 39 2.82 -33.22 32.02
N GLU E 40 3.79 -34.10 32.27
CA GLU E 40 4.22 -34.36 33.64
C GLU E 40 4.78 -33.10 34.27
N VAL E 41 5.61 -32.35 33.54
CA VAL E 41 6.17 -31.12 34.07
C VAL E 41 5.07 -30.11 34.37
N PHE E 42 4.10 -29.98 33.47
CA PHE E 42 3.01 -29.04 33.69
C PHE E 42 2.19 -29.41 34.91
N ASN E 43 1.89 -30.70 35.06
CA ASN E 43 1.12 -31.15 36.22
C ASN E 43 1.90 -30.91 37.51
N GLU E 44 3.19 -31.21 37.52
CA GLU E 44 3.99 -30.97 38.71
C GLU E 44 4.02 -29.49 39.05
N ALA E 45 4.21 -28.62 38.05
CA ALA E 45 4.26 -27.19 38.31
C ALA E 45 2.93 -26.67 38.84
N CYS E 46 1.82 -27.10 38.25
CA CYS E 46 0.52 -26.64 38.71
C CYS E 46 0.24 -27.12 40.12
N GLY E 47 0.59 -28.37 40.44
CA GLY E 47 0.41 -28.87 41.79
C GLY E 47 1.26 -28.10 42.80
N HIS E 48 2.51 -27.80 42.43
CA HIS E 48 3.39 -27.07 43.33
C HIS E 48 2.89 -25.65 43.58
N VAL E 49 2.40 -24.98 42.53
CA VAL E 49 2.04 -23.57 42.64
C VAL E 49 0.62 -23.34 43.15
N PHE E 50 -0.27 -24.32 43.01
CA PHE E 50 -1.67 -24.14 43.39
C PHE E 50 -2.17 -25.22 44.33
N GLY E 51 -1.38 -26.25 44.61
CA GLY E 51 -1.81 -27.28 45.55
C GLY E 51 -3.09 -27.94 45.10
N SER E 52 -3.99 -28.18 46.06
CA SER E 52 -5.25 -28.85 45.77
C SER E 52 -6.30 -27.93 45.17
N SER E 53 -6.07 -26.61 45.18
CA SER E 53 -7.04 -25.68 44.61
C SER E 53 -7.13 -25.76 43.10
N PHE E 54 -6.21 -26.47 42.44
CA PHE E 54 -6.20 -26.60 41.00
C PHE E 54 -7.10 -27.76 40.60
N ASN E 55 -8.30 -27.45 40.12
CA ASN E 55 -9.20 -28.48 39.64
C ASN E 55 -8.70 -29.02 38.30
N ARG E 56 -8.63 -30.34 38.19
CA ARG E 56 -8.07 -30.99 37.02
C ARG E 56 -9.10 -31.29 35.94
N GLU E 57 -10.37 -30.93 36.14
CA GLU E 57 -11.44 -31.25 35.22
C GLU E 57 -12.18 -30.01 34.71
N ASP E 58 -11.68 -28.81 35.00
CA ASP E 58 -12.33 -27.57 34.59
C ASP E 58 -11.44 -26.88 33.57
N ASN E 59 -12.01 -26.58 32.40
CA ASN E 59 -11.23 -25.93 31.35
C ASN E 59 -10.80 -24.52 31.76
N SER E 60 -11.72 -23.75 32.35
CA SER E 60 -11.38 -22.38 32.72
C SER E 60 -10.28 -22.35 33.79
N VAL E 61 -10.36 -23.23 34.79
CA VAL E 61 -9.36 -23.25 35.84
C VAL E 61 -8.01 -23.63 35.28
N ILE E 62 -7.96 -24.65 34.41
CA ILE E 62 -6.70 -25.07 33.84
C ILE E 62 -6.11 -23.96 32.97
N SER E 63 -6.96 -23.29 32.19
CA SER E 63 -6.47 -22.19 31.36
C SER E 63 -5.90 -21.06 32.21
N ASP E 64 -6.59 -20.72 33.31
CA ASP E 64 -6.10 -19.65 34.17
C ASP E 64 -4.79 -20.05 34.86
N ALA E 65 -4.68 -21.29 35.32
CA ALA E 65 -3.44 -21.75 35.93
C ALA E 65 -2.30 -21.73 34.92
N ALA E 66 -2.57 -22.16 33.68
CA ALA E 66 -1.55 -22.12 32.65
C ALA E 66 -1.13 -20.69 32.35
N ALA E 67 -2.08 -19.76 32.32
CA ALA E 67 -1.73 -18.36 32.09
C ALA E 67 -0.85 -17.83 33.21
N PHE E 68 -1.20 -18.16 34.46
CA PHE E 68 -0.38 -17.71 35.58
C PHE E 68 1.04 -18.28 35.50
N LEU E 69 1.14 -19.58 35.19
CA LEU E 69 2.46 -20.20 35.08
C LEU E 69 3.26 -19.58 33.93
N PHE E 70 2.58 -19.24 32.83
CA PHE E 70 3.26 -18.60 31.72
C PHE E 70 3.76 -17.22 32.10
N LYS E 71 2.96 -16.47 32.87
CA LYS E 71 3.42 -15.18 33.35
C LYS E 71 4.63 -15.35 34.26
N MET E 72 4.62 -16.38 35.10
CA MET E 72 5.74 -16.62 36.00
C MET E 72 7.01 -16.98 35.22
N HIS E 73 6.91 -17.92 34.30
CA HIS E 73 8.08 -18.45 33.59
C HIS E 73 8.62 -17.50 32.54
N THR E 74 7.86 -16.46 32.17
CA THR E 74 8.37 -15.39 31.34
C THR E 74 8.78 -14.17 32.15
N HIS E 75 8.74 -14.26 33.48
CA HIS E 75 9.10 -13.15 34.36
C HIS E 75 8.23 -11.92 34.08
N SER E 76 6.93 -12.10 34.29
CA SER E 76 5.96 -11.03 34.16
C SER E 76 5.26 -10.67 35.46
N LEU E 77 5.25 -11.56 36.43
CA LEU E 77 4.61 -11.26 37.71
C LEU E 77 5.41 -10.20 38.46
N ASP E 78 4.78 -9.65 39.50
CA ASP E 78 5.43 -8.62 40.31
C ASP E 78 6.59 -9.21 41.09
N GLY E 79 7.66 -8.43 41.24
CA GLY E 79 8.79 -8.84 42.03
C GLY E 79 9.83 -9.68 41.30
N GLN E 80 9.75 -9.77 39.99
CA GLN E 80 10.72 -10.52 39.19
C GLN E 80 11.65 -9.56 38.47
N GLU E 81 12.73 -10.12 37.94
CA GLU E 81 13.79 -9.29 37.35
C GLU E 81 13.23 -8.42 36.23
N ALA E 82 13.65 -7.16 36.23
CA ALA E 82 13.21 -6.23 35.20
C ALA E 82 13.89 -6.54 33.87
N LYS E 83 13.16 -6.34 32.79
CA LYS E 83 13.66 -6.57 31.44
C LYS E 83 14.20 -5.25 30.90
N VAL E 84 15.52 -5.12 30.84
CA VAL E 84 16.18 -3.87 30.49
C VAL E 84 17.25 -4.04 29.42
N LEU E 85 17.50 -5.28 28.95
CA LEU E 85 18.59 -5.54 28.02
C LEU E 85 18.69 -4.48 26.94
N ARG E 86 17.61 -4.25 26.19
CA ARG E 86 17.56 -3.20 25.19
C ARG E 86 16.24 -2.42 25.28
N ALA E 87 15.65 -2.37 26.46
CA ALA E 87 14.35 -1.75 26.63
C ALA E 87 14.43 -0.24 26.45
N SER E 88 13.34 0.33 25.99
CA SER E 88 13.22 1.79 25.88
C SER E 88 12.89 2.38 27.24
N GLU E 89 13.17 3.68 27.38
CA GLU E 89 13.02 4.34 28.68
C GLU E 89 11.64 4.08 29.27
N LYS E 90 10.60 4.12 28.45
CA LYS E 90 9.26 3.79 28.93
C LYS E 90 9.21 2.35 29.43
N LYS E 91 9.76 1.42 28.63
CA LYS E 91 9.80 0.03 29.04
C LYS E 91 10.66 -0.16 30.28
N ARG E 92 11.80 0.55 30.35
CA ARG E 92 12.63 0.46 31.54
C ARG E 92 11.88 0.92 32.77
N GLU E 93 11.13 2.02 32.66
CA GLU E 93 10.34 2.51 33.79
C GLU E 93 9.29 1.49 34.20
N ARG E 94 8.59 0.92 33.23
CA ARG E 94 7.55 -0.05 33.55
C ARG E 94 8.13 -1.27 34.25
N GLU E 95 9.26 -1.77 33.75
CA GLU E 95 9.86 -2.96 34.36
C GLU E 95 10.46 -2.64 35.72
N ASN E 96 10.99 -1.43 35.91
CA ASN E 96 11.44 -1.02 37.24
C ASN E 96 10.28 -0.95 38.21
N ALA E 97 9.13 -0.45 37.76
CA ALA E 97 7.95 -0.45 38.60
C ALA E 97 7.54 -1.87 38.97
N LYS E 98 7.58 -2.78 38.01
CA LYS E 98 7.26 -4.18 38.30
C LYS E 98 8.22 -4.75 39.33
N LYS E 99 9.52 -4.50 39.16
CA LYS E 99 10.51 -5.03 40.08
C LYS E 99 10.31 -4.48 41.49
N SER E 100 10.06 -3.17 41.60
CA SER E 100 9.87 -2.57 42.91
C SER E 100 8.60 -3.08 43.58
N ARG E 101 7.56 -3.33 42.81
CA ARG E 101 6.29 -3.78 43.38
C ARG E 101 6.48 -5.09 44.12
N LYS E 102 5.75 -5.26 45.23
CA LYS E 102 5.86 -6.47 46.02
C LYS E 102 5.40 -7.68 45.22
N ALA E 103 6.06 -8.81 45.46
CA ALA E 103 5.71 -10.04 44.79
C ALA E 103 4.36 -10.55 45.30
N PRO E 104 3.68 -11.40 44.52
CA PRO E 104 2.40 -11.93 44.98
C PRO E 104 2.54 -12.66 46.31
N GLU E 105 1.53 -12.53 47.15
CA GLU E 105 1.53 -13.13 48.48
C GLU E 105 0.74 -14.43 48.47
N ALA E 106 1.15 -15.35 49.33
CA ALA E 106 0.49 -16.65 49.42
C ALA E 106 -0.98 -16.47 49.79
N GLY E 107 -1.83 -17.32 49.22
CA GLY E 107 -3.25 -17.23 49.43
C GLY E 107 -3.97 -16.23 48.54
N MET E 108 -3.26 -15.56 47.65
CA MET E 108 -3.89 -14.60 46.76
C MET E 108 -4.83 -15.30 45.80
N ARG E 109 -5.98 -14.68 45.54
CA ARG E 109 -6.97 -15.24 44.63
C ARG E 109 -6.53 -14.99 43.19
N VAL E 110 -6.52 -16.04 42.38
CA VAL E 110 -6.13 -15.99 40.98
C VAL E 110 -7.32 -16.41 40.13
N GLY E 111 -7.64 -15.62 39.12
CA GLY E 111 -8.75 -15.95 38.26
C GLY E 111 -10.05 -15.96 39.06
N ARG E 112 -10.64 -17.14 39.18
CA ARG E 112 -11.90 -17.31 39.92
C ARG E 112 -11.74 -18.20 41.14
N SER E 113 -11.23 -19.41 40.97
CA SER E 113 -11.16 -20.41 42.04
C SER E 113 -9.76 -21.00 42.13
N LEU E 114 -8.75 -20.14 42.11
CA LEU E 114 -7.36 -20.56 42.27
C LEU E 114 -6.74 -19.76 43.40
N ILE E 115 -6.06 -20.45 44.31
CA ILE E 115 -5.45 -19.85 45.49
C ILE E 115 -4.00 -20.28 45.56
N LEU E 116 -3.09 -19.32 45.73
CA LEU E 116 -1.67 -19.61 45.80
C LEU E 116 -1.34 -20.35 47.10
N THR E 117 -0.36 -21.25 47.01
CA THR E 117 0.16 -21.93 48.18
C THR E 117 1.38 -21.19 48.73
N SER E 118 1.69 -21.46 50.00
CA SER E 118 2.83 -20.81 50.63
C SER E 118 4.16 -21.24 50.03
N ARG E 119 4.20 -22.39 49.35
CA ARG E 119 5.42 -22.91 48.78
C ARG E 119 5.68 -22.42 47.36
N TRP E 120 4.72 -21.72 46.74
CA TRP E 120 4.89 -21.28 45.36
C TRP E 120 6.16 -20.46 45.19
N THR E 121 6.57 -19.73 46.22
CA THR E 121 7.79 -18.93 46.12
C THR E 121 9.00 -19.81 45.88
N GLU E 122 9.08 -20.95 46.58
CA GLU E 122 10.21 -21.85 46.38
C GLU E 122 10.24 -22.39 44.96
N TYR E 123 9.09 -22.78 44.42
CA TYR E 123 9.04 -23.27 43.05
C TYR E 123 9.45 -22.18 42.07
N CYS E 124 8.96 -20.96 42.28
CA CYS E 124 9.33 -19.86 41.40
C CYS E 124 10.83 -19.62 41.43
N ALA E 125 11.43 -19.69 42.62
CA ALA E 125 12.87 -19.45 42.73
C ALA E 125 13.67 -20.59 42.11
N THR E 126 13.18 -21.83 42.20
CA THR E 126 13.95 -22.99 41.79
C THR E 126 13.77 -23.34 40.31
N CYS E 127 12.54 -23.62 39.90
CA CYS E 127 12.30 -24.18 38.57
C CYS E 127 12.29 -23.14 37.46
N VAL E 128 12.20 -21.86 37.80
CA VAL E 128 12.20 -20.78 36.80
C VAL E 128 13.65 -20.47 36.44
N PRO E 129 14.05 -20.61 35.18
CA PRO E 129 15.40 -20.20 34.80
C PRO E 129 15.62 -18.72 35.05
N ALA E 130 16.85 -18.37 35.41
CA ALA E 130 17.20 -16.97 35.60
C ALA E 130 17.06 -16.22 34.29
N LEU E 131 16.69 -14.94 34.39
CA LEU E 131 16.45 -14.13 33.20
C LEU E 131 17.68 -14.16 32.30
N GLY E 132 17.45 -14.35 31.00
CA GLY E 132 18.52 -14.39 30.03
C GLY E 132 19.15 -15.75 29.83
N SER E 133 18.75 -16.77 30.59
CA SER E 133 19.31 -18.09 30.41
C SER E 133 19.02 -18.59 28.99
N LYS E 134 20.05 -19.15 28.36
CA LYS E 134 19.93 -19.68 27.01
C LYS E 134 20.44 -21.11 26.99
N MET E 135 19.79 -21.95 26.18
CA MET E 135 20.14 -23.37 26.17
C MET E 135 21.60 -23.59 25.80
N LYS E 136 22.16 -22.73 24.94
CA LYS E 136 23.58 -22.87 24.61
C LYS E 136 24.45 -22.66 25.83
N VAL E 137 24.13 -21.65 26.65
CA VAL E 137 24.92 -21.38 27.84
C VAL E 137 24.81 -22.54 28.82
N ILE E 138 23.61 -23.07 29.00
CA ILE E 138 23.43 -24.19 29.93
C ILE E 138 24.20 -25.41 29.44
N LYS E 139 24.15 -25.68 28.14
CA LYS E 139 24.89 -26.80 27.58
C LYS E 139 26.39 -26.62 27.79
N ALA E 140 26.89 -25.39 27.57
CA ALA E 140 28.30 -25.11 27.81
C ALA E 140 28.66 -25.34 29.27
N SER E 141 27.75 -24.99 30.19
CA SER E 141 28.00 -25.24 31.60
C SER E 141 28.17 -26.72 31.88
N GLY E 142 27.36 -27.56 31.24
CA GLY E 142 27.49 -29.00 31.38
C GLY E 142 26.76 -29.59 32.56
N ASP E 143 25.95 -28.82 33.27
CA ASP E 143 25.20 -29.35 34.40
C ASP E 143 23.95 -30.05 33.91
N ALA E 144 23.85 -31.36 34.20
CA ALA E 144 22.69 -32.12 33.75
C ALA E 144 21.40 -31.60 34.37
N ALA E 145 21.44 -31.28 35.66
CA ALA E 145 20.24 -30.77 36.32
C ALA E 145 19.78 -29.45 35.70
N MET E 146 20.71 -28.56 35.39
CA MET E 146 20.34 -27.29 34.76
C MET E 146 19.74 -27.53 33.37
N ILE E 147 20.31 -28.45 32.61
CA ILE E 147 19.77 -28.75 31.28
C ILE E 147 18.36 -29.30 31.40
N GLN E 148 18.13 -30.21 32.35
CA GLN E 148 16.81 -30.77 32.55
C GLN E 148 15.82 -29.68 32.97
N MET E 149 16.26 -28.76 33.84
CA MET E 149 15.38 -27.68 34.25
C MET E 149 15.00 -26.79 33.08
N MET E 150 15.97 -26.47 32.22
CA MET E 150 15.68 -25.65 31.05
C MET E 150 14.73 -26.37 30.10
N LYS E 151 14.92 -27.67 29.91
CA LYS E 151 14.01 -28.43 29.06
C LYS E 151 12.60 -28.43 29.63
N ASP E 152 12.48 -28.60 30.95
CA ASP E 152 11.18 -28.54 31.60
C ASP E 152 10.54 -27.17 31.41
N HIS E 153 11.32 -26.11 31.54
CA HIS E 153 10.81 -24.76 31.34
C HIS E 153 10.29 -24.57 29.92
N ASN E 154 11.05 -25.05 28.93
CA ASN E 154 10.61 -24.93 27.54
C ASN E 154 9.32 -25.70 27.29
N SER E 155 9.25 -26.94 27.79
CA SER E 155 8.04 -27.73 27.61
C SER E 155 6.85 -27.06 28.28
N LEU E 156 7.06 -26.49 29.47
CA LEU E 156 5.98 -25.80 30.15
C LEU E 156 5.51 -24.60 29.35
N LEU E 157 6.45 -23.83 28.78
CA LEU E 157 6.05 -22.69 27.97
C LEU E 157 5.23 -23.14 26.77
N ARG E 158 5.64 -24.21 26.10
CA ARG E 158 4.90 -24.69 24.95
C ARG E 158 3.48 -25.11 25.34
N VAL E 159 3.37 -25.88 26.43
CA VAL E 159 2.06 -26.35 26.86
C VAL E 159 1.17 -25.17 27.25
N CYS E 160 1.72 -24.22 28.01
CA CYS E 160 0.94 -23.07 28.45
C CYS E 160 0.46 -22.25 27.27
N VAL E 161 1.31 -22.07 26.25
CA VAL E 161 0.89 -21.26 25.11
C VAL E 161 -0.14 -22.01 24.26
N ARG E 162 -0.03 -23.34 24.17
CA ARG E 162 -1.09 -24.08 23.47
C ARG E 162 -2.43 -23.89 24.18
N ILE E 163 -2.42 -23.99 25.52
CA ILE E 163 -3.66 -23.78 26.26
C ILE E 163 -4.15 -22.34 26.10
N GLU E 164 -3.23 -21.39 26.05
CA GLU E 164 -3.59 -19.99 25.86
C GLU E 164 -4.29 -19.78 24.52
N VAL E 165 -3.77 -20.39 23.46
CA VAL E 165 -4.40 -20.26 22.16
C VAL E 165 -5.77 -20.91 22.17
N TRP E 166 -5.89 -22.09 22.79
CA TRP E 166 -7.20 -22.72 22.87
C TRP E 166 -8.19 -21.80 23.58
N LYS E 167 -7.77 -21.18 24.68
CA LYS E 167 -8.68 -20.31 25.42
C LYS E 167 -9.03 -19.07 24.61
N ALA E 168 -8.08 -18.53 23.85
CA ALA E 168 -8.40 -17.39 22.98
C ALA E 168 -9.46 -17.76 21.97
N ARG E 169 -9.33 -18.95 21.36
CA ARG E 169 -10.37 -19.41 20.44
C ARG E 169 -11.70 -19.54 21.15
N TYR E 170 -11.70 -20.13 22.35
CA TYR E 170 -12.95 -20.31 23.09
C TYR E 170 -13.62 -18.97 23.36
N VAL E 171 -12.83 -17.96 23.75
CA VAL E 171 -13.38 -16.64 24.03
C VAL E 171 -13.96 -16.04 22.75
N SER E 172 -13.24 -16.13 21.64
CA SER E 172 -13.67 -15.46 20.42
C SER E 172 -14.93 -16.07 19.82
N LEU E 173 -15.37 -17.24 20.30
CA LEU E 173 -16.59 -17.83 19.77
C LEU E 173 -17.80 -16.95 20.05
N VAL E 174 -17.88 -16.38 21.26
CA VAL E 174 -19.07 -15.67 21.73
C VAL E 174 -18.81 -14.20 21.98
N ALA E 175 -17.57 -13.74 21.89
CA ALA E 175 -17.24 -12.34 22.19
C ALA E 175 -16.23 -11.88 21.15
N LEU E 176 -16.73 -11.25 20.09
CA LEU E 176 -15.89 -10.78 19.00
C LEU E 176 -14.78 -9.89 19.53
N ASP E 177 -13.70 -9.75 18.76
CA ASP E 177 -12.60 -8.88 19.11
C ASP E 177 -12.78 -7.55 18.38
N GLU E 178 -12.65 -6.45 19.11
CA GLU E 178 -12.76 -5.13 18.51
C GLU E 178 -11.64 -4.85 17.52
N ARG E 179 -10.60 -5.67 17.52
CA ARG E 179 -9.46 -5.50 16.63
C ARG E 179 -9.64 -6.22 15.30
N ILE E 180 -10.64 -7.07 15.18
CA ILE E 180 -10.90 -7.85 13.97
C ILE E 180 -12.12 -7.23 13.28
N GLN E 181 -11.89 -6.47 12.22
CA GLN E 181 -12.97 -5.83 11.48
C GLN E 181 -13.08 -6.29 10.04
N THR E 182 -11.99 -6.76 9.42
CA THR E 182 -12.01 -7.26 8.06
C THR E 182 -11.32 -8.62 8.02
N LEU E 183 -11.38 -9.26 6.84
CA LEU E 183 -10.70 -10.54 6.68
C LEU E 183 -9.19 -10.38 6.86
N GLU E 184 -8.64 -9.25 6.43
CA GLU E 184 -7.21 -9.01 6.64
C GLU E 184 -6.87 -9.02 8.13
N ASP E 185 -7.70 -8.38 8.95
CA ASP E 185 -7.47 -8.40 10.39
C ASP E 185 -7.74 -9.78 10.98
N ALA E 186 -8.80 -10.45 10.53
CA ALA E 186 -9.13 -11.78 11.03
C ALA E 186 -8.09 -12.82 10.63
N GLN E 187 -7.23 -12.51 9.67
CA GLN E 187 -6.26 -13.47 9.17
C GLN E 187 -5.19 -13.81 10.20
N TRP E 188 -5.01 -13.00 11.24
CA TRP E 188 -3.90 -13.16 12.18
C TRP E 188 -4.34 -13.61 13.56
N PHE E 189 -5.57 -14.09 13.70
CA PHE E 189 -6.01 -14.59 14.99
C PHE E 189 -5.24 -15.87 15.34
N PRO E 190 -4.88 -16.09 16.62
CA PRO E 190 -5.05 -15.21 17.78
C PRO E 190 -3.95 -14.14 17.87
N TYR E 191 -4.24 -13.06 18.60
CA TYR E 191 -3.26 -12.02 18.89
C TYR E 191 -2.73 -12.29 20.29
N LEU E 192 -1.48 -12.76 20.37
CA LEU E 192 -0.88 -13.11 21.64
C LEU E 192 0.54 -12.55 21.71
N SER E 193 1.06 -12.48 22.93
CA SER E 193 2.32 -11.80 23.18
C SER E 193 3.48 -12.51 22.50
N GLY E 194 4.62 -11.82 22.44
CA GLY E 194 5.77 -12.37 21.74
C GLY E 194 6.22 -13.69 22.30
N ASP E 195 6.19 -13.84 23.62
CA ASP E 195 6.56 -15.12 24.22
C ASP E 195 5.64 -16.23 23.74
N SER E 196 4.36 -15.95 23.59
CA SER E 196 3.43 -16.95 23.07
C SER E 196 3.80 -17.34 21.65
N TYR E 197 4.14 -16.37 20.80
CA TYR E 197 4.53 -16.68 19.43
C TYR E 197 5.79 -17.53 19.41
N ARG E 198 6.78 -17.19 20.27
N ARG E 198 6.77 -17.18 20.27
CA ARG E 198 8.02 -17.94 20.28
CA ARG E 198 8.03 -17.94 20.29
C ARG E 198 7.80 -19.37 20.75
C ARG E 198 7.79 -19.37 20.75
N ALA E 199 6.95 -19.57 21.76
CA ALA E 199 6.73 -20.92 22.26
C ALA E 199 6.12 -21.82 21.20
N CYS E 200 5.15 -21.31 20.45
CA CYS E 200 4.47 -22.07 19.41
C CYS E 200 4.17 -21.16 18.22
N PRO E 201 5.17 -20.90 17.37
CA PRO E 201 4.93 -20.01 16.23
C PRO E 201 3.95 -20.56 15.21
N GLY E 202 3.73 -21.87 15.17
CA GLY E 202 2.81 -22.45 14.20
C GLY E 202 1.35 -22.27 14.55
N LEU E 203 1.04 -21.99 15.81
CA LEU E 203 -0.32 -21.76 16.28
C LEU E 203 -0.62 -20.30 16.54
N VAL E 204 0.21 -19.63 17.32
CA VAL E 204 -0.03 -18.25 17.70
C VAL E 204 0.11 -17.35 16.48
N GLY E 205 -0.62 -16.23 16.52
CA GLY E 205 -0.54 -15.24 15.47
C GLY E 205 -0.28 -13.86 16.04
N GLY E 206 -0.85 -12.83 15.41
CA GLY E 206 -0.75 -11.49 15.92
C GLY E 206 0.33 -10.68 15.24
N TYR E 207 0.84 -9.69 15.97
CA TYR E 207 1.85 -8.79 15.42
C TYR E 207 3.13 -9.54 15.08
N PHE E 208 3.53 -10.49 15.93
CA PHE E 208 4.78 -11.20 15.68
C PHE E 208 4.66 -12.13 14.48
N ALA E 209 3.53 -12.81 14.33
CA ALA E 209 3.31 -13.62 13.13
C ALA E 209 3.26 -12.75 11.88
N LYS E 210 2.63 -11.58 11.98
CA LYS E 210 2.60 -10.66 10.84
C LYS E 210 4.02 -10.23 10.48
N LYS E 211 4.85 -9.92 11.47
CA LYS E 211 6.22 -9.53 11.20
C LYS E 211 6.99 -10.67 10.54
N ALA E 212 6.81 -11.89 11.06
CA ALA E 212 7.52 -13.04 10.48
C ALA E 212 7.10 -13.25 9.03
N ALA E 213 5.81 -13.17 8.74
CA ALA E 213 5.34 -13.37 7.37
C ALA E 213 5.85 -12.26 6.46
N ALA E 214 5.79 -11.00 6.91
CA ALA E 214 6.17 -9.89 6.05
C ALA E 214 7.66 -9.93 5.71
N GLY E 215 8.50 -10.25 6.69
CA GLY E 215 9.93 -10.22 6.49
C GLY E 215 10.46 -11.47 5.81
N GLU E 216 11.78 -11.54 5.71
CA GLU E 216 12.42 -12.70 5.10
C GLU E 216 12.01 -13.97 5.85
N ARG E 217 11.74 -15.02 5.09
CA ARG E 217 11.32 -16.30 5.64
C ARG E 217 12.45 -17.31 5.41
N GLY E 218 12.97 -17.86 6.51
CA GLY E 218 14.02 -18.86 6.43
C GLY E 218 13.46 -20.26 6.36
N LYS E 219 14.38 -21.23 6.37
CA LYS E 219 13.98 -22.63 6.33
C LYS E 219 13.17 -23.02 7.56
N ASN E 220 13.27 -22.25 8.64
CA ASN E 220 12.55 -22.51 9.88
C ASN E 220 11.16 -21.90 9.90
N TYR E 221 10.77 -21.16 8.86
CA TYR E 221 9.50 -20.46 8.86
C TYR E 221 8.34 -21.43 8.99
N LYS E 222 7.37 -21.07 9.83
CA LYS E 222 6.13 -21.83 10.00
C LYS E 222 4.96 -20.91 9.70
N LYS E 223 4.01 -21.40 8.91
CA LYS E 223 2.84 -20.60 8.57
C LYS E 223 1.79 -20.71 9.67
N LEU E 224 1.04 -19.63 9.86
CA LEU E 224 0.07 -19.56 10.94
C LEU E 224 -1.06 -20.54 10.67
N ASN E 225 -1.07 -21.64 11.41
CA ASN E 225 -2.09 -22.69 11.27
C ASN E 225 -3.30 -22.26 12.09
N GLN E 226 -4.17 -21.47 11.47
CA GLN E 226 -5.24 -20.79 12.21
C GLN E 226 -6.32 -21.73 12.71
N THR E 227 -6.33 -23.00 12.29
CA THR E 227 -7.36 -23.94 12.74
C THR E 227 -6.77 -25.29 13.09
N ALA E 228 -5.49 -25.32 13.46
CA ALA E 228 -4.87 -26.56 13.88
C ALA E 228 -5.62 -27.13 15.09
N ILE E 229 -5.78 -28.44 15.10
CA ILE E 229 -6.55 -29.08 16.16
C ILE E 229 -5.77 -28.98 17.46
N ILE E 230 -6.41 -28.43 18.49
CA ILE E 230 -5.84 -28.30 19.83
C ILE E 230 -6.79 -29.00 20.79
N PRO E 231 -6.37 -30.03 21.51
CA PRO E 231 -7.25 -30.65 22.49
C PRO E 231 -7.63 -29.66 23.57
N PRO E 232 -8.83 -29.77 24.14
CA PRO E 232 -9.20 -28.88 25.24
C PRO E 232 -8.28 -29.08 26.41
N PRO E 233 -8.06 -28.05 27.23
CA PRO E 233 -7.09 -28.16 28.33
C PRO E 233 -7.33 -29.35 29.24
N ARG E 234 -8.58 -29.66 29.56
CA ARG E 234 -8.86 -30.84 30.37
C ARG E 234 -8.41 -32.12 29.67
N PHE E 235 -8.28 -32.09 28.35
CA PHE E 235 -7.71 -33.20 27.60
C PHE E 235 -6.22 -33.03 27.36
N LEU E 236 -5.77 -31.79 27.14
CA LEU E 236 -4.38 -31.56 26.77
C LEU E 236 -3.43 -32.00 27.87
N ILE E 237 -3.73 -31.65 29.12
CA ILE E 237 -2.83 -32.01 30.22
C ILE E 237 -2.81 -33.52 30.42
N ILE E 238 -3.96 -34.18 30.26
CA ILE E 238 -4.00 -35.63 30.38
C ILE E 238 -3.32 -36.31 29.21
N GLY E 239 -3.16 -35.62 28.08
CA GLY E 239 -2.59 -36.22 26.90
C GLY E 239 -3.57 -37.01 26.06
N HIS E 240 -4.85 -36.97 26.38
CA HIS E 240 -5.87 -37.71 25.63
C HIS E 240 -6.16 -36.99 24.33
N ARG E 241 -5.68 -37.54 23.22
CA ARG E 241 -5.88 -36.92 21.92
C ARG E 241 -7.37 -36.86 21.60
N LEU E 242 -7.82 -35.70 21.14
CA LEU E 242 -9.22 -35.52 20.75
C LEU E 242 -9.55 -36.45 19.60
N GLN E 243 -10.69 -37.14 19.70
CA GLN E 243 -11.10 -38.08 18.67
C GLN E 243 -12.61 -38.29 18.77
N ILE E 244 -13.16 -38.96 17.76
CA ILE E 244 -14.60 -39.18 17.70
C ILE E 244 -15.03 -40.03 18.90
N GLY E 245 -16.19 -39.67 19.47
CA GLY E 245 -16.76 -40.38 20.58
C GLY E 245 -16.54 -39.72 21.93
N ASP E 246 -15.60 -38.78 22.03
CA ASP E 246 -15.36 -38.09 23.28
C ASP E 246 -16.52 -37.17 23.64
N GLN E 247 -16.79 -37.07 24.93
CA GLN E 247 -17.90 -36.25 25.44
C GLN E 247 -17.37 -34.84 25.69
N VAL E 248 -17.73 -33.91 24.80
CA VAL E 248 -17.28 -32.53 24.90
C VAL E 248 -18.46 -31.60 24.63
N THR E 249 -18.33 -30.36 25.10
CA THR E 249 -19.33 -29.33 24.84
C THR E 249 -19.13 -28.73 23.45
N LEU E 250 -20.23 -28.24 22.87
CA LEU E 250 -20.16 -27.65 21.54
C LEU E 250 -19.15 -26.51 21.49
N ARG E 251 -19.22 -25.61 22.45
CA ARG E 251 -18.33 -24.45 22.45
C ARG E 251 -16.87 -24.88 22.53
N GLU E 252 -16.57 -25.81 23.43
CA GLU E 252 -15.18 -26.23 23.61
C GLU E 252 -14.68 -27.03 22.41
N LEU E 253 -15.55 -27.84 21.81
CA LEU E 253 -15.16 -28.56 20.60
C LEU E 253 -14.86 -27.58 19.46
N LEU E 254 -15.73 -26.59 19.28
CA LEU E 254 -15.50 -25.59 18.24
C LEU E 254 -14.20 -24.84 18.50
N ALA E 255 -13.92 -24.53 19.77
CA ALA E 255 -12.65 -23.92 20.11
C ALA E 255 -11.49 -24.83 19.75
N SER E 256 -11.67 -26.13 19.93
CA SER E 256 -10.61 -27.08 19.58
C SER E 256 -10.35 -27.09 18.08
N ILE E 257 -11.41 -27.07 17.27
CA ILE E 257 -11.24 -27.26 15.82
C ILE E 257 -11.35 -25.97 15.02
N ALA E 258 -11.84 -24.88 15.60
CA ALA E 258 -12.08 -23.65 14.86
C ALA E 258 -12.27 -22.52 15.86
N TRP E 259 -12.72 -21.37 15.37
CA TRP E 259 -12.99 -20.22 16.23
C TRP E 259 -14.25 -19.51 15.71
N GLY E 260 -14.49 -18.31 16.20
CA GLY E 260 -15.77 -17.66 15.96
C GLY E 260 -16.05 -17.40 14.50
N LEU E 261 -15.07 -16.85 13.78
CA LEU E 261 -15.29 -16.43 12.41
C LEU E 261 -15.15 -17.56 11.40
N CYS E 262 -14.91 -18.79 11.84
CA CYS E 262 -14.92 -19.91 10.91
C CYS E 262 -16.34 -20.20 10.46
N ASP E 263 -16.47 -20.67 9.22
CA ASP E 263 -17.79 -20.94 8.66
C ASP E 263 -18.56 -21.90 9.57
N GLY E 264 -19.84 -21.57 9.79
CA GLY E 264 -20.62 -22.25 10.80
C GLY E 264 -20.80 -23.74 10.56
N VAL E 265 -20.59 -24.21 9.32
CA VAL E 265 -20.85 -25.60 8.99
C VAL E 265 -20.09 -26.55 9.90
N LEU E 266 -18.97 -26.10 10.48
CA LEU E 266 -18.18 -26.99 11.34
C LEU E 266 -18.98 -27.50 12.52
N ALA E 267 -20.07 -26.82 12.88
CA ALA E 267 -20.91 -27.28 13.98
C ALA E 267 -21.49 -28.67 13.70
N GLU E 268 -21.48 -29.11 12.44
CA GLU E 268 -21.94 -30.46 12.14
C GLU E 268 -21.10 -31.52 12.84
N CYS E 269 -19.90 -31.17 13.30
CA CYS E 269 -19.04 -32.12 13.98
C CYS E 269 -19.56 -32.52 15.36
N TRP E 270 -20.57 -31.84 15.88
CA TRP E 270 -21.07 -32.08 17.23
C TRP E 270 -22.50 -32.58 17.18
N SER E 271 -22.83 -33.50 18.08
CA SER E 271 -24.18 -34.05 18.20
C SER E 271 -24.57 -34.14 19.68
N PRO E 272 -25.67 -33.51 20.09
CA PRO E 272 -26.06 -33.61 21.50
C PRO E 272 -26.30 -35.05 21.92
N SER E 273 -25.96 -35.33 23.18
CA SER E 273 -26.15 -36.66 23.75
C SER E 273 -27.61 -36.85 24.14
N GLN E 274 -27.93 -38.05 24.62
CA GLN E 274 -29.29 -38.36 25.03
C GLN E 274 -29.76 -37.38 26.10
N GLY E 275 -30.98 -36.87 25.91
CA GLY E 275 -31.53 -35.92 26.86
C GLY E 275 -30.96 -34.52 26.77
N ASP E 276 -30.28 -34.19 25.67
CA ASP E 276 -29.69 -32.87 25.50
C ASP E 276 -28.69 -32.59 26.63
N GLY E 277 -29.13 -31.92 27.68
CA GLY E 277 -28.21 -31.60 28.77
C GLY E 277 -27.26 -30.49 28.38
N SER E 278 -25.98 -30.70 28.66
CA SER E 278 -24.95 -29.72 28.33
C SER E 278 -23.78 -30.35 27.59
N ILE E 279 -23.58 -31.66 27.79
CA ILE E 279 -22.46 -32.38 27.20
C ILE E 279 -23.00 -33.31 26.11
N GLY E 280 -22.36 -33.26 24.94
CA GLY E 280 -22.72 -34.13 23.84
C GLY E 280 -21.61 -35.10 23.48
N VAL E 281 -21.33 -35.25 22.20
CA VAL E 281 -20.30 -36.18 21.74
C VAL E 281 -19.78 -35.69 20.40
N VAL E 282 -18.53 -36.03 20.10
CA VAL E 282 -17.90 -35.71 18.83
C VAL E 282 -18.23 -36.81 17.84
N VAL E 283 -18.79 -36.43 16.69
CA VAL E 283 -19.13 -37.37 15.65
C VAL E 283 -18.05 -37.46 14.57
N GLY E 284 -17.54 -36.30 14.14
CA GLY E 284 -16.51 -36.27 13.12
C GLY E 284 -15.58 -35.09 13.33
N LEU E 285 -14.48 -35.11 12.59
CA LEU E 285 -13.47 -34.07 12.68
C LEU E 285 -13.21 -33.48 11.30
N PRO E 286 -12.85 -32.20 11.23
CA PRO E 286 -12.56 -31.60 9.92
C PRO E 286 -11.30 -32.17 9.30
N LEU E 287 -11.23 -32.09 7.98
CA LEU E 287 -10.07 -32.46 7.21
C LEU E 287 -9.48 -31.22 6.54
N GLN E 288 -8.27 -31.37 6.00
CA GLN E 288 -7.55 -30.26 5.38
C GLN E 288 -7.41 -29.08 6.33
N ALA E 289 -7.28 -29.39 7.63
CA ALA E 289 -7.19 -28.32 8.62
C ALA E 289 -5.99 -27.42 8.36
N THR E 290 -4.84 -28.01 8.04
CA THR E 290 -3.64 -27.27 7.75
C THR E 290 -3.04 -27.78 6.43
N GLY E 291 -2.49 -26.86 5.65
CA GLY E 291 -1.87 -27.21 4.39
C GLY E 291 -2.85 -27.28 3.23
N SER E 292 -3.54 -26.17 2.98
CA SER E 292 -4.47 -26.05 1.86
C SER E 292 -3.98 -24.94 0.94
N CYS E 293 -3.48 -25.33 -0.23
CA CYS E 293 -2.99 -24.38 -1.23
C CYS E 293 -3.72 -24.67 -2.54
N PHE E 294 -4.33 -23.64 -3.11
CA PHE E 294 -5.13 -23.76 -4.33
C PHE E 294 -4.55 -22.91 -5.46
N LEU E 295 -3.24 -22.96 -5.63
CA LEU E 295 -2.57 -22.27 -6.72
C LEU E 295 -2.18 -23.26 -7.81
N VAL E 296 -2.13 -22.76 -9.04
CA VAL E 296 -1.60 -23.54 -10.16
C VAL E 296 -0.72 -22.62 -10.99
N VAL E 297 0.60 -22.76 -10.84
CA VAL E 297 1.53 -21.88 -11.53
C VAL E 297 1.49 -22.15 -13.03
N ALA E 298 1.74 -21.10 -13.80
CA ALA E 298 1.77 -21.24 -15.26
C ALA E 298 2.96 -22.11 -15.67
N SER E 299 2.70 -23.03 -16.59
CA SER E 299 3.75 -23.95 -17.04
C SER E 299 3.36 -24.49 -18.41
N HIS E 300 4.38 -24.68 -19.26
CA HIS E 300 4.19 -25.30 -20.58
C HIS E 300 3.13 -24.55 -21.38
N GLY E 301 3.10 -23.23 -21.24
CA GLY E 301 2.17 -22.40 -21.97
C GLY E 301 0.81 -22.22 -21.33
N LEU E 302 0.54 -22.92 -20.23
CA LEU E 302 -0.73 -22.74 -19.55
C LEU E 302 -0.77 -21.37 -18.87
N SER E 303 -1.90 -21.09 -18.22
CA SER E 303 -2.11 -19.83 -17.53
C SER E 303 -2.18 -20.08 -16.03
N ALA E 304 -1.49 -19.24 -15.26
CA ALA E 304 -1.51 -19.38 -13.81
C ALA E 304 -2.92 -19.17 -13.28
N ILE E 305 -3.30 -19.98 -12.30
CA ILE E 305 -4.62 -19.91 -11.67
C ILE E 305 -4.40 -19.54 -10.21
N ALA E 306 -4.99 -18.43 -9.79
CA ALA E 306 -4.83 -17.96 -8.41
C ALA E 306 -5.65 -18.79 -7.44
N ASP E 307 -6.75 -19.37 -7.89
CA ASP E 307 -7.62 -20.16 -7.02
C ASP E 307 -8.31 -21.23 -7.85
N SER E 308 -8.13 -22.49 -7.47
CA SER E 308 -8.81 -23.58 -8.17
C SER E 308 -10.31 -23.51 -7.96
N ARG E 309 -10.76 -23.18 -6.74
CA ARG E 309 -12.18 -23.15 -6.45
C ARG E 309 -12.89 -22.10 -7.29
N ILE E 310 -12.32 -20.90 -7.38
CA ILE E 310 -12.95 -19.83 -8.14
C ILE E 310 -13.05 -20.21 -9.61
N GLU E 311 -12.05 -20.92 -10.13
CA GLU E 311 -12.08 -21.38 -11.51
C GLU E 311 -12.89 -22.66 -11.64
N GLY E 312 -14.12 -22.63 -11.14
CA GLY E 312 -14.99 -23.80 -11.18
C GLY E 312 -16.45 -23.44 -11.21
N THR E 316 -19.77 -19.64 -9.96
CA THR E 316 -18.88 -19.98 -8.85
C THR E 316 -19.47 -19.52 -7.52
N ASN E 317 -20.66 -20.02 -7.20
CA ASN E 317 -21.30 -19.68 -5.94
C ASN E 317 -20.51 -20.24 -4.77
N LEU E 318 -20.08 -19.34 -3.87
CA LEU E 318 -19.27 -19.76 -2.74
C LEU E 318 -20.05 -20.67 -1.81
N LEU E 319 -21.34 -20.37 -1.60
CA LEU E 319 -22.13 -21.13 -0.64
C LEU E 319 -22.29 -22.60 -1.04
N GLU E 320 -21.99 -22.94 -2.29
CA GLU E 320 -22.09 -24.33 -2.74
C GLU E 320 -20.93 -25.19 -2.25
N GLU E 321 -19.87 -24.59 -1.72
CA GLU E 321 -18.71 -25.35 -1.31
C GLU E 321 -19.07 -26.36 -0.22
N CYS E 322 -18.15 -27.28 0.04
CA CYS E 322 -18.33 -28.30 1.05
C CYS E 322 -17.04 -28.47 1.84
N ILE E 323 -17.19 -28.95 3.07
CA ILE E 323 -16.06 -29.31 3.93
C ILE E 323 -16.10 -30.80 4.18
N ALA E 324 -14.93 -31.43 4.16
CA ALA E 324 -14.83 -32.88 4.34
C ALA E 324 -14.71 -33.19 5.83
N ILE E 325 -15.76 -33.74 6.40
CA ILE E 325 -15.77 -34.18 7.80
C ILE E 325 -15.53 -35.68 7.80
N GLN E 326 -14.47 -36.12 8.47
CA GLN E 326 -14.17 -37.54 8.61
C GLN E 326 -14.86 -38.06 9.87
N LYS E 327 -15.71 -39.06 9.70
CA LYS E 327 -16.44 -39.68 10.79
C LYS E 327 -15.96 -41.12 10.97
N GLN E 328 -16.59 -41.83 11.91
CA GLN E 328 -16.27 -43.23 12.12
C GLN E 328 -16.58 -44.05 10.87
N ASP E 329 -17.74 -43.81 10.25
CA ASP E 329 -18.12 -44.55 9.05
C ASP E 329 -17.22 -44.18 7.87
N GLY E 330 -17.02 -42.88 7.64
CA GLY E 330 -16.21 -42.46 6.52
C GLY E 330 -16.34 -40.97 6.30
N VAL E 331 -15.61 -40.49 5.29
CA VAL E 331 -15.59 -39.07 4.98
C VAL E 331 -16.90 -38.67 4.32
N ILE E 332 -17.46 -37.55 4.75
CA ILE E 332 -18.68 -36.98 4.18
C ILE E 332 -18.45 -35.51 3.90
N LYS E 333 -18.90 -35.05 2.73
CA LYS E 333 -18.81 -33.64 2.38
C LYS E 333 -20.08 -32.93 2.81
N CYS E 334 -19.95 -31.99 3.74
CA CYS E 334 -21.08 -31.23 4.26
C CYS E 334 -21.06 -29.83 3.66
N LYS E 335 -22.22 -29.40 3.16
CA LYS E 335 -22.32 -28.09 2.52
C LYS E 335 -22.07 -26.99 3.54
N ARG E 336 -21.29 -25.98 3.12
CA ARG E 336 -20.97 -24.87 4.01
C ARG E 336 -22.23 -24.09 4.35
N SER E 337 -22.30 -23.58 5.58
CA SER E 337 -23.46 -22.83 6.02
C SER E 337 -23.42 -21.37 5.59
N GLY E 338 -22.23 -20.83 5.32
CA GLY E 338 -22.11 -19.46 4.86
C GLY E 338 -22.29 -18.41 5.94
N LYS E 339 -22.35 -18.82 7.21
CA LYS E 339 -22.57 -17.90 8.32
C LYS E 339 -21.51 -18.16 9.39
N SER E 340 -20.95 -17.08 9.93
CA SER E 340 -19.86 -17.20 10.88
C SER E 340 -20.30 -18.01 12.09
N LEU E 341 -19.37 -18.81 12.63
CA LEU E 341 -19.69 -19.65 13.78
C LEU E 341 -20.25 -18.83 14.93
N TYR E 342 -19.74 -17.61 15.10
CA TYR E 342 -20.26 -16.74 16.17
C TYR E 342 -21.73 -16.42 15.93
N HIS E 343 -22.10 -16.11 14.68
CA HIS E 343 -23.49 -15.82 14.38
C HIS E 343 -24.39 -17.02 14.68
N CYS E 344 -23.97 -18.21 14.26
CA CYS E 344 -24.78 -19.40 14.50
C CYS E 344 -24.92 -19.67 15.99
N LEU E 345 -23.82 -19.56 16.75
CA LEU E 345 -23.87 -19.80 18.17
C LEU E 345 -24.75 -18.78 18.89
N LYS E 346 -24.69 -17.51 18.46
CA LYS E 346 -25.57 -16.50 19.02
C LYS E 346 -27.03 -16.81 18.72
N GLU E 347 -27.32 -17.23 17.49
CA GLU E 347 -28.71 -17.44 17.10
C GLU E 347 -29.30 -18.69 17.77
N THR E 348 -28.48 -19.72 17.97
CA THR E 348 -28.98 -20.93 18.61
C THR E 348 -29.32 -20.71 20.07
N ALA E 349 -28.75 -19.69 20.71
CA ALA E 349 -29.03 -19.38 22.10
C ALA E 349 -30.16 -18.36 22.26
N GLY E 350 -30.72 -17.87 21.17
CA GLY E 350 -31.80 -16.90 21.24
C GLY E 350 -33.14 -17.49 20.85
N GLU G 34 -29.04 6.63 45.95
CA GLU G 34 -30.02 7.19 45.02
C GLU G 34 -29.42 7.33 43.62
N LEU G 35 -28.24 7.93 43.54
CA LEU G 35 -27.56 8.14 42.28
C LEU G 35 -26.12 7.64 42.37
N PRO G 36 -25.58 7.11 41.28
CA PRO G 36 -24.15 6.72 41.30
C PRO G 36 -23.26 7.94 41.48
N ARG G 37 -21.96 7.67 41.62
CA ARG G 37 -21.00 8.73 41.86
C ARG G 37 -20.94 9.71 40.70
N ASN G 38 -20.95 9.19 39.46
CA ASN G 38 -20.78 10.04 38.29
C ASN G 38 -21.89 11.08 38.20
N LEU G 39 -23.15 10.62 38.24
CA LEU G 39 -24.28 11.53 38.08
C LEU G 39 -24.37 12.50 39.25
N GLU G 40 -24.11 12.03 40.47
CA GLU G 40 -24.12 12.92 41.63
C GLU G 40 -23.05 14.00 41.47
N VAL G 41 -21.86 13.63 41.01
CA VAL G 41 -20.80 14.61 40.83
C VAL G 41 -21.20 15.63 39.78
N PHE G 42 -21.76 15.17 38.67
CA PHE G 42 -22.18 16.12 37.63
C PHE G 42 -23.26 17.06 38.15
N ASN G 43 -24.23 16.53 38.88
CA ASN G 43 -25.28 17.38 39.43
C ASN G 43 -24.71 18.42 40.37
N GLU G 44 -23.82 18.00 41.28
CA GLU G 44 -23.24 18.93 42.23
C GLU G 44 -22.44 20.00 41.51
N ALA G 45 -21.63 19.61 40.52
CA ALA G 45 -20.81 20.58 39.82
C ALA G 45 -21.66 21.58 39.05
N CYS G 46 -22.69 21.09 38.34
CA CYS G 46 -23.53 21.99 37.57
C CYS G 46 -24.29 22.95 38.48
N GLY G 47 -24.80 22.44 39.62
CA GLY G 47 -25.45 23.33 40.57
C GLY G 47 -24.52 24.38 41.12
N HIS G 48 -23.29 23.98 41.46
CA HIS G 48 -22.32 24.92 42.02
C HIS G 48 -21.95 25.99 41.00
N VAL G 49 -21.77 25.60 39.74
CA VAL G 49 -21.30 26.55 38.74
C VAL G 49 -22.42 27.39 38.15
N PHE G 50 -23.67 26.93 38.23
CA PHE G 50 -24.78 27.66 37.63
C PHE G 50 -25.94 27.90 38.60
N GLY G 51 -26.03 27.18 39.71
CA GLY G 51 -27.09 27.43 40.66
C GLY G 51 -28.45 27.20 40.06
N SER G 52 -29.42 28.01 40.49
CA SER G 52 -30.81 27.86 40.05
C SER G 52 -31.01 28.14 38.57
N SER G 53 -30.03 28.75 37.90
CA SER G 53 -30.15 29.00 36.47
C SER G 53 -30.08 27.73 35.64
N PHE G 54 -29.72 26.60 36.25
CA PHE G 54 -29.55 25.34 35.54
C PHE G 54 -30.88 24.59 35.55
N ASN G 55 -31.49 24.41 34.38
CA ASN G 55 -32.72 23.66 34.26
C ASN G 55 -32.43 22.17 34.16
N ARG G 56 -33.20 21.38 34.89
CA ARG G 56 -32.98 19.94 35.01
C ARG G 56 -33.88 19.11 34.09
N GLU G 57 -34.54 19.75 33.12
CA GLU G 57 -35.40 19.02 32.20
C GLU G 57 -35.27 19.50 30.75
N ASP G 58 -34.35 20.42 30.45
CA ASP G 58 -34.14 20.90 29.10
C ASP G 58 -32.85 20.29 28.56
N ASN G 59 -32.93 19.70 27.37
CA ASN G 59 -31.77 19.02 26.80
C ASN G 59 -30.73 20.03 26.32
N SER G 60 -31.18 21.13 25.70
CA SER G 60 -30.22 22.13 25.23
C SER G 60 -29.45 22.75 26.39
N VAL G 61 -30.16 23.07 27.48
CA VAL G 61 -29.50 23.69 28.64
C VAL G 61 -28.51 22.71 29.25
N ILE G 62 -28.89 21.45 29.40
CA ILE G 62 -27.99 20.46 29.99
C ILE G 62 -26.77 20.27 29.10
N SER G 63 -26.97 20.22 27.78
CA SER G 63 -25.85 20.07 26.87
C SER G 63 -24.90 21.26 26.95
N ASP G 64 -25.46 22.48 27.02
CA ASP G 64 -24.61 23.67 27.15
C ASP G 64 -23.84 23.65 28.45
N ALA G 65 -24.48 23.27 29.55
CA ALA G 65 -23.80 23.19 30.83
C ALA G 65 -22.69 22.15 30.80
N ALA G 66 -22.96 20.99 30.20
CA ALA G 66 -21.94 19.95 30.11
C ALA G 66 -20.77 20.42 29.26
N ALA G 67 -21.04 21.11 28.15
CA ALA G 67 -19.95 21.63 27.32
C ALA G 67 -19.12 22.65 28.08
N PHE G 68 -19.77 23.54 28.84
CA PHE G 68 -19.02 24.53 29.60
C PHE G 68 -18.17 23.87 30.67
N LEU G 69 -18.73 22.89 31.38
CA LEU G 69 -17.94 22.20 32.40
C LEU G 69 -16.78 21.44 31.77
N PHE G 70 -16.99 20.86 30.59
CA PHE G 70 -15.91 20.20 29.88
C PHE G 70 -14.81 21.18 29.52
N LYS G 71 -15.19 22.37 29.05
CA LYS G 71 -14.19 23.39 28.76
C LYS G 71 -13.42 23.77 30.02
N MET G 72 -14.13 23.91 31.14
CA MET G 72 -13.48 24.27 32.39
C MET G 72 -12.49 23.20 32.83
N HIS G 73 -12.88 21.93 32.75
CA HIS G 73 -12.06 20.84 33.27
C HIS G 73 -10.90 20.46 32.36
N THR G 74 -10.90 20.95 31.12
CA THR G 74 -9.77 20.75 30.21
C THR G 74 -8.85 21.95 30.16
N HIS G 75 -9.04 22.92 31.05
CA HIS G 75 -8.21 24.13 31.07
C HIS G 75 -8.19 24.81 29.71
N SER G 76 -9.36 24.91 29.08
CA SER G 76 -9.49 25.60 27.81
C SER G 76 -10.18 26.96 27.94
N LEU G 77 -10.70 27.28 29.12
CA LEU G 77 -11.30 28.59 29.32
C LEU G 77 -10.22 29.66 29.40
N ASP G 78 -10.65 30.92 29.30
CA ASP G 78 -9.73 32.04 29.38
C ASP G 78 -9.16 32.16 30.80
N GLY G 79 -7.86 32.43 30.88
CA GLY G 79 -7.22 32.65 32.16
C GLY G 79 -6.82 31.39 32.90
N GLN G 80 -6.78 30.24 32.24
CA GLN G 80 -6.38 28.99 32.86
C GLN G 80 -5.00 28.58 32.38
N GLU G 81 -4.49 27.51 32.99
CA GLU G 81 -3.11 27.09 32.76
C GLU G 81 -2.85 26.85 31.27
N ALA G 82 -1.72 27.36 30.79
CA ALA G 82 -1.34 27.20 29.39
C ALA G 82 -0.69 25.84 29.17
N LYS G 83 -1.01 25.23 28.03
CA LYS G 83 -0.49 23.91 27.67
C LYS G 83 0.78 24.12 26.84
N VAL G 84 1.94 23.95 27.48
CA VAL G 84 3.21 24.34 26.88
C VAL G 84 4.22 23.21 26.96
N LEU G 85 3.81 22.06 27.52
CA LEU G 85 4.74 20.96 27.73
C LEU G 85 5.50 20.62 26.45
N ARG G 86 4.77 20.43 25.35
CA ARG G 86 5.37 20.14 24.05
C ARG G 86 4.70 20.94 22.94
N ALA G 87 4.03 22.03 23.28
CA ALA G 87 3.27 22.78 22.30
C ALA G 87 4.19 23.43 21.27
N SER G 88 3.71 23.49 20.03
CA SER G 88 4.43 24.20 18.98
C SER G 88 4.31 25.71 19.21
N GLU G 89 5.24 26.45 18.60
CA GLU G 89 5.33 27.89 18.87
C GLU G 89 4.00 28.58 18.60
N LYS G 90 3.28 28.17 17.55
CA LYS G 90 1.95 28.72 17.31
C LYS G 90 1.00 28.33 18.44
N LYS G 91 1.05 27.05 18.87
CA LYS G 91 0.23 26.62 20.00
C LYS G 91 0.64 27.36 21.27
N ARG G 92 1.95 27.56 21.46
CA ARG G 92 2.39 28.31 22.63
C ARG G 92 1.84 29.72 22.62
N GLU G 93 1.85 30.38 21.45
CA GLU G 93 1.29 31.72 21.34
C GLU G 93 -0.20 31.70 21.67
N ARG G 94 -0.94 30.72 21.13
CA ARG G 94 -2.38 30.66 21.39
C ARG G 94 -2.65 30.45 22.88
N GLU G 95 -1.91 29.56 23.52
CA GLU G 95 -2.14 29.30 24.94
C GLU G 95 -1.72 30.50 25.80
N ASN G 96 -0.67 31.21 25.39
CA ASN G 96 -0.29 32.42 26.10
C ASN G 96 -1.38 33.47 25.99
N ALA G 97 -1.98 33.61 24.80
CA ALA G 97 -3.10 34.54 24.64
C ALA G 97 -4.27 34.13 25.52
N LYS G 98 -4.57 32.83 25.58
CA LYS G 98 -5.66 32.37 26.43
C LYS G 98 -5.37 32.68 27.90
N LYS G 99 -4.15 32.42 28.34
CA LYS G 99 -3.79 32.68 29.74
C LYS G 99 -3.88 34.17 30.06
N SER G 100 -3.40 35.02 29.16
CA SER G 100 -3.42 36.45 29.42
C SER G 100 -4.84 37.00 29.45
N ARG G 101 -5.75 36.41 28.68
CA ARG G 101 -7.12 36.89 28.64
C ARG G 101 -7.77 36.78 30.01
N LYS G 102 -8.62 37.75 30.33
CA LYS G 102 -9.31 37.76 31.61
C LYS G 102 -10.23 36.55 31.71
N ALA G 103 -10.32 35.99 32.92
CA ALA G 103 -11.18 34.84 33.15
C ALA G 103 -12.65 35.27 33.11
N PRO G 104 -13.55 34.32 32.86
CA PRO G 104 -14.98 34.68 32.82
C PRO G 104 -15.43 35.31 34.13
N GLU G 105 -16.32 36.29 34.00
CA GLU G 105 -16.86 37.02 35.14
C GLU G 105 -18.22 36.46 35.54
N ALA G 106 -18.54 36.54 36.83
CA ALA G 106 -19.82 36.06 37.31
C ALA G 106 -20.95 36.84 36.68
N GLY G 107 -22.06 36.14 36.43
CA GLY G 107 -23.21 36.73 35.77
C GLY G 107 -23.15 36.69 34.25
N MET G 108 -22.07 36.18 33.68
CA MET G 108 -21.98 36.08 32.23
C MET G 108 -23.04 35.12 31.70
N ARG G 109 -23.59 35.46 30.54
CA ARG G 109 -24.59 34.61 29.90
C ARG G 109 -23.90 33.51 29.11
N VAL G 110 -24.26 32.26 29.41
CA VAL G 110 -23.73 31.08 28.73
C VAL G 110 -24.86 30.47 27.91
N GLY G 111 -24.59 30.20 26.64
CA GLY G 111 -25.62 29.61 25.80
C GLY G 111 -26.82 30.53 25.70
N ARG G 112 -27.97 30.02 26.12
CA ARG G 112 -29.23 30.76 26.03
C ARG G 112 -29.78 31.14 27.41
N SER G 113 -29.88 30.19 28.32
CA SER G 113 -30.50 30.41 29.63
C SER G 113 -29.61 29.87 30.75
N LEU G 114 -28.32 30.19 30.69
CA LEU G 114 -27.38 29.82 31.73
C LEU G 114 -26.62 31.06 32.17
N ILE G 115 -26.56 31.29 33.49
CA ILE G 115 -25.89 32.45 34.06
C ILE G 115 -24.90 31.96 35.11
N LEU G 116 -23.66 32.42 35.01
CA LEU G 116 -22.63 32.01 35.96
C LEU G 116 -22.91 32.57 37.34
N THR G 117 -22.64 31.77 38.36
CA THR G 117 -22.78 32.20 39.74
C THR G 117 -21.49 32.84 40.25
N SER G 118 -21.62 33.64 41.31
CA SER G 118 -20.46 34.32 41.86
C SER G 118 -19.46 33.35 42.48
N ARG G 119 -19.86 32.11 42.75
CA ARG G 119 -19.00 31.12 43.38
C ARG G 119 -18.37 30.16 42.39
N TRP G 120 -18.51 30.42 41.09
CA TRP G 120 -17.93 29.52 40.09
C TRP G 120 -16.42 29.50 40.15
N THR G 121 -15.79 30.63 40.49
CA THR G 121 -14.33 30.67 40.58
C THR G 121 -13.82 29.73 41.65
N GLU G 122 -14.51 29.68 42.79
CA GLU G 122 -14.08 28.78 43.86
C GLU G 122 -14.13 27.32 43.41
N TYR G 123 -15.22 26.94 42.73
CA TYR G 123 -15.32 25.57 42.23
C TYR G 123 -14.24 25.28 41.20
N CYS G 124 -13.99 26.23 40.29
CA CYS G 124 -12.96 26.02 39.29
C CYS G 124 -11.60 25.84 39.93
N ALA G 125 -11.31 26.59 40.99
CA ALA G 125 -10.02 26.47 41.65
C ALA G 125 -9.92 25.19 42.48
N THR G 126 -11.03 24.73 43.05
CA THR G 126 -10.99 23.60 43.97
C THR G 126 -11.10 22.26 43.27
N CYS G 127 -12.16 22.06 42.47
CA CYS G 127 -12.49 20.75 41.94
C CYS G 127 -11.74 20.40 40.65
N VAL G 128 -11.02 21.34 40.06
CA VAL G 128 -10.30 21.11 38.82
C VAL G 128 -8.87 20.69 39.18
N PRO G 129 -8.44 19.47 38.85
CA PRO G 129 -7.04 19.11 39.08
C PRO G 129 -6.11 20.05 38.33
N ALA G 130 -4.96 20.34 38.96
CA ALA G 130 -3.99 21.21 38.33
C ALA G 130 -3.50 20.59 37.02
N LEU G 131 -3.19 21.46 36.06
CA LEU G 131 -2.79 20.99 34.74
C LEU G 131 -1.68 19.95 34.84
N GLY G 132 -1.85 18.85 34.10
CA GLY G 132 -0.88 17.78 34.11
C GLY G 132 -1.07 16.76 35.20
N SER G 133 -2.05 16.93 36.08
CA SER G 133 -2.28 15.96 37.14
C SER G 133 -2.59 14.60 36.54
N LYS G 134 -1.94 13.57 37.07
CA LYS G 134 -2.11 12.20 36.59
C LYS G 134 -2.47 11.30 37.77
N MET G 135 -3.27 10.28 37.48
CA MET G 135 -3.78 9.42 38.55
C MET G 135 -2.64 8.73 39.28
N LYS G 136 -1.60 8.32 38.57
CA LYS G 136 -0.48 7.65 39.22
C LYS G 136 0.18 8.55 40.25
N VAL G 137 0.41 9.82 39.91
CA VAL G 137 1.05 10.74 40.84
C VAL G 137 0.18 10.95 42.06
N ILE G 138 -1.13 11.14 41.86
CA ILE G 138 -2.02 11.38 42.98
C ILE G 138 -2.06 10.16 43.90
N LYS G 139 -2.12 8.97 43.32
CA LYS G 139 -2.10 7.75 44.13
C LYS G 139 -0.80 7.63 44.90
N ALA G 140 0.33 7.95 44.26
CA ALA G 140 1.61 7.90 44.95
C ALA G 140 1.63 8.87 46.12
N SER G 141 1.08 10.07 45.94
CA SER G 141 1.02 11.02 47.05
C SER G 141 0.27 10.46 48.24
N GLY G 142 -0.69 9.56 48.01
CA GLY G 142 -1.42 8.93 49.09
C GLY G 142 -2.54 9.77 49.66
N ASP G 143 -2.84 10.92 49.06
CA ASP G 143 -3.91 11.79 49.57
C ASP G 143 -5.25 11.25 49.10
N ALA G 144 -6.06 10.78 50.06
CA ALA G 144 -7.36 10.24 49.71
C ALA G 144 -8.26 11.31 49.09
N ALA G 145 -8.23 12.52 49.64
CA ALA G 145 -9.08 13.59 49.12
C ALA G 145 -8.72 13.91 47.68
N MET G 146 -7.43 14.01 47.37
CA MET G 146 -7.01 14.29 46.00
C MET G 146 -7.36 13.15 45.06
N ILE G 147 -7.24 11.91 45.53
CA ILE G 147 -7.63 10.76 44.70
C ILE G 147 -9.11 10.83 44.39
N GLN G 148 -9.93 11.13 45.40
CA GLN G 148 -11.37 11.24 45.17
C GLN G 148 -11.69 12.38 44.20
N MET G 149 -10.99 13.51 44.35
CA MET G 149 -11.23 14.62 43.44
C MET G 149 -10.87 14.25 42.01
N MET G 150 -9.76 13.52 41.82
CA MET G 150 -9.39 13.09 40.47
C MET G 150 -10.40 12.11 39.90
N LYS G 151 -10.92 11.20 40.75
CA LYS G 151 -11.96 10.29 40.29
C LYS G 151 -13.20 11.05 39.85
N ASP G 152 -13.59 12.06 40.63
CA ASP G 152 -14.73 12.89 40.25
C ASP G 152 -14.47 13.62 38.94
N HIS G 153 -13.25 14.10 38.75
CA HIS G 153 -12.91 14.79 37.51
C HIS G 153 -13.03 13.84 36.32
N ASN G 154 -12.54 12.61 36.46
CA ASN G 154 -12.64 11.64 35.36
C ASN G 154 -14.10 11.30 35.06
N SER G 155 -14.89 11.07 36.10
CA SER G 155 -16.30 10.75 35.89
C SER G 155 -17.03 11.92 35.22
N LEU G 156 -16.71 13.15 35.64
CA LEU G 156 -17.34 14.32 35.02
C LEU G 156 -16.94 14.43 33.56
N LEU G 157 -15.68 14.15 33.25
CA LEU G 157 -15.27 14.17 31.85
C LEU G 157 -16.05 13.15 31.04
N ARG G 158 -16.22 11.95 31.58
CA ARG G 158 -16.97 10.92 30.84
C ARG G 158 -18.42 11.34 30.62
N VAL G 159 -19.07 11.87 31.66
CA VAL G 159 -20.46 12.28 31.51
C VAL G 159 -20.58 13.43 30.52
N CYS G 160 -19.69 14.41 30.62
CA CYS G 160 -19.75 15.55 29.70
C CYS G 160 -19.53 15.10 28.27
N VAL G 161 -18.67 14.11 28.05
CA VAL G 161 -18.43 13.65 26.69
C VAL G 161 -19.60 12.85 26.15
N ARG G 162 -20.26 12.06 27.01
CA ARG G 162 -21.47 11.39 26.57
C ARG G 162 -22.53 12.41 26.14
N ILE G 163 -22.70 13.46 26.95
CA ILE G 163 -23.69 14.49 26.60
C ILE G 163 -23.27 15.22 25.34
N GLU G 164 -21.97 15.45 25.16
CA GLU G 164 -21.49 16.13 23.97
C GLU G 164 -21.76 15.30 22.72
N VAL G 165 -21.55 13.99 22.79
CA VAL G 165 -21.82 13.12 21.65
C VAL G 165 -23.31 13.10 21.35
N TRP G 166 -24.14 13.01 22.39
CA TRP G 166 -25.58 13.04 22.15
C TRP G 166 -26.01 14.33 21.49
N LYS G 167 -25.46 15.46 21.93
CA LYS G 167 -25.81 16.73 21.30
C LYS G 167 -25.31 16.81 19.86
N ALA G 168 -24.14 16.22 19.59
CA ALA G 168 -23.66 16.17 18.21
C ALA G 168 -24.64 15.41 17.33
N ARG G 169 -25.12 14.25 17.81
CA ARG G 169 -26.12 13.51 17.07
C ARG G 169 -27.37 14.36 16.86
N TYR G 170 -27.87 14.98 17.93
CA TYR G 170 -29.09 15.77 17.83
C TYR G 170 -28.94 16.92 16.84
N VAL G 171 -27.75 17.49 16.73
CA VAL G 171 -27.50 18.54 15.75
C VAL G 171 -27.48 17.95 14.35
N SER G 172 -26.88 16.78 14.17
CA SER G 172 -26.74 16.21 12.83
C SER G 172 -28.07 15.78 12.24
N LEU G 173 -29.12 15.63 13.06
CA LEU G 173 -30.41 15.22 12.53
C LEU G 173 -31.02 16.30 11.65
N VAL G 174 -30.71 17.57 11.90
CA VAL G 174 -31.36 18.67 11.19
C VAL G 174 -30.33 19.66 10.67
N ALA G 175 -29.05 19.27 10.66
CA ALA G 175 -28.00 20.16 10.15
C ALA G 175 -26.85 19.27 9.68
N LEU G 176 -26.74 19.10 8.36
CA LEU G 176 -25.66 18.29 7.81
C LEU G 176 -24.31 18.90 8.11
N ASP G 177 -23.32 18.05 8.35
CA ASP G 177 -21.96 18.48 8.57
C ASP G 177 -21.24 18.51 7.22
N GLU G 178 -20.74 19.70 6.83
CA GLU G 178 -20.12 19.84 5.52
C GLU G 178 -18.93 18.90 5.37
N ARG G 179 -18.28 18.54 6.47
CA ARG G 179 -17.12 17.65 6.41
C ARG G 179 -17.49 16.23 6.02
N ILE G 180 -18.76 15.87 6.11
CA ILE G 180 -19.23 14.53 5.77
C ILE G 180 -19.81 14.60 4.37
N GLN G 181 -19.03 14.16 3.38
CA GLN G 181 -19.47 14.14 1.99
C GLN G 181 -19.51 12.74 1.38
N THR G 182 -18.79 11.78 1.94
CA THR G 182 -18.76 10.41 1.44
C THR G 182 -18.91 9.45 2.62
N LEU G 183 -19.09 8.17 2.28
CA LEU G 183 -19.26 7.16 3.34
C LEU G 183 -18.02 7.10 4.23
N GLU G 184 -16.84 7.24 3.64
CA GLU G 184 -15.62 7.25 4.45
C GLU G 184 -15.64 8.38 5.46
N ASP G 185 -16.03 9.58 5.03
CA ASP G 185 -16.11 10.70 5.96
C ASP G 185 -17.17 10.45 7.02
N ALA G 186 -18.31 9.88 6.64
CA ALA G 186 -19.37 9.58 7.59
C ALA G 186 -18.99 8.45 8.54
N GLN G 187 -17.92 7.71 8.24
CA GLN G 187 -17.55 6.59 9.10
C GLN G 187 -17.05 7.02 10.47
N TRP G 188 -16.59 8.26 10.62
CA TRP G 188 -15.93 8.70 11.84
C TRP G 188 -16.76 9.68 12.67
N PHE G 189 -18.03 9.89 12.33
CA PHE G 189 -18.86 10.78 13.12
C PHE G 189 -19.02 10.21 14.52
N PRO G 190 -19.03 11.05 15.57
CA PRO G 190 -18.86 12.50 15.62
C PRO G 190 -17.40 12.94 15.56
N TYR G 191 -17.16 14.17 15.11
CA TYR G 191 -15.81 14.74 15.00
C TYR G 191 -15.59 15.64 16.21
N LEU G 192 -15.11 15.05 17.30
CA LEU G 192 -14.91 15.76 18.56
C LEU G 192 -13.43 15.88 18.87
N SER G 193 -13.12 16.75 19.83
CA SER G 193 -11.75 17.10 20.14
C SER G 193 -11.04 15.92 20.81
N GLY G 194 -9.75 16.11 21.11
CA GLY G 194 -8.95 15.04 21.66
C GLY G 194 -9.40 14.62 23.05
N ASP G 195 -9.77 15.58 23.89
CA ASP G 195 -10.22 15.24 25.24
C ASP G 195 -11.48 14.38 25.19
N SER G 196 -12.41 14.70 24.29
CA SER G 196 -13.62 13.90 24.15
C SER G 196 -13.27 12.48 23.73
N TYR G 197 -12.34 12.32 22.80
CA TYR G 197 -11.94 10.98 22.38
C TYR G 197 -11.31 10.21 23.53
N ARG G 198 -10.44 10.88 24.30
N ARG G 198 -10.44 10.88 24.30
CA ARG G 198 -9.76 10.19 25.40
CA ARG G 198 -9.76 10.19 25.40
C ARG G 198 -10.75 9.75 26.47
C ARG G 198 -10.75 9.75 26.47
N ALA G 199 -11.71 10.62 26.81
CA ALA G 199 -12.65 10.29 27.87
C ALA G 199 -13.52 9.09 27.49
N CYS G 200 -14.09 9.10 26.29
CA CYS G 200 -14.95 8.03 25.80
C CYS G 200 -14.50 7.62 24.41
N PRO G 201 -13.52 6.71 24.30
CA PRO G 201 -13.04 6.31 22.98
C PRO G 201 -13.99 5.40 22.23
N GLY G 202 -14.91 4.73 22.93
CA GLY G 202 -15.83 3.82 22.27
C GLY G 202 -17.06 4.49 21.69
N LEU G 203 -17.24 5.78 21.91
CA LEU G 203 -18.35 6.53 21.37
C LEU G 203 -17.93 7.68 20.46
N VAL G 204 -16.73 8.22 20.65
CA VAL G 204 -16.28 9.42 19.97
C VAL G 204 -15.37 9.02 18.81
N GLY G 205 -15.61 9.59 17.65
CA GLY G 205 -14.77 9.34 16.49
C GLY G 205 -13.92 10.54 16.16
N GLY G 206 -13.68 10.76 14.87
CA GLY G 206 -12.93 11.91 14.42
C GLY G 206 -11.50 11.57 14.07
N TYR G 207 -10.67 12.62 14.09
CA TYR G 207 -9.27 12.46 13.70
C TYR G 207 -8.55 11.50 14.62
N PHE G 208 -8.84 11.56 15.92
CA PHE G 208 -8.12 10.72 16.87
C PHE G 208 -8.54 9.26 16.76
N ALA G 209 -9.83 9.00 16.52
CA ALA G 209 -10.26 7.63 16.27
C ALA G 209 -9.65 7.12 14.97
N LYS G 210 -9.55 7.97 13.96
CA LYS G 210 -8.87 7.59 12.73
C LYS G 210 -7.42 7.21 13.00
N LYS G 211 -6.73 8.02 13.80
CA LYS G 211 -5.34 7.73 14.13
C LYS G 211 -5.23 6.40 14.88
N ALA G 212 -6.10 6.17 15.85
CA ALA G 212 -6.05 4.92 16.60
C ALA G 212 -6.29 3.73 15.70
N ALA G 213 -7.26 3.83 14.78
CA ALA G 213 -7.53 2.74 13.87
C ALA G 213 -6.35 2.48 12.94
N ALA G 214 -5.75 3.55 12.41
CA ALA G 214 -4.66 3.37 11.46
C ALA G 214 -3.40 2.81 12.12
N GLY G 215 -3.12 3.24 13.34
CA GLY G 215 -1.91 2.84 14.03
C GLY G 215 -2.01 1.45 14.63
N GLU G 216 -1.02 1.13 15.45
CA GLU G 216 -1.00 -0.16 16.12
C GLU G 216 -2.20 -0.29 17.06
N ARG G 217 -2.74 -1.50 17.16
CA ARG G 217 -3.91 -1.77 17.98
C ARG G 217 -3.50 -2.63 19.16
N GLY G 218 -3.46 -2.03 20.34
CA GLY G 218 -3.18 -2.76 21.55
C GLY G 218 -4.41 -3.50 22.05
N LYS G 219 -4.20 -4.29 23.11
CA LYS G 219 -5.30 -5.05 23.68
C LYS G 219 -6.40 -4.15 24.22
N ASN G 220 -6.09 -2.90 24.54
CA ASN G 220 -7.05 -1.94 25.07
C ASN G 220 -7.84 -1.23 23.98
N TYR G 221 -7.53 -1.48 22.72
CA TYR G 221 -8.17 -0.75 21.62
C TYR G 221 -9.68 -0.91 21.68
N LYS G 222 -10.38 0.20 21.45
CA LYS G 222 -11.84 0.23 21.44
C LYS G 222 -12.30 0.81 20.11
N LYS G 223 -13.25 0.14 19.46
CA LYS G 223 -13.75 0.60 18.18
C LYS G 223 -14.84 1.65 18.38
N LEU G 224 -15.13 2.38 17.30
CA LEU G 224 -16.05 3.51 17.33
C LEU G 224 -17.47 2.99 17.11
N ASN G 225 -18.24 2.89 18.20
CA ASN G 225 -19.64 2.47 18.11
C ASN G 225 -20.45 3.69 17.70
N GLN G 226 -20.67 3.83 16.39
CA GLN G 226 -21.29 5.03 15.86
C GLN G 226 -22.76 5.17 16.23
N THR G 227 -23.40 4.09 16.68
CA THR G 227 -24.83 4.11 16.96
C THR G 227 -25.13 3.53 18.33
N ALA G 228 -24.22 3.65 19.28
CA ALA G 228 -24.49 3.20 20.63
C ALA G 228 -25.67 3.98 21.21
N ILE G 229 -26.31 3.38 22.20
CA ILE G 229 -27.49 3.98 22.82
C ILE G 229 -27.03 4.93 23.92
N ILE G 230 -27.35 6.21 23.77
CA ILE G 230 -27.01 7.23 24.76
C ILE G 230 -28.31 7.84 25.28
N PRO G 231 -28.65 7.65 26.56
CA PRO G 231 -29.88 8.23 27.06
C PRO G 231 -29.87 9.74 26.89
N PRO G 232 -31.03 10.36 26.72
CA PRO G 232 -31.06 11.81 26.58
C PRO G 232 -30.49 12.47 27.82
N PRO G 233 -29.88 13.65 27.68
CA PRO G 233 -29.27 14.30 28.85
C PRO G 233 -30.21 14.43 30.03
N ARG G 234 -31.48 14.78 29.78
CA ARG G 234 -32.44 14.86 30.87
C ARG G 234 -32.68 13.51 31.52
N PHE G 235 -32.32 12.41 30.85
CA PHE G 235 -32.32 11.09 31.44
C PHE G 235 -30.94 10.62 31.87
N LEU G 236 -29.89 11.15 31.25
CA LEU G 236 -28.54 10.71 31.57
C LEU G 236 -28.10 11.23 32.93
N ILE G 237 -28.40 12.49 33.24
CA ILE G 237 -28.05 13.03 34.54
C ILE G 237 -28.87 12.38 35.65
N ILE G 238 -30.14 12.08 35.35
CA ILE G 238 -30.99 11.42 36.34
C ILE G 238 -30.65 9.94 36.48
N GLY G 239 -29.94 9.35 35.54
CA GLY G 239 -29.59 7.95 35.60
C GLY G 239 -30.67 7.00 35.11
N HIS G 240 -31.71 7.52 34.46
CA HIS G 240 -32.79 6.68 33.97
C HIS G 240 -32.39 6.08 32.63
N ARG G 241 -32.08 4.79 32.62
CA ARG G 241 -31.71 4.13 31.38
C ARG G 241 -32.87 4.20 30.38
N LEU G 242 -32.53 4.49 29.12
CA LEU G 242 -33.54 4.56 28.08
C LEU G 242 -34.17 3.19 27.89
N GLN G 243 -35.51 3.16 27.81
CA GLN G 243 -36.24 1.91 27.69
C GLN G 243 -37.58 2.19 27.01
N ILE G 244 -38.37 1.13 26.85
CA ILE G 244 -39.65 1.25 26.17
C ILE G 244 -40.63 2.02 27.05
N GLY G 245 -41.50 2.80 26.42
CA GLY G 245 -42.55 3.52 27.11
C GLY G 245 -42.19 4.92 27.56
N ASP G 246 -40.94 5.32 27.44
CA ASP G 246 -40.53 6.65 27.86
C ASP G 246 -41.14 7.72 26.95
N GLN G 247 -41.46 8.87 27.55
CA GLN G 247 -42.05 9.99 26.82
C GLN G 247 -40.92 10.86 26.30
N VAL G 248 -40.50 10.60 25.06
CA VAL G 248 -39.40 11.31 24.44
C VAL G 248 -39.82 11.77 23.05
N THR G 249 -39.42 13.00 22.71
CA THR G 249 -39.71 13.53 21.39
C THR G 249 -39.01 12.70 20.32
N LEU G 250 -39.53 12.78 19.09
CA LEU G 250 -38.95 12.01 18.00
C LEU G 250 -37.50 12.38 17.77
N ARG G 251 -37.21 13.69 17.70
CA ARG G 251 -35.85 14.11 17.39
C ARG G 251 -34.87 13.62 18.45
N GLU G 252 -35.24 13.73 19.72
CA GLU G 252 -34.32 13.34 20.79
C GLU G 252 -34.18 11.82 20.87
N LEU G 253 -35.26 11.08 20.62
CA LEU G 253 -35.14 9.63 20.56
C LEU G 253 -34.18 9.21 19.45
N LEU G 254 -34.34 9.80 18.27
CA LEU G 254 -33.46 9.46 17.16
C LEU G 254 -32.02 9.83 17.46
N ALA G 255 -31.81 10.99 18.09
CA ALA G 255 -30.47 11.35 18.53
C ALA G 255 -29.92 10.35 19.54
N SER G 256 -30.81 9.72 20.32
CA SER G 256 -30.38 8.72 21.27
C SER G 256 -29.91 7.44 20.57
N ILE G 257 -30.70 6.96 19.60
CA ILE G 257 -30.43 5.64 19.02
C ILE G 257 -29.75 5.69 17.65
N ALA G 258 -29.59 6.87 17.06
CA ALA G 258 -28.96 6.97 15.75
C ALA G 258 -28.62 8.43 15.50
N TRP G 259 -28.22 8.77 14.28
CA TRP G 259 -27.82 10.13 13.94
C TRP G 259 -28.36 10.46 12.55
N GLY G 260 -27.84 11.55 11.97
CA GLY G 260 -28.48 12.11 10.79
C GLY G 260 -28.51 11.17 9.61
N LEU G 261 -27.38 10.54 9.32
CA LEU G 261 -27.24 9.71 8.12
C LEU G 261 -27.49 8.24 8.39
N CYS G 262 -28.23 7.92 9.45
CA CYS G 262 -28.64 6.54 9.65
C CYS G 262 -29.92 6.25 8.87
N ASP G 263 -30.23 4.96 8.72
CA ASP G 263 -31.38 4.57 7.92
C ASP G 263 -32.67 5.12 8.53
N GLY G 264 -33.57 5.58 7.66
CA GLY G 264 -34.81 6.18 8.12
C GLY G 264 -35.74 5.23 8.83
N VAL G 265 -35.56 3.92 8.64
CA VAL G 265 -36.45 2.91 9.20
C VAL G 265 -36.52 3.06 10.71
N LEU G 266 -35.48 3.63 11.31
CA LEU G 266 -35.44 3.75 12.76
C LEU G 266 -36.58 4.60 13.29
N ALA G 267 -37.20 5.43 12.44
CA ALA G 267 -38.35 6.21 12.88
C ALA G 267 -39.49 5.32 13.37
N GLU G 268 -39.49 4.05 12.97
CA GLU G 268 -40.51 3.11 13.45
C GLU G 268 -40.43 2.89 14.94
N CYS G 269 -39.30 3.22 15.57
CA CYS G 269 -39.14 3.09 17.01
C CYS G 269 -39.83 4.20 17.79
N TRP G 270 -40.66 5.01 17.14
CA TRP G 270 -41.35 6.12 17.78
C TRP G 270 -42.83 6.07 17.43
N SER G 271 -43.65 6.61 18.33
CA SER G 271 -45.10 6.62 18.13
C SER G 271 -45.70 7.86 18.78
N PRO G 272 -46.33 8.75 18.01
CA PRO G 272 -46.95 9.93 18.63
C PRO G 272 -47.99 9.53 19.66
N SER G 273 -48.08 10.31 20.74
CA SER G 273 -49.03 10.04 21.80
C SER G 273 -50.41 10.59 21.44
N GLN G 274 -51.37 10.38 22.34
CA GLN G 274 -52.73 10.87 22.10
C GLN G 274 -52.71 12.38 21.88
N GLY G 275 -53.47 12.82 20.87
CA GLY G 275 -53.50 14.23 20.53
C GLY G 275 -52.28 14.73 19.79
N ASP G 276 -51.46 13.84 19.25
CA ASP G 276 -50.26 14.24 18.52
C ASP G 276 -49.32 15.02 19.43
N GLY G 277 -49.40 16.35 19.39
CA GLY G 277 -48.47 17.16 20.16
C GLY G 277 -47.06 17.02 19.64
N SER G 278 -46.10 17.02 20.56
CA SER G 278 -44.69 16.90 20.19
C SER G 278 -44.06 15.68 20.85
N ILE G 279 -44.48 15.39 22.07
CA ILE G 279 -43.90 14.28 22.84
C ILE G 279 -44.67 13.00 22.53
N GLY G 280 -43.94 11.98 22.11
CA GLY G 280 -44.53 10.69 21.81
C GLY G 280 -44.16 9.64 22.85
N VAL G 281 -43.85 8.43 22.40
CA VAL G 281 -43.46 7.35 23.28
C VAL G 281 -42.59 6.37 22.50
N VAL G 282 -41.67 5.72 23.20
CA VAL G 282 -40.79 4.72 22.60
C VAL G 282 -41.52 3.39 22.58
N VAL G 283 -41.67 2.81 21.39
CA VAL G 283 -42.31 1.51 21.26
C VAL G 283 -41.31 0.37 21.15
N GLY G 284 -40.05 0.67 20.85
CA GLY G 284 -39.04 -0.38 20.76
C GLY G 284 -37.68 0.23 20.58
N LEU G 285 -36.67 -0.64 20.56
CA LEU G 285 -35.29 -0.23 20.37
C LEU G 285 -34.61 -1.11 19.33
N PRO G 286 -33.67 -0.56 18.56
CA PRO G 286 -32.96 -1.37 17.58
C PRO G 286 -32.13 -2.46 18.24
N LEU G 287 -31.90 -3.54 17.49
CA LEU G 287 -31.03 -4.61 17.91
C LEU G 287 -29.74 -4.57 17.11
N GLN G 288 -28.74 -5.33 17.56
CA GLN G 288 -27.41 -5.32 16.96
C GLN G 288 -26.85 -3.90 16.91
N ALA G 289 -27.10 -3.14 17.98
CA ALA G 289 -26.63 -1.76 18.03
C ALA G 289 -25.12 -1.68 17.85
N THR G 290 -24.38 -2.66 18.35
CA THR G 290 -22.93 -2.63 18.30
C THR G 290 -22.40 -4.06 18.12
N GLY G 291 -21.15 -4.15 17.71
CA GLY G 291 -20.50 -5.44 17.55
C GLY G 291 -21.07 -6.30 16.45
N SER G 292 -21.33 -5.72 15.27
CA SER G 292 -21.85 -6.45 14.13
C SER G 292 -20.68 -6.77 13.20
N CYS G 293 -20.35 -8.05 13.08
CA CYS G 293 -19.31 -8.53 12.19
C CYS G 293 -19.90 -9.60 11.27
N PHE G 294 -19.78 -9.38 9.97
CA PHE G 294 -20.34 -10.28 8.96
C PHE G 294 -19.24 -10.94 8.14
N LEU G 295 -18.17 -11.38 8.81
CA LEU G 295 -17.03 -12.01 8.16
C LEU G 295 -17.08 -13.51 8.37
N VAL G 296 -16.70 -14.25 7.32
CA VAL G 296 -16.41 -15.68 7.41
C VAL G 296 -15.04 -15.90 6.79
N VAL G 297 -14.17 -16.58 7.51
CA VAL G 297 -12.79 -16.75 7.10
C VAL G 297 -12.61 -18.10 6.45
N ALA G 298 -11.62 -18.18 5.55
CA ALA G 298 -11.34 -19.43 4.86
C ALA G 298 -10.75 -20.44 5.82
N SER G 299 -11.32 -21.64 5.83
CA SER G 299 -10.83 -22.72 6.67
C SER G 299 -11.28 -24.04 6.10
N HIS G 300 -10.38 -25.02 6.11
CA HIS G 300 -10.71 -26.38 5.67
C HIS G 300 -11.11 -26.40 4.21
N GLY G 301 -10.55 -25.50 3.40
CA GLY G 301 -10.82 -25.46 1.99
C GLY G 301 -11.93 -24.54 1.56
N LEU G 302 -12.66 -23.94 2.51
CA LEU G 302 -13.73 -23.02 2.17
C LEU G 302 -13.17 -21.71 1.64
N SER G 303 -14.07 -20.83 1.20
CA SER G 303 -13.70 -19.56 0.61
C SER G 303 -14.08 -18.42 1.54
N ALA G 304 -13.21 -17.41 1.60
CA ALA G 304 -13.44 -16.28 2.50
C ALA G 304 -14.55 -15.39 1.97
N ILE G 305 -15.44 -14.99 2.87
CA ILE G 305 -16.53 -14.07 2.56
C ILE G 305 -16.19 -12.72 3.18
N ALA G 306 -16.04 -11.70 2.33
CA ALA G 306 -15.74 -10.37 2.84
C ALA G 306 -16.96 -9.70 3.47
N ASP G 307 -18.15 -10.17 3.17
CA ASP G 307 -19.38 -9.60 3.73
C ASP G 307 -20.49 -10.62 3.59
N SER G 308 -21.02 -11.09 4.72
CA SER G 308 -22.06 -12.11 4.68
C SER G 308 -23.32 -11.58 4.00
N ARG G 309 -23.67 -10.32 4.25
CA ARG G 309 -24.90 -9.77 3.68
C ARG G 309 -24.82 -9.72 2.16
N ILE G 310 -23.71 -9.22 1.62
CA ILE G 310 -23.57 -9.12 0.17
C ILE G 310 -23.50 -10.51 -0.46
N GLU G 311 -22.79 -11.43 0.19
CA GLU G 311 -22.62 -12.78 -0.34
C GLU G 311 -23.86 -13.65 -0.14
N GLY G 312 -24.83 -13.21 0.65
CA GLY G 312 -26.03 -13.98 0.89
C GLY G 312 -26.60 -14.59 -0.37
N THR G 313 -27.18 -15.79 -0.25
CA THR G 313 -27.71 -16.49 -1.40
C THR G 313 -28.70 -15.61 -2.15
N GLY G 314 -28.51 -15.48 -3.46
CA GLY G 314 -29.32 -14.57 -4.25
C GLY G 314 -28.85 -13.15 -4.09
N ASN G 315 -28.96 -12.34 -5.15
CA ASN G 315 -28.53 -10.95 -5.09
C ASN G 315 -29.50 -10.15 -4.24
N THR G 316 -29.22 -10.03 -2.94
CA THR G 316 -30.11 -9.34 -2.03
C THR G 316 -30.16 -7.85 -2.34
N ASN G 317 -31.27 -7.38 -2.89
CA ASN G 317 -31.45 -5.95 -3.10
C ASN G 317 -31.36 -5.22 -1.77
N LEU G 318 -30.62 -4.12 -1.74
CA LEU G 318 -30.34 -3.45 -0.48
C LEU G 318 -31.63 -3.01 0.20
N LEU G 319 -32.59 -2.50 -0.58
CA LEU G 319 -33.84 -2.03 0.00
C LEU G 319 -34.65 -3.16 0.64
N GLU G 320 -34.31 -4.41 0.37
CA GLU G 320 -34.98 -5.55 0.98
C GLU G 320 -34.48 -5.85 2.38
N GLU G 321 -33.38 -5.24 2.82
CA GLU G 321 -32.81 -5.54 4.12
C GLU G 321 -33.73 -5.05 5.24
N CYS G 322 -33.61 -5.71 6.39
CA CYS G 322 -34.45 -5.43 7.55
C CYS G 322 -33.60 -5.16 8.78
N ILE G 323 -34.17 -4.41 9.71
CA ILE G 323 -33.57 -4.18 11.02
C ILE G 323 -34.47 -4.81 12.07
N ALA G 324 -33.85 -5.41 13.08
CA ALA G 324 -34.58 -6.08 14.15
C ALA G 324 -34.88 -5.07 15.25
N ILE G 325 -36.15 -4.70 15.39
CA ILE G 325 -36.61 -3.81 16.45
C ILE G 325 -37.20 -4.66 17.56
N GLN G 326 -36.63 -4.58 18.75
CA GLN G 326 -37.15 -5.29 19.91
C GLN G 326 -38.19 -4.40 20.60
N LYS G 327 -39.40 -4.91 20.71
CA LYS G 327 -40.52 -4.21 21.34
C LYS G 327 -40.92 -4.94 22.61
N GLN G 328 -41.92 -4.38 23.30
CA GLN G 328 -42.42 -5.01 24.51
C GLN G 328 -42.98 -6.40 24.22
N ASP G 329 -43.76 -6.52 23.14
CA ASP G 329 -44.33 -7.81 22.78
C ASP G 329 -43.25 -8.76 22.26
N GLY G 330 -42.39 -8.29 21.38
CA GLY G 330 -41.36 -9.13 20.82
C GLY G 330 -40.59 -8.40 19.73
N VAL G 331 -39.68 -9.15 19.11
CA VAL G 331 -38.81 -8.60 18.07
C VAL G 331 -39.52 -8.68 16.73
N ILE G 332 -39.36 -7.65 15.92
CA ILE G 332 -39.96 -7.58 14.58
C ILE G 332 -38.91 -7.09 13.60
N LYS G 333 -38.89 -7.69 12.41
CA LYS G 333 -37.99 -7.28 11.34
C LYS G 333 -38.70 -6.25 10.49
N CYS G 334 -38.20 -5.02 10.49
CA CYS G 334 -38.78 -3.92 9.72
C CYS G 334 -37.91 -3.63 8.51
N LYS G 335 -38.54 -3.57 7.34
CA LYS G 335 -37.81 -3.32 6.11
C LYS G 335 -37.19 -1.93 6.11
N ARG G 336 -35.95 -1.85 5.65
CA ARG G 336 -35.26 -0.56 5.61
C ARG G 336 -35.98 0.38 4.64
N SER G 337 -36.05 1.67 5.03
CA SER G 337 -36.63 2.68 4.17
C SER G 337 -35.63 3.23 3.15
N GLY G 338 -34.36 2.88 3.26
CA GLY G 338 -33.38 3.28 2.27
C GLY G 338 -33.21 4.78 2.12
N LYS G 339 -33.59 5.55 3.14
CA LYS G 339 -33.46 6.99 3.09
C LYS G 339 -32.94 7.49 4.43
N SER G 340 -32.15 8.56 4.37
CA SER G 340 -31.50 9.07 5.57
C SER G 340 -32.53 9.57 6.57
N LEU G 341 -32.17 9.51 7.86
CA LEU G 341 -33.04 10.05 8.89
C LEU G 341 -33.23 11.55 8.71
N TYR G 342 -32.15 12.25 8.35
CA TYR G 342 -32.25 13.69 8.14
C TYR G 342 -33.26 14.01 7.04
N HIS G 343 -33.18 13.28 5.91
CA HIS G 343 -34.11 13.54 4.81
C HIS G 343 -35.53 13.15 5.18
N CYS G 344 -35.70 12.05 5.93
CA CYS G 344 -37.04 11.67 6.36
C CYS G 344 -37.66 12.76 7.23
N LEU G 345 -36.90 13.28 8.18
CA LEU G 345 -37.41 14.36 9.02
C LEU G 345 -37.69 15.61 8.19
N LYS G 346 -36.80 15.93 7.25
CA LYS G 346 -36.98 17.13 6.44
C LYS G 346 -38.25 17.04 5.60
N GLU G 347 -38.47 15.88 4.96
CA GLU G 347 -39.67 15.71 4.15
C GLU G 347 -40.93 15.70 5.01
N THR G 348 -40.89 15.01 6.15
CA THR G 348 -42.06 14.95 7.02
C THR G 348 -42.42 16.31 7.60
N ALA G 349 -41.47 17.23 7.67
CA ALA G 349 -41.71 18.57 8.19
C ALA G 349 -42.10 19.56 7.10
N GLY G 350 -42.15 19.14 5.85
CA GLY G 350 -42.51 20.02 4.75
C GLY G 350 -43.96 19.87 4.34
N GLU I 34 -16.97 55.05 -8.46
CA GLU I 34 -17.08 54.44 -9.78
C GLU I 34 -16.69 52.97 -9.73
N LEU I 35 -15.67 52.67 -8.92
CA LEU I 35 -15.18 51.30 -8.75
C LEU I 35 -15.00 51.01 -7.27
N PRO I 36 -15.13 49.74 -6.86
CA PRO I 36 -14.85 49.40 -5.47
C PRO I 36 -13.41 49.72 -5.09
N ARG I 37 -13.13 49.61 -3.79
CA ARG I 37 -11.79 49.92 -3.31
C ARG I 37 -10.76 48.95 -3.89
N ASN I 38 -11.09 47.67 -3.98
CA ASN I 38 -10.12 46.68 -4.42
C ASN I 38 -9.74 46.91 -5.88
N LEU I 39 -10.73 47.04 -6.76
CA LEU I 39 -10.45 47.25 -8.17
C LEU I 39 -9.74 48.58 -8.41
N GLU I 40 -10.13 49.62 -7.68
CA GLU I 40 -9.44 50.90 -7.81
C GLU I 40 -7.98 50.79 -7.39
N VAL I 41 -7.73 50.07 -6.29
CA VAL I 41 -6.35 49.89 -5.83
C VAL I 41 -5.54 49.14 -6.87
N PHE I 42 -6.12 48.07 -7.43
CA PHE I 42 -5.40 47.31 -8.45
C PHE I 42 -5.13 48.17 -9.68
N ASN I 43 -6.11 48.97 -10.11
CA ASN I 43 -5.91 49.82 -11.28
C ASN I 43 -4.81 50.83 -11.04
N GLU I 44 -4.84 51.51 -9.88
CA GLU I 44 -3.79 52.48 -9.59
C GLU I 44 -2.43 51.83 -9.52
N ALA I 45 -2.34 50.66 -8.87
CA ALA I 45 -1.06 49.99 -8.74
C ALA I 45 -0.51 49.59 -10.10
N CYS I 46 -1.35 49.00 -10.95
CA CYS I 46 -0.88 48.57 -12.26
C CYS I 46 -0.50 49.76 -13.13
N GLY I 47 -1.27 50.85 -13.06
CA GLY I 47 -0.90 52.04 -13.81
C GLY I 47 0.43 52.61 -13.36
N HIS I 48 0.65 52.68 -12.05
CA HIS I 48 1.91 53.22 -11.54
C HIS I 48 3.08 52.32 -11.92
N VAL I 49 2.90 51.00 -11.82
CA VAL I 49 4.02 50.09 -12.03
C VAL I 49 4.34 49.90 -13.51
N PHE I 50 3.32 49.97 -14.37
CA PHE I 50 3.50 49.70 -15.79
C PHE I 50 3.13 50.86 -16.69
N GLY I 51 2.55 51.93 -16.16
CA GLY I 51 2.25 53.08 -16.97
C GLY I 51 1.30 52.75 -18.10
N SER I 52 1.60 53.30 -19.28
CA SER I 52 0.75 53.10 -20.46
C SER I 52 0.98 51.75 -21.12
N SER I 53 2.06 51.05 -20.79
CA SER I 53 2.31 49.73 -21.39
C SER I 53 1.33 48.68 -20.91
N PHE I 54 0.54 48.96 -19.88
CA PHE I 54 -0.40 48.00 -19.31
C PHE I 54 -1.73 48.14 -20.05
N ASN I 55 -1.97 47.26 -21.02
CA ASN I 55 -3.23 47.26 -21.75
C ASN I 55 -4.37 46.84 -20.81
N ARG I 56 -5.50 47.51 -20.95
CA ARG I 56 -6.65 47.28 -20.09
C ARG I 56 -7.68 46.33 -20.70
N GLU I 57 -7.43 45.78 -21.88
CA GLU I 57 -8.40 44.93 -22.56
C GLU I 57 -7.83 43.58 -23.00
N ASP I 58 -6.60 43.25 -22.59
CA ASP I 58 -5.98 41.97 -22.93
C ASP I 58 -5.87 41.13 -21.67
N ASN I 59 -6.44 39.93 -21.73
CA ASN I 59 -6.47 39.06 -20.54
C ASN I 59 -5.07 38.57 -20.20
N SER I 60 -4.26 38.24 -21.20
CA SER I 60 -2.91 37.77 -20.94
C SER I 60 -2.07 38.84 -20.27
N VAL I 61 -2.16 40.08 -20.76
CA VAL I 61 -1.39 41.18 -20.19
C VAL I 61 -1.81 41.42 -18.74
N ILE I 62 -3.12 41.43 -18.50
CA ILE I 62 -3.61 41.67 -17.15
C ILE I 62 -3.18 40.55 -16.21
N SER I 63 -3.22 39.30 -16.68
CA SER I 63 -2.80 38.19 -15.86
C SER I 63 -1.31 38.30 -15.51
N ASP I 64 -0.48 38.65 -16.50
CA ASP I 64 0.94 38.82 -16.23
C ASP I 64 1.19 39.95 -15.23
N ALA I 65 0.47 41.07 -15.41
CA ALA I 65 0.63 42.19 -14.49
C ALA I 65 0.21 41.82 -13.08
N ALA I 66 -0.90 41.09 -12.94
CA ALA I 66 -1.34 40.67 -11.62
C ALA I 66 -0.35 39.71 -10.99
N ALA I 67 0.22 38.81 -11.79
CA ALA I 67 1.24 37.91 -11.26
C ALA I 67 2.46 38.69 -10.77
N PHE I 68 2.89 39.69 -11.54
CA PHE I 68 4.04 40.49 -11.10
C PHE I 68 3.72 41.26 -9.84
N LEU I 69 2.52 41.83 -9.74
CA LEU I 69 2.15 42.57 -8.54
C LEU I 69 2.09 41.66 -7.32
N PHE I 70 1.55 40.45 -7.51
CA PHE I 70 1.53 39.49 -6.41
C PHE I 70 2.94 39.12 -5.98
N LYS I 71 3.85 38.94 -6.95
CA LYS I 71 5.24 38.66 -6.61
C LYS I 71 5.85 39.81 -5.84
N MET I 72 5.58 41.05 -6.26
CA MET I 72 6.15 42.21 -5.60
C MET I 72 5.64 42.34 -4.17
N HIS I 73 4.33 42.15 -3.96
CA HIS I 73 3.75 42.32 -2.63
C HIS I 73 3.98 41.13 -1.72
N THR I 74 4.55 40.04 -2.24
CA THR I 74 4.95 38.90 -1.41
C THR I 74 6.45 38.90 -1.13
N HIS I 75 7.17 39.94 -1.54
CA HIS I 75 8.61 40.05 -1.33
C HIS I 75 9.33 38.82 -1.89
N SER I 76 8.97 38.46 -3.13
CA SER I 76 9.60 37.33 -3.82
C SER I 76 10.51 37.75 -4.95
N LEU I 77 10.60 39.04 -5.26
CA LEU I 77 11.48 39.50 -6.33
C LEU I 77 12.90 39.66 -5.82
N ASP I 78 13.82 39.89 -6.76
CA ASP I 78 15.22 40.09 -6.39
C ASP I 78 15.37 41.41 -5.64
N GLY I 79 16.20 41.38 -4.59
CA GLY I 79 16.49 42.58 -3.83
C GLY I 79 15.49 42.91 -2.74
N GLN I 80 14.53 42.04 -2.48
CA GLN I 80 13.55 42.26 -1.42
C GLN I 80 13.92 41.45 -0.18
N GLU I 81 13.23 41.74 0.92
CA GLU I 81 13.59 41.18 2.21
C GLU I 81 13.59 39.65 2.16
N ALA I 82 14.63 39.05 2.72
CA ALA I 82 14.70 37.60 2.79
C ALA I 82 13.73 37.06 3.84
N LYS I 83 13.08 35.96 3.51
CA LYS I 83 12.12 35.32 4.40
C LYS I 83 12.88 34.28 5.22
N VAL I 84 13.26 34.65 6.45
CA VAL I 84 14.14 33.83 7.28
C VAL I 84 13.58 33.57 8.67
N LEU I 85 12.37 34.06 8.98
CA LEU I 85 11.84 33.95 10.34
C LEU I 85 11.97 32.52 10.86
N ARG I 86 11.63 31.53 10.04
CA ARG I 86 11.80 30.13 10.40
C ARG I 86 12.31 29.32 9.22
N ALA I 87 13.03 29.97 8.30
CA ALA I 87 13.46 29.31 7.09
C ALA I 87 14.51 28.24 7.37
N SER I 88 14.47 27.17 6.58
CA SER I 88 15.49 26.14 6.64
C SER I 88 16.76 26.61 5.94
N GLU I 89 17.88 25.97 6.28
CA GLU I 89 19.17 26.42 5.77
C GLU I 89 19.17 26.53 4.25
N LYS I 90 18.54 25.57 3.56
CA LYS I 90 18.39 25.69 2.11
C LYS I 90 17.51 26.88 1.76
N LYS I 91 16.41 27.07 2.49
CA LYS I 91 15.57 28.24 2.26
C LYS I 91 16.32 29.52 2.58
N ARG I 92 17.12 29.51 3.65
CA ARG I 92 17.92 30.68 3.97
C ARG I 92 18.89 31.00 2.84
N GLU I 93 19.52 29.97 2.27
CA GLU I 93 20.43 30.19 1.16
C GLU I 93 19.71 30.78 -0.04
N ARG I 94 18.53 30.23 -0.37
CA ARG I 94 17.79 30.75 -1.51
C ARG I 94 17.38 32.20 -1.30
N GLU I 95 16.91 32.53 -0.10
CA GLU I 95 16.50 33.90 0.18
C GLU I 95 17.70 34.85 0.17
N ASN I 96 18.85 34.40 0.68
CA ASN I 96 20.05 35.22 0.63
C ASN I 96 20.47 35.47 -0.81
N ALA I 97 20.39 34.45 -1.66
CA ALA I 97 20.70 34.62 -3.08
C ALA I 97 19.75 35.63 -3.72
N LYS I 98 18.46 35.54 -3.39
CA LYS I 98 17.50 36.49 -3.92
C LYS I 98 17.81 37.91 -3.47
N LYS I 99 18.12 38.08 -2.19
CA LYS I 99 18.38 39.41 -1.65
C LYS I 99 19.64 40.01 -2.27
N SER I 100 20.69 39.21 -2.41
CA SER I 100 21.94 39.71 -2.97
C SER I 100 21.77 40.10 -4.44
N ARG I 101 20.89 39.42 -5.16
CA ARG I 101 20.71 39.72 -6.58
C ARG I 101 20.16 41.12 -6.77
N LYS I 102 20.57 41.75 -7.87
CA LYS I 102 20.11 43.09 -8.18
C LYS I 102 18.60 43.09 -8.44
N ALA I 103 17.93 44.15 -7.99
CA ALA I 103 16.50 44.28 -8.22
C ALA I 103 16.22 44.53 -9.70
N PRO I 104 15.01 44.20 -10.17
CA PRO I 104 14.68 44.47 -11.57
C PRO I 104 14.84 45.95 -11.90
N GLU I 105 15.37 46.22 -13.09
CA GLU I 105 15.65 47.58 -13.51
C GLU I 105 14.49 48.15 -14.32
N ALA I 106 14.44 49.48 -14.38
CA ALA I 106 13.39 50.16 -15.13
C ALA I 106 13.47 49.80 -16.60
N GLY I 107 12.30 49.69 -17.24
CA GLY I 107 12.23 49.33 -18.64
C GLY I 107 12.38 47.85 -18.91
N MET I 108 12.54 47.03 -17.88
CA MET I 108 12.67 45.59 -18.08
C MET I 108 11.41 45.03 -18.71
N ARG I 109 11.58 44.09 -19.63
CA ARG I 109 10.44 43.47 -20.31
C ARG I 109 9.83 42.40 -19.41
N VAL I 110 8.52 42.50 -19.20
CA VAL I 110 7.77 41.55 -18.39
C VAL I 110 6.73 40.89 -19.27
N GLY I 111 6.65 39.57 -19.20
CA GLY I 111 5.70 38.86 -20.04
C GLY I 111 5.98 39.14 -21.51
N ARG I 112 4.93 39.53 -22.24
CA ARG I 112 5.03 39.81 -23.66
C ARG I 112 5.01 41.30 -23.97
N SER I 113 4.01 42.03 -23.47
CA SER I 113 3.83 43.44 -23.78
C SER I 113 3.66 44.26 -22.50
N LEU I 114 4.54 44.00 -21.53
CA LEU I 114 4.59 44.80 -20.31
C LEU I 114 6.02 45.29 -20.10
N ILE I 115 6.17 46.58 -19.84
CA ILE I 115 7.46 47.20 -19.61
C ILE I 115 7.40 47.97 -18.30
N LEU I 116 8.39 47.76 -17.44
CA LEU I 116 8.43 48.41 -16.15
C LEU I 116 8.82 49.87 -16.30
N THR I 117 8.05 50.75 -15.66
CA THR I 117 8.35 52.18 -15.69
C THR I 117 9.48 52.50 -14.72
N SER I 118 10.03 53.72 -14.85
CA SER I 118 11.11 54.15 -13.98
C SER I 118 10.65 54.47 -12.57
N ARG I 119 9.34 54.59 -12.35
CA ARG I 119 8.78 54.93 -11.04
C ARG I 119 8.24 53.72 -10.29
N TRP I 120 8.48 52.51 -10.79
CA TRP I 120 7.99 51.32 -10.09
C TRP I 120 8.69 51.13 -8.75
N THR I 121 9.96 51.52 -8.66
CA THR I 121 10.67 51.40 -7.39
C THR I 121 10.00 52.22 -6.30
N GLU I 122 9.54 53.43 -6.64
CA GLU I 122 8.87 54.27 -5.66
C GLU I 122 7.61 53.60 -5.12
N TYR I 123 6.79 53.05 -6.01
CA TYR I 123 5.58 52.37 -5.57
C TYR I 123 5.92 51.15 -4.73
N CYS I 124 6.94 50.38 -5.14
CA CYS I 124 7.33 49.22 -4.36
C CYS I 124 7.76 49.61 -2.96
N ALA I 125 8.53 50.69 -2.83
CA ALA I 125 8.97 51.13 -1.51
C ALA I 125 7.80 51.65 -0.68
N THR I 126 6.85 52.35 -1.32
CA THR I 126 5.80 53.04 -0.58
C THR I 126 4.68 52.09 -0.18
N CYS I 127 4.01 51.50 -1.17
CA CYS I 127 2.74 50.80 -0.93
C CYS I 127 2.92 49.36 -0.48
N VAL I 128 4.13 48.81 -0.51
CA VAL I 128 4.37 47.43 -0.11
C VAL I 128 4.60 47.39 1.39
N PRO I 129 3.75 46.73 2.18
CA PRO I 129 4.03 46.61 3.61
C PRO I 129 5.35 45.90 3.86
N ALA I 130 6.03 46.33 4.92
CA ALA I 130 7.30 45.72 5.27
C ALA I 130 7.10 44.25 5.65
N LEU I 131 8.10 43.44 5.34
CA LEU I 131 8.01 42.01 5.59
C LEU I 131 7.72 41.74 7.06
N GLY I 132 6.78 40.83 7.31
CA GLY I 132 6.36 40.52 8.66
C GLY I 132 5.27 41.40 9.21
N SER I 133 4.85 42.43 8.48
CA SER I 133 3.80 43.31 8.97
C SER I 133 2.50 42.54 9.13
N LYS I 134 1.77 42.86 10.20
CA LYS I 134 0.49 42.24 10.48
C LYS I 134 -0.53 43.32 10.81
N MET I 135 -1.80 43.03 10.51
CA MET I 135 -2.85 44.03 10.72
C MET I 135 -2.97 44.41 12.18
N LYS I 136 -2.77 43.45 13.09
CA LYS I 136 -2.86 43.75 14.51
C LYS I 136 -1.81 44.77 14.94
N VAL I 137 -0.58 44.62 14.44
CA VAL I 137 0.48 45.55 14.81
C VAL I 137 0.15 46.95 14.32
N ILE I 138 -0.31 47.07 13.07
CA ILE I 138 -0.64 48.38 12.52
C ILE I 138 -1.80 49.00 13.28
N LYS I 139 -2.82 48.20 13.60
CA LYS I 139 -3.96 48.72 14.36
C LYS I 139 -3.51 49.21 15.73
N ALA I 140 -2.61 48.46 16.39
CA ALA I 140 -2.05 48.93 17.65
C ALA I 140 -1.31 50.25 17.47
N SER I 141 -0.56 50.38 16.37
CA SER I 141 0.08 51.65 16.05
C SER I 141 -0.94 52.75 15.87
N GLY I 142 -2.05 52.45 15.19
CA GLY I 142 -3.14 53.39 15.04
C GLY I 142 -3.00 54.38 13.90
N ASP I 143 -1.96 54.26 13.08
CA ASP I 143 -1.79 55.17 11.96
C ASP I 143 -2.85 54.88 10.90
N ALA I 144 -3.71 55.86 10.64
CA ALA I 144 -4.80 55.66 9.68
C ALA I 144 -4.25 55.38 8.29
N ALA I 145 -3.22 56.13 7.88
CA ALA I 145 -2.62 55.91 6.57
C ALA I 145 -2.05 54.50 6.46
N MET I 146 -1.37 54.04 7.51
CA MET I 146 -0.81 52.69 7.50
C MET I 146 -1.91 51.64 7.43
N ILE I 147 -3.00 51.83 8.18
CA ILE I 147 -4.11 50.89 8.13
C ILE I 147 -4.71 50.84 6.74
N GLN I 148 -4.89 52.00 6.12
CA GLN I 148 -5.42 52.04 4.76
C GLN I 148 -4.48 51.34 3.78
N MET I 149 -3.18 51.55 3.93
CA MET I 149 -2.22 50.87 3.07
C MET I 149 -2.30 49.36 3.23
N MET I 150 -2.41 48.89 4.48
CA MET I 150 -2.50 47.45 4.71
C MET I 150 -3.78 46.88 4.10
N LYS I 151 -4.90 47.59 4.26
CA LYS I 151 -6.14 47.12 3.65
C LYS I 151 -6.03 47.07 2.13
N ASP I 152 -5.42 48.10 1.55
CA ASP I 152 -5.23 48.11 0.10
C ASP I 152 -4.35 46.96 -0.34
N HIS I 153 -3.30 46.65 0.43
CA HIS I 153 -2.44 45.53 0.10
C HIS I 153 -3.20 44.21 0.15
N ASN I 154 -4.05 44.03 1.16
CA ASN I 154 -4.83 42.80 1.24
C ASN I 154 -5.79 42.68 0.06
N SER I 155 -6.44 43.78 -0.29
CA SER I 155 -7.35 43.76 -1.44
C SER I 155 -6.58 43.43 -2.73
N LEU I 156 -5.38 44.01 -2.87
CA LEU I 156 -4.57 43.72 -4.05
C LEU I 156 -4.19 42.25 -4.11
N LEU I 157 -3.83 41.67 -2.97
CA LEU I 157 -3.52 40.24 -2.94
C LEU I 157 -4.73 39.42 -3.38
N ARG I 158 -5.91 39.75 -2.87
CA ARG I 158 -7.11 38.99 -3.22
C ARG I 158 -7.39 39.08 -4.71
N VAL I 159 -7.32 40.29 -5.27
CA VAL I 159 -7.60 40.47 -6.70
C VAL I 159 -6.56 39.73 -7.54
N CYS I 160 -5.29 39.85 -7.18
CA CYS I 160 -4.23 39.21 -7.95
C CYS I 160 -4.39 37.70 -7.92
N VAL I 161 -4.76 37.14 -6.78
CA VAL I 161 -4.90 35.69 -6.69
C VAL I 161 -6.13 35.23 -7.46
N ARG I 162 -7.21 36.01 -7.45
CA ARG I 162 -8.35 35.64 -8.28
C ARG I 162 -7.96 35.60 -9.76
N ILE I 163 -7.23 36.62 -10.22
CA ILE I 163 -6.80 36.63 -11.61
C ILE I 163 -5.87 35.45 -11.88
N GLU I 164 -5.00 35.11 -10.92
CA GLU I 164 -4.09 34.00 -11.11
C GLU I 164 -4.85 32.68 -11.25
N VAL I 165 -5.89 32.49 -10.44
CA VAL I 165 -6.69 31.27 -10.54
C VAL I 165 -7.39 31.20 -11.90
N TRP I 166 -7.95 32.33 -12.35
CA TRP I 166 -8.59 32.31 -13.66
C TRP I 166 -7.59 31.98 -14.75
N LYS I 167 -6.37 32.53 -14.67
CA LYS I 167 -5.37 32.23 -15.68
C LYS I 167 -4.95 30.77 -15.62
N ALA I 168 -4.88 30.19 -14.43
CA ALA I 168 -4.58 28.76 -14.32
C ALA I 168 -5.66 27.93 -15.03
N ARG I 169 -6.92 28.29 -14.81
CA ARG I 169 -8.00 27.59 -15.52
C ARG I 169 -7.86 27.75 -17.03
N TYR I 170 -7.56 28.96 -17.49
CA TYR I 170 -7.43 29.21 -18.91
C TYR I 170 -6.28 28.40 -19.51
N VAL I 171 -5.19 28.25 -18.77
CA VAL I 171 -4.07 27.46 -19.26
C VAL I 171 -4.43 25.98 -19.31
N SER I 172 -5.13 25.49 -18.29
CA SER I 172 -5.42 24.06 -18.22
C SER I 172 -6.40 23.59 -19.30
N LEU I 173 -7.05 24.51 -20.01
CA LEU I 173 -8.01 24.09 -21.03
C LEU I 173 -7.32 23.42 -22.22
N VAL I 174 -6.06 23.75 -22.48
CA VAL I 174 -5.36 23.25 -23.65
C VAL I 174 -3.98 22.68 -23.34
N ALA I 175 -3.57 22.69 -22.07
CA ALA I 175 -2.25 22.17 -21.70
C ALA I 175 -2.38 21.55 -20.31
N LEU I 176 -2.58 20.24 -20.27
CA LEU I 176 -2.76 19.55 -19.01
C LEU I 176 -1.51 19.70 -18.13
N ASP I 177 -1.75 19.82 -16.82
CA ASP I 177 -0.65 19.85 -15.87
C ASP I 177 -0.12 18.44 -15.67
N GLU I 178 1.19 18.27 -15.84
CA GLU I 178 1.78 16.94 -15.75
C GLU I 178 1.62 16.35 -14.36
N ARG I 179 1.31 17.17 -13.36
CA ARG I 179 1.10 16.68 -12.00
C ARG I 179 -0.28 16.07 -11.80
N ILE I 180 -1.18 16.21 -12.77
CA ILE I 180 -2.53 15.66 -12.68
C ILE I 180 -2.59 14.40 -13.52
N GLN I 181 -2.80 13.26 -12.86
CA GLN I 181 -2.95 11.98 -13.55
C GLN I 181 -4.15 11.17 -13.08
N THR I 182 -4.69 11.43 -11.90
CA THR I 182 -5.83 10.70 -11.37
C THR I 182 -6.84 11.69 -10.81
N LEU I 183 -8.05 11.19 -10.53
CA LEU I 183 -9.10 12.06 -10.01
C LEU I 183 -8.71 12.67 -8.68
N GLU I 184 -7.96 11.94 -7.85
CA GLU I 184 -7.54 12.49 -6.56
C GLU I 184 -6.68 13.73 -6.77
N ASP I 185 -5.70 13.65 -7.67
CA ASP I 185 -4.87 14.82 -7.96
C ASP I 185 -5.70 15.92 -8.62
N ALA I 186 -6.56 15.56 -9.56
CA ALA I 186 -7.40 16.54 -10.24
C ALA I 186 -8.40 17.21 -9.29
N GLN I 187 -8.60 16.65 -8.10
CA GLN I 187 -9.52 17.25 -7.15
C GLN I 187 -8.97 18.55 -6.55
N TRP I 188 -7.66 18.78 -6.62
CA TRP I 188 -7.03 19.90 -5.95
C TRP I 188 -6.57 21.00 -6.91
N PHE I 189 -7.01 20.95 -8.16
CA PHE I 189 -6.71 22.04 -9.08
C PHE I 189 -7.43 23.30 -8.62
N PRO I 190 -6.80 24.49 -8.76
CA PRO I 190 -5.46 24.78 -9.28
C PRO I 190 -4.35 24.51 -8.27
N TYR I 191 -3.14 24.27 -8.76
CA TYR I 191 -1.97 24.04 -7.93
C TYR I 191 -1.20 25.35 -7.85
N LEU I 192 -1.45 26.12 -6.79
CA LEU I 192 -0.81 27.41 -6.57
C LEU I 192 -0.02 27.39 -5.27
N SER I 193 0.75 28.45 -5.06
CA SER I 193 1.65 28.54 -3.91
C SER I 193 0.86 28.86 -2.63
N GLY I 194 1.59 28.86 -1.51
CA GLY I 194 0.95 29.12 -0.23
C GLY I 194 0.35 30.50 -0.14
N ASP I 195 1.02 31.50 -0.72
CA ASP I 195 0.50 32.85 -0.69
C ASP I 195 -0.86 32.92 -1.39
N SER I 196 -0.99 32.26 -2.53
CA SER I 196 -2.26 32.26 -3.25
C SER I 196 -3.35 31.62 -2.41
N TYR I 197 -3.05 30.49 -1.77
CA TYR I 197 -4.05 29.83 -0.94
C TYR I 197 -4.47 30.73 0.22
N ARG I 198 -3.51 31.39 0.86
N ARG I 198 -3.50 31.38 0.86
CA ARG I 198 -3.84 32.25 1.99
CA ARG I 198 -3.84 32.25 1.99
C ARG I 198 -4.71 33.42 1.56
C ARG I 198 -4.71 33.41 1.55
N ALA I 199 -4.38 34.05 0.44
CA ALA I 199 -5.13 35.23 0.00
C ALA I 199 -6.58 34.88 -0.33
N CYS I 200 -6.80 33.77 -1.03
CA CYS I 200 -8.13 33.35 -1.46
C CYS I 200 -8.28 31.85 -1.19
N PRO I 201 -8.52 31.46 0.05
CA PRO I 201 -8.68 30.03 0.34
C PRO I 201 -9.87 29.39 -0.35
N GLY I 202 -10.88 30.17 -0.73
CA GLY I 202 -12.08 29.63 -1.33
C GLY I 202 -11.99 29.32 -2.80
N LEU I 203 -10.84 29.59 -3.42
CA LEU I 203 -10.64 29.33 -4.84
C LEU I 203 -9.39 28.51 -5.14
N VAL I 204 -8.38 28.57 -4.28
CA VAL I 204 -7.06 28.01 -4.56
C VAL I 204 -6.96 26.65 -3.89
N GLY I 205 -6.45 25.67 -4.63
CA GLY I 205 -6.23 24.33 -4.12
C GLY I 205 -4.76 24.08 -3.87
N GLY I 206 -4.31 22.89 -4.25
CA GLY I 206 -2.91 22.55 -4.14
C GLY I 206 -2.56 21.91 -2.81
N TYR I 207 -1.25 21.92 -2.52
CA TYR I 207 -0.75 21.26 -1.32
C TYR I 207 -1.31 21.91 -0.07
N PHE I 208 -1.40 23.24 -0.04
CA PHE I 208 -1.86 23.92 1.17
C PHE I 208 -3.34 23.68 1.42
N ALA I 209 -4.16 23.70 0.37
CA ALA I 209 -5.58 23.36 0.54
C ALA I 209 -5.74 21.91 0.96
N LYS I 210 -4.92 21.01 0.40
CA LYS I 210 -4.95 19.61 0.84
C LYS I 210 -4.63 19.51 2.33
N LYS I 211 -3.61 20.23 2.78
CA LYS I 211 -3.25 20.22 4.19
C LYS I 211 -4.38 20.77 5.06
N ALA I 212 -5.02 21.85 4.61
CA ALA I 212 -6.13 22.41 5.37
C ALA I 212 -7.28 21.41 5.48
N ALA I 213 -7.57 20.69 4.39
CA ALA I 213 -8.61 19.68 4.43
C ALA I 213 -8.24 18.53 5.36
N ALA I 214 -6.98 18.09 5.32
CA ALA I 214 -6.56 16.97 6.14
C ALA I 214 -6.66 17.27 7.63
N GLY I 215 -6.32 18.50 8.01
CA GLY I 215 -6.31 18.88 9.41
C GLY I 215 -7.69 19.23 9.93
N GLU I 216 -7.71 20.00 11.01
CA GLU I 216 -8.96 20.42 11.62
C GLU I 216 -9.75 21.32 10.70
N ARG I 217 -11.07 21.30 10.87
CA ARG I 217 -11.98 22.16 10.12
C ARG I 217 -12.63 23.11 11.12
N GLY I 218 -12.03 24.28 11.30
CA GLY I 218 -12.58 25.29 12.17
C GLY I 218 -13.73 26.05 11.52
N LYS I 219 -14.32 26.94 12.30
CA LYS I 219 -15.43 27.74 11.81
C LYS I 219 -15.03 28.64 10.64
N ASN I 220 -13.74 28.97 10.52
CA ASN I 220 -13.24 29.81 9.45
C ASN I 220 -12.76 29.00 8.25
N TYR I 221 -12.84 27.67 8.29
CA TYR I 221 -12.43 26.85 7.17
C TYR I 221 -13.35 27.08 5.98
N LYS I 222 -12.78 27.05 4.78
CA LYS I 222 -13.51 27.24 3.54
C LYS I 222 -13.13 26.12 2.57
N LYS I 223 -14.14 25.47 2.00
CA LYS I 223 -13.90 24.41 1.04
C LYS I 223 -13.53 24.98 -0.31
N LEU I 224 -12.83 24.17 -1.11
CA LEU I 224 -12.31 24.60 -2.40
C LEU I 224 -13.43 24.55 -3.43
N ASN I 225 -14.04 25.70 -3.70
CA ASN I 225 -15.08 25.81 -4.73
C ASN I 225 -14.38 25.78 -6.09
N GLN I 226 -14.08 24.56 -6.54
CA GLN I 226 -13.22 24.40 -7.71
C GLN I 226 -13.77 25.11 -8.94
N THR I 227 -15.09 25.07 -9.13
CA THR I 227 -15.73 25.66 -10.30
C THR I 227 -16.51 26.91 -9.94
N ALA I 228 -15.95 27.72 -9.04
CA ALA I 228 -16.57 28.99 -8.69
C ALA I 228 -16.40 29.98 -9.82
N ILE I 229 -17.50 30.63 -10.21
CA ILE I 229 -17.47 31.54 -11.36
C ILE I 229 -16.53 32.70 -11.06
N ILE I 230 -15.66 33.01 -12.02
CA ILE I 230 -14.72 34.10 -11.91
C ILE I 230 -14.77 34.89 -13.21
N PRO I 231 -15.07 36.19 -13.19
CA PRO I 231 -15.06 36.95 -14.44
C PRO I 231 -13.67 37.01 -15.02
N PRO I 232 -13.54 37.19 -16.33
CA PRO I 232 -12.22 37.35 -16.92
C PRO I 232 -11.52 38.57 -16.35
N PRO I 233 -10.19 38.58 -16.34
CA PRO I 233 -9.49 39.76 -15.81
C PRO I 233 -9.90 41.07 -16.48
N ARG I 234 -10.14 41.05 -17.79
CA ARG I 234 -10.63 42.25 -18.46
C ARG I 234 -12.00 42.66 -17.97
N PHE I 235 -12.71 41.76 -17.28
CA PHE I 235 -13.96 42.07 -16.62
C PHE I 235 -13.77 42.31 -15.12
N LEU I 236 -12.88 41.54 -14.48
CA LEU I 236 -12.73 41.64 -13.03
C LEU I 236 -12.22 43.01 -12.60
N ILE I 237 -11.25 43.56 -13.34
CA ILE I 237 -10.69 44.85 -12.96
C ILE I 237 -11.74 45.95 -13.14
N ILE I 238 -12.56 45.86 -14.19
CA ILE I 238 -13.62 46.82 -14.41
C ILE I 238 -14.80 46.62 -13.47
N GLY I 239 -14.87 45.48 -12.80
CA GLY I 239 -16.00 45.18 -11.94
C GLY I 239 -17.22 44.67 -12.66
N HIS I 240 -17.13 44.41 -13.96
CA HIS I 240 -18.26 43.93 -14.74
C HIS I 240 -18.46 42.45 -14.42
N ARG I 241 -19.48 42.15 -13.62
CA ARG I 241 -19.77 40.77 -13.26
C ARG I 241 -20.17 39.99 -14.51
N LEU I 242 -19.60 38.80 -14.65
CA LEU I 242 -19.94 37.95 -15.79
C LEU I 242 -21.41 37.58 -15.75
N GLN I 243 -22.08 37.67 -16.90
CA GLN I 243 -23.49 37.37 -16.99
C GLN I 243 -23.83 37.02 -18.44
N ILE I 244 -25.11 36.76 -18.69
CA ILE I 244 -25.57 36.40 -20.02
C ILE I 244 -25.50 37.62 -20.93
N GLY I 245 -25.18 37.40 -22.20
CA GLY I 245 -25.10 38.46 -23.18
C GLY I 245 -23.73 39.07 -23.36
N ASP I 246 -22.80 38.79 -22.47
CA ASP I 246 -21.45 39.33 -22.60
C ASP I 246 -20.74 38.70 -23.79
N GLN I 247 -19.99 39.52 -24.53
CA GLN I 247 -19.23 39.07 -25.68
C GLN I 247 -17.89 38.53 -25.19
N VAL I 248 -17.80 37.21 -25.05
CA VAL I 248 -16.60 36.56 -24.53
C VAL I 248 -16.24 35.38 -25.43
N THR I 249 -14.94 35.10 -25.51
CA THR I 249 -14.48 33.96 -26.27
C THR I 249 -14.85 32.66 -25.56
N LEU I 250 -14.93 31.58 -26.35
CA LEU I 250 -15.29 30.28 -25.78
C LEU I 250 -14.28 29.86 -24.72
N ARG I 251 -12.99 29.96 -25.03
CA ARG I 251 -11.97 29.50 -24.10
C ARG I 251 -12.02 30.29 -22.80
N GLU I 252 -12.17 31.61 -22.89
CA GLU I 252 -12.18 32.42 -21.66
C GLU I 252 -13.44 32.18 -20.85
N LEU I 253 -14.58 31.98 -21.51
CA LEU I 253 -15.80 31.65 -20.79
C LEU I 253 -15.66 30.31 -20.06
N LEU I 254 -15.11 29.30 -20.75
CA LEU I 254 -14.92 28.01 -20.12
C LEU I 254 -13.95 28.11 -18.94
N ALA I 255 -12.89 28.90 -19.09
CA ALA I 255 -11.97 29.12 -17.98
C ALA I 255 -12.66 29.83 -16.83
N SER I 256 -13.63 30.70 -17.13
CA SER I 256 -14.37 31.38 -16.08
C SER I 256 -15.23 30.40 -15.29
N ILE I 257 -16.02 29.57 -16.00
CA ILE I 257 -17.01 28.74 -15.30
C ILE I 257 -16.51 27.34 -14.99
N ALA I 258 -15.40 26.90 -15.58
CA ALA I 258 -14.90 25.55 -15.35
C ALA I 258 -13.44 25.51 -15.75
N TRP I 259 -12.88 24.31 -15.84
CA TRP I 259 -11.48 24.14 -16.20
C TRP I 259 -11.35 22.94 -17.13
N GLY I 260 -10.12 22.48 -17.33
CA GLY I 260 -9.85 21.51 -18.39
C GLY I 260 -10.61 20.22 -18.23
N LEU I 261 -10.61 19.65 -17.02
CA LEU I 261 -11.15 18.32 -16.80
C LEU I 261 -12.61 18.32 -16.40
N CYS I 262 -13.28 19.48 -16.43
CA CYS I 262 -14.73 19.48 -16.28
C CYS I 262 -15.38 18.89 -17.51
N ASP I 263 -16.61 18.41 -17.34
CA ASP I 263 -17.30 17.75 -18.43
C ASP I 263 -17.54 18.73 -19.58
N GLY I 264 -17.49 18.19 -20.81
CA GLY I 264 -17.59 19.03 -22.00
C GLY I 264 -18.93 19.69 -22.18
N VAL I 265 -19.97 19.22 -21.48
CA VAL I 265 -21.31 19.75 -21.71
C VAL I 265 -21.36 21.24 -21.43
N LEU I 266 -20.46 21.75 -20.60
CA LEU I 266 -20.46 23.18 -20.28
C LEU I 266 -20.27 24.03 -21.53
N ALA I 267 -19.73 23.47 -22.60
CA ALA I 267 -19.59 24.23 -23.84
C ALA I 267 -20.92 24.71 -24.36
N GLU I 268 -22.02 24.08 -23.94
CA GLU I 268 -23.35 24.53 -24.36
C GLU I 268 -23.66 25.93 -23.86
N CYS I 269 -22.91 26.43 -22.87
CA CYS I 269 -23.13 27.78 -22.38
C CYS I 269 -22.70 28.86 -23.37
N TRP I 270 -22.02 28.47 -24.46
CA TRP I 270 -21.51 29.41 -25.44
C TRP I 270 -22.21 29.20 -26.78
N SER I 271 -22.22 30.27 -27.58
CA SER I 271 -22.85 30.24 -28.89
C SER I 271 -22.17 31.24 -29.82
N PRO I 272 -21.64 30.81 -30.98
CA PRO I 272 -20.97 31.76 -31.86
C PRO I 272 -21.90 32.88 -32.30
N SER I 273 -21.32 34.08 -32.45
CA SER I 273 -22.07 35.24 -32.89
C SER I 273 -22.18 35.25 -34.42
N GLN I 274 -22.79 36.30 -34.95
CA GLN I 274 -22.95 36.43 -36.39
C GLN I 274 -21.60 36.41 -37.09
N GLY I 275 -21.49 35.62 -38.15
CA GLY I 275 -20.25 35.49 -38.88
C GLY I 275 -19.20 34.65 -38.21
N ASP I 276 -19.55 33.91 -37.15
CA ASP I 276 -18.60 33.09 -36.43
C ASP I 276 -17.45 33.96 -35.91
N GLY I 277 -16.35 34.03 -36.66
CA GLY I 277 -15.21 34.80 -36.19
C GLY I 277 -14.59 34.16 -34.97
N SER I 278 -14.35 34.96 -33.95
CA SER I 278 -13.71 34.49 -32.72
C SER I 278 -14.53 34.80 -31.47
N ILE I 279 -15.20 35.94 -31.42
CA ILE I 279 -15.93 36.37 -30.24
C ILE I 279 -17.41 36.04 -30.42
N GLY I 280 -17.97 35.32 -29.46
CA GLY I 280 -19.39 35.00 -29.48
C GLY I 280 -20.14 35.66 -28.34
N VAL I 281 -21.07 34.95 -27.73
CA VAL I 281 -21.86 35.48 -26.63
C VAL I 281 -22.18 34.34 -25.66
N VAL I 282 -22.45 34.69 -24.42
CA VAL I 282 -22.86 33.74 -23.39
C VAL I 282 -24.36 33.56 -23.47
N VAL I 283 -24.81 32.32 -23.57
CA VAL I 283 -26.24 32.03 -23.61
C VAL I 283 -26.78 31.61 -22.25
N GLY I 284 -25.94 31.11 -21.36
CA GLY I 284 -26.40 30.70 -20.04
C GLY I 284 -25.21 30.43 -19.14
N LEU I 285 -25.53 30.20 -17.87
CA LEU I 285 -24.50 29.91 -16.88
C LEU I 285 -24.88 28.68 -16.06
N PRO I 286 -23.90 27.88 -15.64
CA PRO I 286 -24.23 26.71 -14.82
C PRO I 286 -24.85 27.09 -13.49
N LEU I 287 -25.69 26.19 -12.98
CA LEU I 287 -26.27 26.33 -11.65
C LEU I 287 -25.48 25.43 -10.69
N GLN I 288 -24.75 26.04 -9.77
CA GLN I 288 -23.94 25.29 -8.83
C GLN I 288 -24.83 24.39 -7.98
N ALA I 289 -24.67 23.07 -8.13
CA ALA I 289 -25.54 22.10 -7.47
C ALA I 289 -24.88 21.65 -6.17
N THR I 290 -25.03 22.46 -5.13
CA THR I 290 -24.54 22.13 -3.80
C THR I 290 -25.66 21.45 -2.99
N GLY I 291 -26.16 20.35 -3.53
CA GLY I 291 -27.27 19.65 -2.92
C GLY I 291 -26.85 18.90 -1.67
N SER I 292 -27.85 18.62 -0.83
CA SER I 292 -27.62 17.89 0.40
C SER I 292 -27.25 16.45 0.11
N CYS I 293 -26.47 15.86 1.01
CA CYS I 293 -26.04 14.47 0.85
C CYS I 293 -27.24 13.53 1.01
N PHE I 294 -27.26 12.48 0.20
CA PHE I 294 -28.29 11.45 0.26
C PHE I 294 -27.73 10.13 0.79
N LEU I 295 -26.66 10.19 1.58
CA LEU I 295 -26.04 8.98 2.10
C LEU I 295 -26.93 8.33 3.14
N VAL I 296 -26.74 7.02 3.31
CA VAL I 296 -27.35 6.29 4.42
C VAL I 296 -26.31 5.30 4.94
N VAL I 297 -25.65 5.65 6.05
CA VAL I 297 -24.57 4.83 6.55
C VAL I 297 -25.10 3.50 7.07
N ALA I 298 -24.23 2.49 7.09
CA ALA I 298 -24.60 1.20 7.62
C ALA I 298 -24.90 1.32 9.12
N SER I 299 -25.93 0.61 9.57
CA SER I 299 -26.33 0.69 10.97
C SER I 299 -27.23 -0.49 11.30
N HIS I 300 -26.98 -1.10 12.45
CA HIS I 300 -27.82 -2.17 12.96
C HIS I 300 -27.89 -3.35 11.98
N GLY I 301 -26.82 -3.60 11.25
CA GLY I 301 -26.76 -4.70 10.32
C GLY I 301 -27.20 -4.36 8.90
N LEU I 302 -27.66 -3.14 8.66
CA LEU I 302 -27.99 -2.74 7.30
C LEU I 302 -26.72 -2.50 6.49
N SER I 303 -26.91 -2.19 5.21
CA SER I 303 -25.82 -1.97 4.29
C SER I 303 -25.74 -0.50 3.90
N ALA I 304 -24.53 0.02 3.84
CA ALA I 304 -24.33 1.42 3.48
C ALA I 304 -24.81 1.68 2.07
N ILE I 305 -25.44 2.84 1.86
CA ILE I 305 -25.92 3.26 0.56
C ILE I 305 -25.15 4.52 0.17
N ALA I 306 -24.47 4.46 -0.98
CA ALA I 306 -23.72 5.63 -1.44
C ALA I 306 -24.64 6.73 -1.96
N ASP I 307 -25.86 6.39 -2.35
CA ASP I 307 -26.81 7.39 -2.83
C ASP I 307 -28.21 6.78 -2.77
N SER I 308 -29.12 7.44 -2.06
CA SER I 308 -30.47 6.89 -1.91
C SER I 308 -31.28 7.03 -3.18
N ARG I 309 -30.97 8.04 -4.01
CA ARG I 309 -31.73 8.24 -5.25
C ARG I 309 -31.43 7.15 -6.27
N ILE I 310 -30.15 6.84 -6.47
CA ILE I 310 -29.76 5.84 -7.46
C ILE I 310 -30.15 4.44 -7.03
N GLU I 311 -30.37 4.22 -5.74
CA GLU I 311 -30.61 2.86 -5.24
C GLU I 311 -31.88 2.27 -5.85
N GLY I 312 -32.94 3.07 -5.95
CA GLY I 312 -34.22 2.56 -6.40
C GLY I 312 -34.18 1.94 -7.78
N THR I 313 -33.99 2.78 -8.80
CA THR I 313 -33.96 2.28 -10.18
C THR I 313 -32.64 1.59 -10.51
N GLY I 314 -31.54 2.06 -9.94
CA GLY I 314 -30.24 1.48 -10.24
C GLY I 314 -29.79 1.71 -11.67
N ASN I 315 -30.02 2.90 -12.21
CA ASN I 315 -29.59 3.25 -13.57
C ASN I 315 -28.11 3.58 -13.53
N THR I 316 -27.28 2.56 -13.71
CA THR I 316 -25.83 2.70 -13.63
C THR I 316 -25.25 3.09 -14.99
N ASN I 317 -25.71 4.24 -15.49
CA ASN I 317 -25.23 4.82 -16.74
C ASN I 317 -24.86 6.26 -16.46
N LEU I 318 -23.57 6.54 -16.38
CA LEU I 318 -23.11 7.88 -16.02
C LEU I 318 -23.32 8.91 -17.12
N LEU I 319 -23.69 8.48 -18.31
CA LEU I 319 -23.91 9.41 -19.42
C LEU I 319 -25.30 10.02 -19.41
N GLU I 320 -26.16 9.65 -18.47
CA GLU I 320 -27.52 10.17 -18.40
C GLU I 320 -27.63 11.42 -17.54
N GLU I 321 -26.60 11.76 -16.78
CA GLU I 321 -26.68 12.92 -15.89
C GLU I 321 -26.81 14.21 -16.70
N CYS I 322 -27.45 15.21 -16.09
CA CYS I 322 -27.68 16.49 -16.72
C CYS I 322 -27.21 17.60 -15.80
N ILE I 323 -26.88 18.74 -16.41
CA ILE I 323 -26.50 19.95 -15.70
C ILE I 323 -27.57 21.00 -15.95
N ALA I 324 -27.92 21.74 -14.88
CA ALA I 324 -28.95 22.77 -14.97
C ALA I 324 -28.28 24.08 -15.36
N ILE I 325 -28.47 24.50 -16.62
CA ILE I 325 -27.96 25.76 -17.10
C ILE I 325 -29.08 26.78 -17.03
N GLN I 326 -28.85 27.89 -16.33
CA GLN I 326 -29.80 28.99 -16.28
C GLN I 326 -29.55 29.89 -17.48
N LYS I 327 -30.59 30.10 -18.29
CA LYS I 327 -30.55 30.96 -19.45
C LYS I 327 -31.49 32.14 -19.25
N GLN I 328 -31.52 33.04 -20.22
CA GLN I 328 -32.40 34.19 -20.13
C GLN I 328 -33.86 33.77 -20.08
N ASP I 329 -34.25 32.81 -20.94
CA ASP I 329 -35.64 32.33 -20.92
C ASP I 329 -35.91 31.52 -19.66
N GLY I 330 -35.00 30.66 -19.27
CA GLY I 330 -35.20 29.84 -18.09
C GLY I 330 -34.13 28.78 -17.96
N VAL I 331 -34.27 27.97 -16.93
CA VAL I 331 -33.33 26.90 -16.63
C VAL I 331 -33.65 25.70 -17.51
N ILE I 332 -32.61 25.07 -18.05
CA ILE I 332 -32.75 23.88 -18.89
C ILE I 332 -31.72 22.86 -18.46
N LYS I 333 -32.14 21.59 -18.47
CA LYS I 333 -31.25 20.47 -18.13
C LYS I 333 -30.59 19.97 -19.40
N CYS I 334 -29.27 20.04 -19.47
CA CYS I 334 -28.49 19.62 -20.63
C CYS I 334 -27.77 18.33 -20.31
N LYS I 335 -27.89 17.35 -21.21
CA LYS I 335 -27.25 16.06 -21.00
C LYS I 335 -25.74 16.17 -21.08
N ARG I 336 -25.05 15.48 -20.18
CA ARG I 336 -23.60 15.53 -20.15
C ARG I 336 -23.00 14.87 -21.38
N SER I 337 -21.93 15.46 -21.92
CA SER I 337 -21.26 14.92 -23.07
C SER I 337 -20.41 13.69 -22.75
N GLY I 338 -20.01 13.54 -21.48
CA GLY I 338 -19.21 12.39 -21.09
C GLY I 338 -17.75 12.46 -21.49
N LYS I 339 -17.29 13.61 -21.97
CA LYS I 339 -15.89 13.79 -22.37
C LYS I 339 -15.33 15.05 -21.73
N SER I 340 -14.03 15.02 -21.45
CA SER I 340 -13.39 16.15 -20.80
C SER I 340 -13.47 17.38 -21.69
N LEU I 341 -13.59 18.55 -21.05
CA LEU I 341 -13.60 19.80 -21.80
C LEU I 341 -12.31 19.95 -22.61
N TYR I 342 -11.19 19.51 -22.05
CA TYR I 342 -9.93 19.58 -22.78
C TYR I 342 -9.98 18.75 -24.05
N HIS I 343 -10.54 17.53 -23.97
CA HIS I 343 -10.63 16.68 -25.15
C HIS I 343 -11.57 17.27 -26.19
N CYS I 344 -12.71 17.82 -25.75
CA CYS I 344 -13.64 18.43 -26.69
C CYS I 344 -12.98 19.61 -27.40
N LEU I 345 -12.27 20.46 -26.65
CA LEU I 345 -11.58 21.58 -27.28
C LEU I 345 -10.50 21.10 -28.26
N LYS I 346 -9.77 20.05 -27.88
CA LYS I 346 -8.74 19.53 -28.77
C LYS I 346 -9.34 18.99 -30.06
N GLU I 347 -10.47 18.26 -29.95
CA GLU I 347 -11.09 17.71 -31.15
C GLU I 347 -11.66 18.82 -32.03
N THR I 348 -12.28 19.83 -31.42
CA THR I 348 -12.87 20.91 -32.20
C THR I 348 -11.81 21.81 -32.84
N ALA I 349 -10.56 21.73 -32.38
CA ALA I 349 -9.49 22.53 -32.95
C ALA I 349 -8.65 21.71 -33.91
#